data_4C9S
#
_entry.id   4C9S
#
_cell.length_a   171.246
_cell.length_b   192.290
_cell.length_c   204.635
_cell.angle_alpha   90.00
_cell.angle_beta   90.00
_cell.angle_gamma   90.00
#
_symmetry.space_group_name_H-M   'I 21 21 21'
#
loop_
_entity.id
_entity.type
_entity.pdbx_description
1 polymer 'CHALCONE ISOMERASE'
2 non-polymer GLYCEROL
3 non-polymer 'CHLORIDE ION'
4 non-polymer 'SULFATE ION'
5 water water
#
_entity_poly.entity_id   1
_entity_poly.type   'polypeptide(L)'
_entity_poly.pdbx_seq_one_letter_code
;ADFKFEPMRSLIYVDCVSEDYRPKLQRWIYKVHIPDSISQFEPYVTKYAFYPSFPIPPQGDRFGYARMQLTEHHWLVSDL
DPRLEIKAIAETFPMDVLVWQGQIPAAAHTDAQIDSDGDAGNAARKSNNAEGNPFIFAFLPMWWEKDLKGKGRTIEDGAN
YRFNMTIGFPEGVDKAEGEKWLFEKVVPILQAAPECTRVLASAVKKDINGCVMDWVLEIWFENQSGWYKVMVDDMKALEK
PSWAQQDAFPFLKPYHNVCSAAVADYTPSNNLANYRGYITMR
;
_entity_poly.pdbx_strand_id   A,B,C,D,E,F
#
loop_
_chem_comp.id
_chem_comp.type
_chem_comp.name
_chem_comp.formula
CL non-polymer 'CHLORIDE ION' 'Cl -1'
GOL non-polymer GLYCEROL 'C3 H8 O3'
SO4 non-polymer 'SULFATE ION' 'O4 S -2'
#
# COMPACT_ATOMS: atom_id res chain seq x y z
N ALA A 1 -34.03 -1.54 12.00
CA ALA A 1 -34.58 -2.37 10.89
C ALA A 1 -33.40 -2.85 10.04
N ASP A 2 -33.62 -3.92 9.30
CA ASP A 2 -32.61 -4.51 8.44
C ASP A 2 -32.24 -3.57 7.28
N PHE A 3 -31.03 -3.76 6.78
CA PHE A 3 -30.56 -3.20 5.53
C PHE A 3 -30.42 -4.32 4.54
N LYS A 4 -30.93 -4.08 3.35
CA LYS A 4 -30.92 -5.05 2.28
C LYS A 4 -29.55 -5.13 1.56
N PHE A 5 -29.09 -6.36 1.34
CA PHE A 5 -27.89 -6.59 0.56
C PHE A 5 -28.27 -6.27 -0.88
N GLU A 6 -27.67 -5.22 -1.43
CA GLU A 6 -28.04 -4.76 -2.78
C GLU A 6 -26.77 -4.40 -3.57
N PRO A 7 -26.03 -5.42 -4.01
CA PRO A 7 -24.79 -5.15 -4.71
C PRO A 7 -25.12 -4.50 -6.07
N MET A 8 -24.47 -3.39 -6.36
CA MET A 8 -24.72 -2.63 -7.57
C MET A 8 -23.46 -1.93 -8.03
N ARG A 9 -23.41 -1.64 -9.32
CA ARG A 9 -22.39 -0.79 -9.87
C ARG A 9 -23.09 0.47 -10.35
N SER A 10 -22.56 1.66 -10.03
CA SER A 10 -23.14 2.88 -10.54
C SER A 10 -22.11 3.63 -11.36
N LEU A 11 -22.61 4.43 -12.30
CA LEU A 11 -21.80 5.31 -13.12
C LEU A 11 -22.36 6.72 -13.08
N ILE A 12 -21.46 7.70 -12.90
CA ILE A 12 -21.75 9.11 -13.00
C ILE A 12 -20.92 9.63 -14.20
N TYR A 13 -21.58 10.42 -15.01
CA TYR A 13 -21.00 11.00 -16.26
C TYR A 13 -20.61 12.44 -15.92
N VAL A 14 -19.32 12.68 -15.76
CA VAL A 14 -18.78 13.94 -15.26
C VAL A 14 -18.24 14.75 -16.43
N ASP A 15 -18.94 15.84 -16.80
CA ASP A 15 -18.48 16.72 -17.88
C ASP A 15 -17.59 17.82 -17.28
N CYS A 16 -16.96 18.55 -18.17
CA CYS A 16 -16.18 19.76 -17.89
C CYS A 16 -16.51 20.68 -19.06
N VAL A 17 -17.27 21.74 -18.83
CA VAL A 17 -17.84 22.47 -19.94
C VAL A 17 -16.96 23.51 -20.62
N SER A 18 -15.82 23.83 -20.04
CA SER A 18 -14.85 24.73 -20.61
C SER A 18 -13.50 24.20 -20.20
N GLU A 19 -12.53 24.30 -21.10
CA GLU A 19 -11.15 23.91 -20.77
C GLU A 19 -10.61 24.79 -19.64
N ASP A 20 -11.10 26.03 -19.55
CA ASP A 20 -10.67 26.91 -18.46
C ASP A 20 -11.06 26.45 -17.06
N TYR A 21 -12.03 25.57 -16.96
CA TYR A 21 -12.45 25.04 -15.70
C TYR A 21 -11.73 23.76 -15.33
N ARG A 22 -11.02 23.15 -16.29
CA ARG A 22 -10.44 21.82 -16.05
C ARG A 22 -9.52 21.77 -14.83
N PRO A 23 -8.59 22.71 -14.70
CA PRO A 23 -7.72 22.57 -13.52
C PRO A 23 -8.43 22.64 -12.16
N LYS A 24 -9.42 23.52 -12.06
CA LYS A 24 -10.23 23.64 -10.86
C LYS A 24 -11.05 22.44 -10.55
N LEU A 25 -11.72 21.92 -11.57
CA LEU A 25 -12.58 20.77 -11.39
C LEU A 25 -11.74 19.56 -11.02
N GLN A 26 -10.65 19.34 -11.76
CA GLN A 26 -9.76 18.22 -11.45
C GLN A 26 -9.20 18.28 -10.04
N ARG A 27 -8.75 19.46 -9.60
CA ARG A 27 -8.33 19.63 -8.24
C ARG A 27 -9.39 19.27 -7.26
N TRP A 28 -10.60 19.76 -7.44
CA TRP A 28 -11.65 19.44 -6.48
C TRP A 28 -11.87 17.94 -6.39
N ILE A 29 -11.90 17.30 -7.56
CA ILE A 29 -12.14 15.87 -7.61
C ILE A 29 -11.11 15.10 -6.81
N TYR A 30 -9.82 15.39 -7.11
CA TYR A 30 -8.72 14.61 -6.54
C TYR A 30 -8.23 15.05 -5.17
N LYS A 31 -8.43 16.34 -4.82
CA LYS A 31 -7.95 16.86 -3.57
C LYS A 31 -8.98 16.85 -2.47
N VAL A 32 -10.25 17.05 -2.85
CA VAL A 32 -11.33 17.27 -1.89
C VAL A 32 -12.36 16.12 -1.92
N HIS A 33 -12.80 15.78 -3.11
N HIS A 33 -12.81 15.76 -3.10
CA HIS A 33 -13.88 14.81 -3.22
CA HIS A 33 -13.91 14.79 -3.28
C HIS A 33 -13.44 13.43 -2.83
C HIS A 33 -13.52 13.37 -2.97
N ILE A 34 -12.31 12.94 -3.35
CA ILE A 34 -11.84 11.59 -2.99
C ILE A 34 -11.90 11.35 -1.46
N PRO A 35 -11.21 12.21 -0.66
CA PRO A 35 -11.18 11.86 0.77
C PRO A 35 -12.54 11.99 1.44
N ASP A 36 -13.36 12.96 1.03
CA ASP A 36 -14.70 13.06 1.62
C ASP A 36 -15.52 11.80 1.31
N SER A 37 -15.36 11.30 0.10
CA SER A 37 -16.15 10.16 -0.36
C SER A 37 -15.72 8.87 0.38
N ILE A 38 -14.44 8.60 0.38
CA ILE A 38 -13.91 7.42 1.09
C ILE A 38 -14.32 7.47 2.56
N SER A 39 -14.21 8.64 3.17
CA SER A 39 -14.58 8.79 4.55
C SER A 39 -16.02 8.31 4.76
N GLN A 40 -16.92 8.69 3.87
CA GLN A 40 -18.31 8.28 4.04
C GLN A 40 -18.60 6.80 3.83
N PHE A 41 -18.07 6.24 2.74
CA PHE A 41 -18.54 4.92 2.29
C PHE A 41 -17.58 3.75 2.33
N GLU A 42 -16.35 3.99 2.81
CA GLU A 42 -15.33 2.91 2.93
C GLU A 42 -15.93 1.59 3.46
N PRO A 43 -16.91 1.65 4.40
CA PRO A 43 -17.34 0.36 4.94
C PRO A 43 -18.33 -0.45 4.07
N TYR A 44 -18.90 0.16 3.05
CA TYR A 44 -19.94 -0.52 2.30
C TYR A 44 -19.88 -0.28 0.78
N VAL A 45 -18.76 0.28 0.32
CA VAL A 45 -18.44 0.38 -1.10
C VAL A 45 -17.11 -0.35 -1.28
N THR A 46 -17.09 -1.35 -2.16
CA THR A 46 -15.92 -2.18 -2.33
C THR A 46 -14.97 -1.71 -3.41
N LYS A 47 -15.40 -0.77 -4.23
CA LYS A 47 -14.56 -0.21 -5.26
C LYS A 47 -15.09 1.16 -5.64
N TYR A 48 -14.17 2.09 -5.83
CA TYR A 48 -14.45 3.50 -6.15
C TYR A 48 -13.38 3.99 -7.05
N ALA A 49 -13.73 4.28 -8.30
CA ALA A 49 -12.71 4.53 -9.34
C ALA A 49 -13.17 5.60 -10.29
N PHE A 50 -12.20 6.32 -10.85
CA PHE A 50 -12.44 7.33 -11.88
C PHE A 50 -11.76 6.85 -13.14
N TYR A 51 -12.47 6.94 -14.26
CA TYR A 51 -11.93 6.63 -15.59
C TYR A 51 -11.93 7.92 -16.42
N PRO A 52 -10.77 8.54 -16.54
CA PRO A 52 -10.73 9.78 -17.29
C PRO A 52 -11.10 9.57 -18.73
N SER A 53 -11.87 10.51 -19.26
CA SER A 53 -12.34 10.41 -20.62
C SER A 53 -11.20 10.63 -21.60
N PHE A 54 -11.20 9.86 -22.68
CA PHE A 54 -10.33 10.20 -23.79
C PHE A 54 -10.80 11.53 -24.40
N PRO A 55 -9.93 12.16 -25.18
CA PRO A 55 -10.34 13.39 -25.88
C PRO A 55 -11.69 13.25 -26.62
N ILE A 56 -12.54 14.25 -26.52
CA ILE A 56 -13.84 14.16 -27.11
C ILE A 56 -13.66 13.94 -28.61
N PRO A 57 -14.35 12.93 -29.16
CA PRO A 57 -14.20 12.68 -30.57
C PRO A 57 -15.03 13.63 -31.39
N PRO A 58 -14.79 13.68 -32.71
CA PRO A 58 -15.63 14.50 -33.59
C PRO A 58 -17.14 14.12 -33.46
N GLN A 59 -18.02 15.12 -33.30
CA GLN A 59 -19.45 14.93 -33.06
C GLN A 59 -19.80 14.35 -31.66
N GLY A 60 -18.79 14.16 -30.81
CA GLY A 60 -19.03 13.68 -29.45
C GLY A 60 -20.01 14.51 -28.66
N ASP A 61 -20.08 15.81 -28.95
CA ASP A 61 -21.02 16.70 -28.26
C ASP A 61 -22.46 16.20 -28.39
N ARG A 62 -22.75 15.54 -29.50
CA ARG A 62 -24.12 15.08 -29.78
C ARG A 62 -24.48 13.83 -29.01
N PHE A 63 -23.47 13.22 -28.37
CA PHE A 63 -23.68 12.09 -27.48
C PHE A 63 -23.60 12.42 -25.99
N GLY A 64 -23.62 13.69 -25.62
CA GLY A 64 -23.49 14.05 -24.22
C GLY A 64 -22.18 13.56 -23.59
N TYR A 65 -21.09 13.76 -24.32
CA TYR A 65 -19.80 13.22 -23.98
C TYR A 65 -19.28 13.95 -22.74
N ALA A 66 -18.90 13.16 -21.74
CA ALA A 66 -18.37 13.64 -20.50
C ALA A 66 -16.90 13.97 -20.64
N ARG A 67 -16.59 15.27 -20.64
CA ARG A 67 -15.22 15.67 -20.92
C ARG A 67 -14.25 15.54 -19.76
N MET A 68 -14.74 15.20 -18.55
CA MET A 68 -13.85 14.91 -17.48
C MET A 68 -13.61 13.41 -17.28
N GLN A 69 -14.64 12.71 -16.83
CA GLN A 69 -14.49 11.29 -16.45
C GLN A 69 -15.82 10.58 -16.29
N LEU A 70 -15.69 9.25 -16.16
CA LEU A 70 -16.73 8.42 -15.56
C LEU A 70 -16.33 8.14 -14.14
N THR A 71 -17.25 8.32 -13.21
CA THR A 71 -17.05 7.91 -11.84
C THR A 71 -17.84 6.64 -11.60
N GLU A 72 -17.19 5.66 -10.98
CA GLU A 72 -17.71 4.33 -10.83
C GLU A 72 -17.64 3.93 -9.36
N HIS A 73 -18.77 3.48 -8.82
CA HIS A 73 -18.85 2.92 -7.49
C HIS A 73 -19.39 1.52 -7.57
N HIS A 74 -18.93 0.65 -6.67
CA HIS A 74 -19.53 -0.66 -6.44
C HIS A 74 -20.01 -0.68 -5.01
N TRP A 75 -21.32 -0.75 -4.86
CA TRP A 75 -22.05 -0.63 -3.55
C TRP A 75 -22.47 -1.96 -3.04
N LEU A 76 -22.49 -2.16 -1.73
CA LEU A 76 -23.11 -3.33 -1.13
C LEU A 76 -24.55 -3.07 -0.62
N VAL A 77 -24.88 -1.80 -0.44
CA VAL A 77 -26.20 -1.36 0.00
C VAL A 77 -26.63 -0.21 -0.89
N SER A 78 -27.93 0.06 -0.98
CA SER A 78 -28.40 1.20 -1.77
C SER A 78 -28.10 2.51 -1.07
N ASP A 79 -27.41 3.37 -1.79
CA ASP A 79 -27.03 4.70 -1.30
C ASP A 79 -28.25 5.61 -1.16
N LEU A 80 -29.37 5.18 -1.72
CA LEU A 80 -30.60 5.98 -1.69
C LEU A 80 -31.55 5.56 -0.57
N ASP A 81 -31.17 4.58 0.23
CA ASP A 81 -31.94 4.27 1.46
C ASP A 81 -31.97 5.54 2.32
N PRO A 82 -33.15 5.99 2.79
CA PRO A 82 -33.21 7.25 3.56
C PRO A 82 -32.34 7.31 4.79
N ARG A 83 -32.06 6.15 5.41
CA ARG A 83 -31.20 6.10 6.58
C ARG A 83 -29.76 6.56 6.27
N LEU A 84 -29.36 6.40 5.01
CA LEU A 84 -28.01 6.78 4.57
C LEU A 84 -27.85 8.29 4.33
N GLU A 85 -28.94 9.07 4.52
CA GLU A 85 -28.86 10.50 4.36
C GLU A 85 -28.08 11.12 5.49
N ILE A 86 -28.05 10.48 6.65
CA ILE A 86 -27.35 11.03 7.76
C ILE A 86 -25.84 10.71 7.67
N LYS A 87 -25.00 11.75 7.82
CA LYS A 87 -23.55 11.60 7.75
C LYS A 87 -22.93 12.53 8.79
N ALA A 88 -21.91 12.05 9.51
CA ALA A 88 -21.27 12.86 10.49
C ALA A 88 -20.61 14.06 9.85
N ILE A 89 -19.90 13.82 8.75
CA ILE A 89 -19.24 14.85 8.00
C ILE A 89 -19.77 14.82 6.58
N ALA A 90 -20.34 15.93 6.17
CA ALA A 90 -20.83 16.11 4.82
C ALA A 90 -19.76 16.55 3.86
N GLU A 91 -19.97 16.25 2.60
CA GLU A 91 -19.00 16.58 1.57
C GLU A 91 -18.80 18.06 1.43
N THR A 92 -17.54 18.45 1.23
CA THR A 92 -17.22 19.82 0.86
C THR A 92 -17.54 19.99 -0.63
N PHE A 93 -18.49 20.88 -0.93
CA PHE A 93 -19.01 20.98 -2.25
C PHE A 93 -19.30 22.43 -2.68
N PRO A 94 -18.29 23.13 -3.18
CA PRO A 94 -18.52 24.51 -3.67
C PRO A 94 -19.53 24.53 -4.82
N MET A 95 -20.43 25.51 -4.83
CA MET A 95 -21.42 25.55 -5.87
C MET A 95 -20.77 25.73 -7.24
N ASP A 96 -19.54 26.26 -7.28
CA ASP A 96 -18.80 26.32 -8.54
C ASP A 96 -18.64 24.99 -9.25
N VAL A 97 -18.57 23.88 -8.52
CA VAL A 97 -18.49 22.58 -9.15
C VAL A 97 -19.62 22.34 -10.13
N LEU A 98 -20.82 22.82 -9.78
CA LEU A 98 -21.98 22.67 -10.64
C LEU A 98 -21.84 23.51 -11.90
N VAL A 99 -21.17 24.64 -11.79
CA VAL A 99 -20.85 25.43 -13.00
C VAL A 99 -19.83 24.68 -13.91
N TRP A 100 -18.75 24.18 -13.28
CA TRP A 100 -17.72 23.49 -14.05
C TRP A 100 -18.25 22.31 -14.82
N GLN A 101 -19.14 21.56 -14.21
CA GLN A 101 -19.71 20.37 -14.80
C GLN A 101 -20.90 20.65 -15.71
N GLY A 102 -21.36 21.88 -15.70
CA GLY A 102 -22.48 22.29 -16.56
C GLY A 102 -23.87 22.00 -16.05
N GLN A 103 -23.99 21.68 -14.76
CA GLN A 103 -25.26 21.55 -14.14
C GLN A 103 -26.00 22.87 -13.99
N ILE A 104 -25.28 23.97 -13.77
CA ILE A 104 -25.89 25.29 -13.75
C ILE A 104 -25.06 26.23 -14.62
N PRO A 105 -25.70 27.27 -15.17
CA PRO A 105 -24.92 28.28 -15.89
C PRO A 105 -24.08 29.15 -14.94
N ALA A 106 -23.04 29.77 -15.47
CA ALA A 106 -22.19 30.67 -14.67
C ALA A 106 -22.96 31.81 -13.98
N ALA A 107 -23.89 32.44 -14.68
CA ALA A 107 -24.55 33.71 -14.22
C ALA A 107 -25.17 33.70 -12.80
N GLU A 131 -30.90 26.94 -18.58
CA GLU A 131 -30.92 25.48 -18.51
C GLU A 131 -29.50 24.93 -18.39
N GLY A 132 -29.25 24.22 -17.32
CA GLY A 132 -28.07 23.41 -17.26
C GLY A 132 -28.42 21.98 -17.67
N ASN A 133 -27.47 21.09 -17.44
CA ASN A 133 -27.60 19.66 -17.70
C ASN A 133 -27.76 18.92 -16.36
N PRO A 134 -28.59 17.87 -16.33
CA PRO A 134 -28.87 17.19 -15.10
C PRO A 134 -27.65 16.35 -14.64
N PHE A 135 -27.63 16.02 -13.37
CA PHE A 135 -26.67 15.11 -12.77
C PHE A 135 -27.14 13.72 -13.10
N ILE A 136 -26.35 12.96 -13.85
CA ILE A 136 -26.76 11.60 -14.30
C ILE A 136 -25.96 10.60 -13.51
N PHE A 137 -26.70 9.83 -12.72
CA PHE A 137 -26.18 8.86 -11.72
C PHE A 137 -26.99 7.60 -11.93
N ALA A 138 -26.43 6.66 -12.69
CA ALA A 138 -27.15 5.44 -13.09
C ALA A 138 -26.70 4.24 -12.29
N PHE A 139 -27.63 3.53 -11.64
CA PHE A 139 -27.34 2.28 -10.95
C PHE A 139 -27.67 1.08 -11.84
N LEU A 140 -26.81 0.07 -11.74
CA LEU A 140 -26.79 -1.10 -12.57
C LEU A 140 -26.49 -2.29 -11.67
N PRO A 141 -26.87 -3.50 -12.13
CA PRO A 141 -26.35 -4.68 -11.46
C PRO A 141 -24.83 -4.72 -11.66
N MET A 142 -24.12 -5.48 -10.84
CA MET A 142 -22.66 -5.54 -10.98
C MET A 142 -22.19 -6.22 -12.25
N TRP A 143 -23.06 -7.04 -12.85
CA TRP A 143 -22.71 -7.84 -14.03
C TRP A 143 -23.61 -7.42 -15.18
N TRP A 144 -23.02 -7.25 -16.33
CA TRP A 144 -23.76 -6.90 -17.53
C TRP A 144 -24.83 -7.90 -17.80
N GLU A 145 -25.98 -7.40 -18.19
CA GLU A 145 -27.17 -8.28 -18.38
C GLU A 145 -27.19 -8.92 -19.74
N LYS A 146 -26.66 -8.25 -20.74
CA LYS A 146 -26.69 -8.72 -22.14
C LYS A 146 -25.32 -8.63 -22.74
N ASP A 147 -24.88 -9.72 -23.34
CA ASP A 147 -23.59 -9.82 -23.97
C ASP A 147 -23.86 -10.06 -25.46
N LEU A 148 -23.75 -8.99 -26.24
CA LEU A 148 -24.32 -8.95 -27.58
C LEU A 148 -23.29 -9.05 -28.70
N LYS A 149 -22.01 -8.81 -28.41
CA LYS A 149 -20.94 -9.07 -29.37
C LYS A 149 -19.64 -9.18 -28.63
N GLY A 150 -18.83 -10.14 -28.99
CA GLY A 150 -17.43 -10.22 -28.54
C GLY A 150 -17.22 -11.07 -27.31
N LYS A 151 -18.19 -11.91 -26.95
CA LYS A 151 -18.05 -12.82 -25.83
C LYS A 151 -16.73 -13.59 -25.94
N GLY A 152 -16.01 -13.68 -24.85
CA GLY A 152 -14.71 -14.36 -24.84
C GLY A 152 -13.49 -13.51 -25.09
N ARG A 153 -13.65 -12.25 -25.43
CA ARG A 153 -12.52 -11.36 -25.61
C ARG A 153 -11.69 -11.28 -24.34
N THR A 154 -10.38 -11.36 -24.48
CA THR A 154 -9.45 -11.26 -23.35
C THR A 154 -8.66 -10.00 -23.48
N ILE A 155 -7.92 -9.64 -22.44
CA ILE A 155 -7.07 -8.46 -22.52
C ILE A 155 -5.88 -8.69 -23.49
N GLU A 156 -5.54 -9.96 -23.73
CA GLU A 156 -4.52 -10.30 -24.71
C GLU A 156 -4.94 -9.88 -26.13
N ASP A 157 -6.23 -9.73 -26.38
CA ASP A 157 -6.76 -9.36 -27.71
C ASP A 157 -6.46 -7.95 -28.11
N GLY A 158 -6.07 -7.10 -27.15
CA GLY A 158 -5.48 -5.80 -27.46
C GLY A 158 -6.23 -4.66 -26.73
N ALA A 159 -5.72 -3.42 -26.90
CA ALA A 159 -6.29 -2.25 -26.25
C ALA A 159 -7.64 -1.90 -26.84
N ASN A 160 -8.56 -1.60 -25.95
CA ASN A 160 -9.90 -1.20 -26.32
C ASN A 160 -10.18 0.31 -26.13
N TYR A 161 -10.95 0.87 -27.06
CA TYR A 161 -11.55 2.21 -26.98
C TYR A 161 -12.98 1.96 -26.53
N ARG A 162 -13.21 2.09 -25.22
CA ARG A 162 -14.44 1.64 -24.66
C ARG A 162 -15.43 2.79 -24.57
N PHE A 163 -16.49 2.73 -25.37
CA PHE A 163 -17.50 3.79 -25.44
C PHE A 163 -18.69 3.40 -24.64
N ASN A 164 -18.78 3.98 -23.45
CA ASN A 164 -19.88 3.77 -22.56
C ASN A 164 -20.93 4.86 -22.76
N MET A 165 -22.19 4.46 -23.00
CA MET A 165 -23.23 5.40 -23.32
C MET A 165 -24.50 4.99 -22.56
N THR A 166 -25.18 5.99 -21.99
CA THR A 166 -26.42 5.76 -21.32
C THR A 166 -27.47 6.57 -22.09
N ILE A 167 -28.65 5.95 -22.24
CA ILE A 167 -29.77 6.61 -22.90
C ILE A 167 -31.08 6.45 -22.12
N GLY A 168 -31.93 7.48 -22.26
CA GLY A 168 -33.24 7.51 -21.61
C GLY A 168 -34.23 8.06 -22.61
N PHE A 169 -35.29 7.31 -22.90
CA PHE A 169 -36.22 7.74 -23.93
C PHE A 169 -37.01 8.93 -23.43
N PRO A 170 -37.37 9.87 -24.31
CA PRO A 170 -38.15 11.06 -23.87
C PRO A 170 -39.54 10.75 -23.30
N GLU A 171 -40.07 11.71 -22.54
CA GLU A 171 -41.41 11.57 -21.95
C GLU A 171 -42.43 11.25 -23.01
N GLY A 172 -43.27 10.27 -22.71
CA GLY A 172 -44.28 9.86 -23.67
C GLY A 172 -43.90 8.71 -24.56
N VAL A 173 -42.62 8.30 -24.58
CA VAL A 173 -42.21 7.17 -25.40
C VAL A 173 -42.34 5.90 -24.56
N ASP A 174 -43.08 4.96 -25.10
CA ASP A 174 -43.30 3.70 -24.48
C ASP A 174 -41.93 2.99 -24.31
N LYS A 175 -41.60 2.55 -23.11
CA LYS A 175 -40.27 2.01 -22.86
C LYS A 175 -40.03 0.74 -23.64
N ALA A 176 -41.05 -0.05 -23.82
CA ALA A 176 -40.94 -1.29 -24.59
C ALA A 176 -40.64 -1.02 -26.06
N GLU A 177 -41.26 0.04 -26.59
N GLU A 177 -41.22 0.03 -26.63
CA GLU A 177 -41.01 0.48 -27.95
CA GLU A 177 -40.94 0.36 -28.03
C GLU A 177 -39.55 0.85 -28.09
C GLU A 177 -39.53 0.95 -28.17
N GLY A 178 -39.08 1.66 -27.14
CA GLY A 178 -37.69 2.14 -27.13
C GLY A 178 -36.71 0.99 -27.10
N GLU A 179 -36.97 0.04 -26.20
CA GLU A 179 -36.15 -1.15 -26.05
C GLU A 179 -36.04 -1.92 -27.37
N LYS A 180 -37.19 -2.12 -27.99
CA LYS A 180 -37.24 -2.84 -29.23
C LYS A 180 -36.43 -2.10 -30.28
N TRP A 181 -36.57 -0.79 -30.38
CA TRP A 181 -35.73 -0.02 -31.31
C TRP A 181 -34.22 -0.21 -31.04
N LEU A 182 -33.85 -0.11 -29.77
CA LEU A 182 -32.44 -0.21 -29.43
C LEU A 182 -31.85 -1.56 -29.86
N PHE A 183 -32.55 -2.64 -29.52
CA PHE A 183 -32.03 -3.97 -29.72
C PHE A 183 -32.31 -4.56 -31.09
N GLU A 184 -33.32 -4.04 -31.80
CA GLU A 184 -33.62 -4.56 -33.16
C GLU A 184 -33.22 -3.66 -34.28
N LYS A 185 -32.96 -2.39 -34.01
CA LYS A 185 -32.47 -1.46 -35.06
C LYS A 185 -31.06 -0.93 -34.80
N VAL A 186 -30.76 -0.51 -33.58
CA VAL A 186 -29.45 0.10 -33.31
C VAL A 186 -28.36 -0.98 -33.12
N VAL A 187 -28.58 -1.92 -32.22
CA VAL A 187 -27.58 -2.95 -31.99
C VAL A 187 -27.13 -3.75 -33.22
N PRO A 188 -28.05 -4.08 -34.13
CA PRO A 188 -27.57 -4.77 -35.33
C PRO A 188 -26.53 -4.05 -36.18
N ILE A 189 -26.56 -2.71 -36.18
CA ILE A 189 -25.53 -1.94 -36.88
C ILE A 189 -24.18 -2.07 -36.19
N LEU A 190 -24.20 -2.04 -34.85
CA LEU A 190 -22.99 -2.37 -34.10
C LEU A 190 -22.50 -3.78 -34.40
N GLN A 191 -23.40 -4.74 -34.40
CA GLN A 191 -22.95 -6.13 -34.63
C GLN A 191 -22.33 -6.29 -35.99
N ALA A 192 -22.91 -5.63 -36.99
CA ALA A 192 -22.40 -5.73 -38.39
C ALA A 192 -21.07 -5.04 -38.63
N ALA A 193 -20.65 -4.16 -37.74
CA ALA A 193 -19.44 -3.41 -37.98
C ALA A 193 -18.22 -4.19 -37.48
N PRO A 194 -17.28 -4.55 -38.39
CA PRO A 194 -16.04 -5.20 -37.95
C PRO A 194 -15.25 -4.30 -37.04
N GLU A 195 -15.46 -2.99 -37.10
CA GLU A 195 -14.72 -2.05 -36.27
C GLU A 195 -15.14 -2.18 -34.79
N CYS A 196 -16.32 -2.75 -34.56
CA CYS A 196 -16.90 -2.85 -33.23
C CYS A 196 -16.57 -4.23 -32.68
N THR A 197 -15.90 -4.29 -31.55
CA THR A 197 -15.40 -5.55 -31.04
C THR A 197 -16.16 -6.12 -29.84
N ARG A 198 -17.01 -5.31 -29.22
CA ARG A 198 -17.73 -5.72 -28.02
C ARG A 198 -18.96 -4.85 -27.89
N VAL A 199 -20.07 -5.47 -27.52
CA VAL A 199 -21.31 -4.80 -27.16
C VAL A 199 -21.89 -5.47 -25.91
N LEU A 200 -22.06 -4.67 -24.86
CA LEU A 200 -22.59 -5.08 -23.56
C LEU A 200 -23.73 -4.09 -23.18
N ALA A 201 -24.76 -4.59 -22.51
CA ALA A 201 -25.87 -3.73 -22.10
C ALA A 201 -26.50 -4.20 -20.80
N SER A 202 -26.97 -3.23 -20.02
CA SER A 202 -27.77 -3.48 -18.83
C SER A 202 -28.90 -2.44 -18.77
N ALA A 203 -30.04 -2.85 -18.23
CA ALA A 203 -31.07 -1.92 -17.85
C ALA A 203 -30.72 -1.17 -16.58
N VAL A 204 -30.98 0.13 -16.62
CA VAL A 204 -30.77 0.99 -15.46
C VAL A 204 -31.77 0.64 -14.40
N LYS A 205 -31.30 0.55 -13.16
CA LYS A 205 -32.18 0.28 -12.00
C LYS A 205 -32.89 1.57 -11.66
N LYS A 206 -34.06 1.70 -12.21
CA LYS A 206 -34.77 2.96 -12.12
C LYS A 206 -35.32 3.19 -10.67
N ASP A 207 -35.72 2.11 -10.00
CA ASP A 207 -36.20 2.11 -8.62
C ASP A 207 -35.24 2.67 -7.58
N ILE A 208 -33.98 2.95 -7.89
CA ILE A 208 -33.04 3.35 -6.85
C ILE A 208 -33.12 4.82 -6.61
N ASN A 209 -33.05 5.60 -7.67
CA ASN A 209 -32.95 7.03 -7.51
C ASN A 209 -33.67 7.82 -8.54
N GLY A 210 -34.58 7.21 -9.28
CA GLY A 210 -35.37 7.95 -10.26
C GLY A 210 -34.61 8.40 -11.49
N CYS A 211 -33.48 7.77 -11.78
CA CYS A 211 -32.67 8.14 -12.93
C CYS A 211 -33.53 8.14 -14.20
N VAL A 212 -33.40 9.18 -15.03
N VAL A 212 -33.40 9.21 -14.98
CA VAL A 212 -34.16 9.22 -16.30
CA VAL A 212 -34.06 9.34 -16.28
C VAL A 212 -33.61 8.30 -17.37
C VAL A 212 -33.67 8.20 -17.25
N MET A 213 -32.41 7.74 -17.16
CA MET A 213 -31.89 6.81 -18.14
C MET A 213 -32.55 5.43 -18.02
N ASP A 214 -32.56 4.72 -19.13
CA ASP A 214 -33.18 3.43 -19.24
C ASP A 214 -32.15 2.32 -19.50
N TRP A 215 -31.09 2.65 -20.21
CA TRP A 215 -30.08 1.65 -20.59
C TRP A 215 -28.70 2.21 -20.43
N VAL A 216 -27.75 1.33 -20.12
CA VAL A 216 -26.33 1.64 -20.26
C VAL A 216 -25.78 0.58 -21.24
N LEU A 217 -25.08 1.04 -22.27
CA LEU A 217 -24.38 0.18 -23.21
C LEU A 217 -22.89 0.47 -23.15
N GLU A 218 -22.08 -0.55 -23.34
CA GLU A 218 -20.70 -0.29 -23.58
C GLU A 218 -20.35 -0.96 -24.91
N ILE A 219 -19.70 -0.19 -25.77
CA ILE A 219 -19.46 -0.50 -27.18
C ILE A 219 -17.99 -0.23 -27.46
N TRP A 220 -17.23 -1.28 -27.77
CA TRP A 220 -15.80 -1.13 -27.91
C TRP A 220 -15.40 -1.04 -29.38
N PHE A 221 -14.34 -0.24 -29.59
CA PHE A 221 -13.70 -0.03 -30.87
C PHE A 221 -12.22 -0.18 -30.64
N GLU A 222 -11.48 -0.11 -31.73
CA GLU A 222 -10.03 -0.09 -31.70
C GLU A 222 -9.57 1.30 -31.37
N ASN A 223 -10.31 2.29 -31.84
CA ASN A 223 -9.89 3.66 -31.82
C ASN A 223 -11.00 4.58 -32.24
N GLN A 224 -10.72 5.86 -32.09
CA GLN A 224 -11.65 6.91 -32.34
C GLN A 224 -12.19 6.87 -33.77
N SER A 225 -11.34 6.55 -34.74
CA SER A 225 -11.75 6.50 -36.15
C SER A 225 -12.82 5.43 -36.30
N GLY A 226 -12.63 4.31 -35.60
CA GLY A 226 -13.63 3.20 -35.61
C GLY A 226 -14.95 3.59 -35.01
N TRP A 227 -14.88 4.30 -33.87
CA TRP A 227 -16.03 4.83 -33.20
C TRP A 227 -16.84 5.70 -34.15
N TYR A 228 -16.16 6.62 -34.81
CA TYR A 228 -16.82 7.56 -35.70
C TYR A 228 -17.45 6.84 -36.91
N LYS A 229 -16.65 5.99 -37.53
CA LYS A 229 -17.17 5.16 -38.64
C LYS A 229 -18.50 4.51 -38.34
N VAL A 230 -18.61 3.87 -37.18
CA VAL A 230 -19.84 3.18 -36.80
C VAL A 230 -20.91 4.10 -36.24
N MET A 231 -20.54 4.91 -35.24
CA MET A 231 -21.51 5.69 -34.46
C MET A 231 -22.01 6.93 -35.19
N VAL A 232 -21.22 7.42 -36.14
CA VAL A 232 -21.65 8.49 -36.99
C VAL A 232 -22.02 7.93 -38.39
N ASP A 233 -21.07 7.40 -39.14
CA ASP A 233 -21.39 7.05 -40.53
C ASP A 233 -22.35 5.87 -40.67
N ASP A 234 -22.11 4.75 -40.01
CA ASP A 234 -23.00 3.60 -40.22
C ASP A 234 -24.40 3.90 -39.69
N MET A 235 -24.50 4.72 -38.65
CA MET A 235 -25.80 5.02 -38.03
C MET A 235 -26.67 5.94 -38.90
N LYS A 236 -26.08 6.56 -39.92
CA LYS A 236 -26.90 7.34 -40.90
C LYS A 236 -27.97 6.49 -41.58
N ALA A 237 -27.81 5.18 -41.60
CA ALA A 237 -28.80 4.33 -42.25
C ALA A 237 -30.07 4.22 -41.42
N LEU A 238 -30.05 4.56 -40.12
CA LEU A 238 -31.28 4.53 -39.33
C LEU A 238 -32.33 5.55 -39.78
N GLU A 239 -33.60 5.14 -39.77
CA GLU A 239 -34.69 6.11 -39.86
C GLU A 239 -34.78 6.95 -38.60
N LYS A 240 -35.07 8.23 -38.78
CA LYS A 240 -35.29 9.13 -37.68
C LYS A 240 -36.57 8.75 -36.97
N PRO A 241 -36.51 8.40 -35.66
CA PRO A 241 -37.76 8.07 -34.99
C PRO A 241 -38.67 9.28 -34.80
N SER A 242 -39.96 9.02 -34.61
CA SER A 242 -40.90 10.13 -34.45
C SER A 242 -40.63 10.95 -33.20
N TRP A 243 -40.03 10.33 -32.19
CA TRP A 243 -39.69 11.02 -30.95
C TRP A 243 -38.31 11.68 -30.93
N ALA A 244 -37.60 11.61 -32.04
CA ALA A 244 -36.24 12.14 -32.10
C ALA A 244 -36.16 13.56 -31.56
N GLN A 245 -35.11 13.81 -30.77
CA GLN A 245 -34.82 15.11 -30.21
C GLN A 245 -33.67 15.81 -30.91
N GLN A 246 -32.97 15.08 -31.81
CA GLN A 246 -32.00 15.68 -32.70
C GLN A 246 -32.09 14.86 -33.98
N ASP A 247 -31.52 15.37 -35.06
CA ASP A 247 -31.71 14.79 -36.35
C ASP A 247 -30.98 13.48 -36.61
N ALA A 248 -29.83 13.28 -35.99
CA ALA A 248 -29.06 12.07 -36.21
C ALA A 248 -28.93 11.24 -34.92
N PHE A 249 -28.60 9.99 -35.07
CA PHE A 249 -28.36 9.09 -33.96
C PHE A 249 -27.39 9.79 -33.00
N PRO A 250 -27.66 9.77 -31.69
CA PRO A 250 -28.57 8.95 -30.92
C PRO A 250 -30.03 9.43 -30.86
N PHE A 251 -30.35 10.52 -31.54
CA PHE A 251 -31.72 11.04 -31.63
C PHE A 251 -32.28 11.50 -30.28
N LEU A 252 -31.38 11.79 -29.35
CA LEU A 252 -31.73 12.11 -27.97
C LEU A 252 -31.00 13.39 -27.55
N LYS A 253 -31.62 14.16 -26.66
CA LYS A 253 -31.06 15.46 -26.24
C LYS A 253 -29.74 15.27 -25.49
N PRO A 254 -28.66 15.78 -26.06
CA PRO A 254 -27.36 15.62 -25.43
C PRO A 254 -27.32 16.11 -24.00
N TYR A 255 -26.78 15.28 -23.14
CA TYR A 255 -26.60 15.51 -21.70
C TYR A 255 -27.87 15.37 -20.85
N HIS A 256 -29.02 15.29 -21.49
CA HIS A 256 -30.30 15.17 -20.81
C HIS A 256 -30.88 13.80 -20.97
N ASN A 257 -30.81 13.25 -22.20
CA ASN A 257 -31.33 11.94 -22.50
C ASN A 257 -30.24 10.99 -23.07
N VAL A 258 -29.03 11.50 -23.24
CA VAL A 258 -27.88 10.66 -23.59
C VAL A 258 -26.62 11.26 -22.97
N CYS A 259 -25.80 10.41 -22.35
CA CYS A 259 -24.49 10.85 -21.87
C CYS A 259 -23.54 9.73 -22.23
N SER A 260 -22.26 10.05 -22.37
CA SER A 260 -21.31 9.01 -22.79
C SER A 260 -19.89 9.40 -22.42
N ALA A 261 -18.98 8.42 -22.55
CA ALA A 261 -17.54 8.67 -22.38
C ALA A 261 -16.81 7.54 -23.05
N ALA A 262 -15.67 7.84 -23.63
CA ALA A 262 -14.79 6.82 -24.12
C ALA A 262 -13.60 6.73 -23.18
N VAL A 263 -13.31 5.52 -22.72
CA VAL A 263 -12.30 5.30 -21.73
C VAL A 263 -11.40 4.12 -22.06
N ALA A 264 -10.25 4.10 -21.39
CA ALA A 264 -9.27 3.02 -21.52
C ALA A 264 -9.64 1.83 -20.62
N ASP A 265 -9.04 0.70 -20.90
CA ASP A 265 -9.19 -0.50 -20.06
C ASP A 265 -8.74 -0.32 -18.62
N TYR A 266 -7.77 0.58 -18.38
CA TYR A 266 -7.11 0.70 -17.10
C TYR A 266 -7.19 2.12 -16.61
N THR A 267 -7.35 2.26 -15.32
CA THR A 267 -7.14 3.57 -14.68
C THR A 267 -6.21 3.47 -13.52
N PRO A 268 -5.36 4.47 -13.35
CA PRO A 268 -4.60 4.56 -12.13
C PRO A 268 -5.39 5.05 -10.93
N SER A 269 -6.59 5.57 -11.13
CA SER A 269 -7.42 6.06 -10.04
C SER A 269 -8.41 5.03 -9.55
N ASN A 270 -7.85 3.99 -8.92
CA ASN A 270 -8.62 2.99 -8.19
C ASN A 270 -8.50 3.42 -6.74
N ASN A 271 -9.45 4.24 -6.34
CA ASN A 271 -9.21 5.18 -5.25
C ASN A 271 -9.14 4.51 -3.89
N LEU A 272 -9.88 3.43 -3.67
CA LEU A 272 -9.76 2.75 -2.36
C LEU A 272 -8.45 2.04 -2.21
N ALA A 273 -7.80 1.70 -3.31
CA ALA A 273 -6.55 0.98 -3.20
C ALA A 273 -5.33 1.85 -3.31
N ASN A 274 -5.42 2.93 -4.07
CA ASN A 274 -4.25 3.60 -4.67
C ASN A 274 -4.07 5.05 -4.19
N TYR A 275 -5.07 5.66 -3.55
CA TYR A 275 -4.92 7.08 -3.11
C TYR A 275 -3.98 7.30 -1.95
N ARG A 276 -3.11 8.31 -2.02
CA ARG A 276 -2.16 8.59 -0.99
C ARG A 276 -2.08 10.06 -0.65
N GLY A 277 -3.15 10.80 -0.89
CA GLY A 277 -3.12 12.20 -0.58
C GLY A 277 -2.76 12.99 -1.82
N TYR A 278 -2.96 14.30 -1.72
CA TYR A 278 -2.80 15.13 -2.93
C TYR A 278 -1.34 15.60 -2.98
N ILE A 279 -0.49 14.72 -3.44
CA ILE A 279 0.94 15.03 -3.59
C ILE A 279 1.15 15.92 -4.83
N THR A 280 1.86 17.03 -4.69
CA THR A 280 2.03 17.95 -5.80
C THR A 280 3.40 17.80 -6.46
N MET A 281 3.42 18.04 -7.76
CA MET A 281 4.63 18.02 -8.55
CA MET A 281 4.61 18.02 -8.56
C MET A 281 5.63 19.08 -8.08
N ARG A 282 6.90 18.70 -8.08
CA ARG A 282 8.01 19.54 -7.69
C ARG A 282 8.46 20.49 -8.85
N ALA B 1 35.01 -0.34 -9.13
CA ALA B 1 35.22 1.12 -9.00
C ALA B 1 33.98 1.76 -8.41
N ASP B 2 34.15 2.96 -7.86
CA ASP B 2 33.04 3.63 -7.15
C ASP B 2 31.93 4.06 -8.12
N PHE B 3 30.74 4.30 -7.57
CA PHE B 3 29.64 4.92 -8.31
C PHE B 3 29.39 6.27 -7.68
N LYS B 4 29.24 7.31 -8.47
CA LYS B 4 29.09 8.68 -7.96
C LYS B 4 27.63 8.95 -7.56
N PHE B 5 27.43 9.52 -6.38
CA PHE B 5 26.14 9.98 -5.94
C PHE B 5 25.80 11.16 -6.85
N GLU B 6 24.74 11.03 -7.62
CA GLU B 6 24.39 12.04 -8.64
C GLU B 6 22.86 12.22 -8.68
N PRO B 7 22.31 12.83 -7.63
CA PRO B 7 20.88 13.04 -7.56
C PRO B 7 20.42 13.94 -8.72
N MET B 8 19.43 13.48 -9.47
CA MET B 8 18.92 14.27 -10.61
C MET B 8 17.45 14.00 -10.77
N ARG B 9 16.78 14.93 -11.43
CA ARG B 9 15.42 14.77 -11.87
C ARG B 9 15.48 14.79 -13.39
N SER B 10 14.82 13.84 -14.06
CA SER B 10 14.76 13.89 -15.51
C SER B 10 13.34 13.98 -16.01
N LEU B 11 13.18 14.54 -17.22
CA LEU B 11 11.89 14.62 -17.88
C LEU B 11 11.97 14.08 -19.29
N ILE B 12 10.97 13.28 -19.67
CA ILE B 12 10.81 12.79 -21.02
C ILE B 12 9.47 13.29 -21.54
N TYR B 13 9.50 13.86 -22.72
CA TYR B 13 8.32 14.46 -23.28
C TYR B 13 7.69 13.45 -24.28
N VAL B 14 6.56 12.87 -23.90
CA VAL B 14 5.99 11.72 -24.59
C VAL B 14 4.80 12.18 -25.42
N ASP B 15 4.93 12.15 -26.75
CA ASP B 15 3.87 12.56 -27.62
C ASP B 15 3.02 11.33 -28.03
N CYS B 16 1.88 11.62 -28.64
CA CYS B 16 0.96 10.61 -29.22
C CYS B 16 0.50 11.26 -30.50
N VAL B 17 1.06 10.85 -31.63
CA VAL B 17 0.91 11.67 -32.87
C VAL B 17 -0.43 11.55 -33.59
N SER B 18 -1.24 10.57 -33.21
CA SER B 18 -2.57 10.40 -33.75
C SER B 18 -3.47 9.92 -32.65
N GLU B 19 -4.74 10.34 -32.63
CA GLU B 19 -5.64 9.83 -31.57
C GLU B 19 -5.87 8.35 -31.72
N ASP B 20 -5.72 7.84 -32.95
CA ASP B 20 -5.93 6.42 -33.14
C ASP B 20 -4.88 5.57 -32.44
N TYR B 21 -3.71 6.16 -32.12
CA TYR B 21 -2.67 5.42 -31.40
C TYR B 21 -2.83 5.49 -29.87
N ARG B 22 -3.71 6.34 -29.36
CA ARG B 22 -3.78 6.58 -27.92
C ARG B 22 -4.04 5.32 -27.10
N PRO B 23 -5.03 4.50 -27.46
CA PRO B 23 -5.26 3.31 -26.67
C PRO B 23 -4.05 2.37 -26.62
N LYS B 24 -3.36 2.21 -27.75
CA LYS B 24 -2.21 1.31 -27.81
C LYS B 24 -1.03 1.85 -27.04
N LEU B 25 -0.76 3.12 -27.23
CA LEU B 25 0.35 3.78 -26.53
C LEU B 25 0.12 3.75 -25.01
N GLN B 26 -1.08 4.12 -24.60
CA GLN B 26 -1.41 4.14 -23.18
C GLN B 26 -1.32 2.75 -22.57
N ARG B 27 -1.76 1.73 -23.31
CA ARG B 27 -1.68 0.39 -22.84
C ARG B 27 -0.19 -0.03 -22.65
N TRP B 28 0.65 0.19 -23.64
CA TRP B 28 2.06 -0.22 -23.49
C TRP B 28 2.66 0.50 -22.28
N ILE B 29 2.39 1.78 -22.14
CA ILE B 29 2.99 2.57 -21.01
C ILE B 29 2.60 1.93 -19.67
N TYR B 30 1.32 1.67 -19.46
CA TYR B 30 0.84 1.24 -18.15
C TYR B 30 0.85 -0.26 -17.92
N LYS B 31 0.82 -1.08 -18.99
CA LYS B 31 0.77 -2.52 -18.82
C LYS B 31 2.17 -3.14 -18.88
N VAL B 32 3.03 -2.56 -19.69
CA VAL B 32 4.31 -3.20 -20.04
C VAL B 32 5.50 -2.38 -19.49
N HIS B 33 5.52 -1.09 -19.81
N HIS B 33 5.52 -1.08 -19.78
CA HIS B 33 6.64 -0.15 -19.51
CA HIS B 33 6.66 -0.25 -19.46
C HIS B 33 6.83 0.11 -18.03
C HIS B 33 6.82 -0.07 -17.97
N ILE B 34 5.73 0.22 -17.26
CA ILE B 34 5.86 0.41 -15.79
C ILE B 34 6.58 -0.75 -15.14
N PRO B 35 6.09 -1.97 -15.31
CA PRO B 35 6.80 -3.05 -14.58
C PRO B 35 8.21 -3.31 -15.06
N ASP B 36 8.46 -3.20 -16.37
CA ASP B 36 9.83 -3.36 -16.85
C ASP B 36 10.74 -2.32 -16.20
N SER B 37 10.24 -1.09 -16.08
CA SER B 37 11.05 0.00 -15.57
C SER B 37 11.34 -0.13 -14.05
N ILE B 38 10.32 -0.39 -13.29
CA ILE B 38 10.46 -0.59 -11.83
C ILE B 38 11.41 -1.75 -11.60
N SER B 39 11.22 -2.83 -12.36
CA SER B 39 12.09 -3.98 -12.21
C SER B 39 13.59 -3.57 -12.32
N GLN B 40 13.95 -2.72 -13.28
CA GLN B 40 15.33 -2.33 -13.47
C GLN B 40 15.86 -1.37 -12.39
N PHE B 41 15.08 -0.35 -12.07
CA PHE B 41 15.65 0.77 -11.27
C PHE B 41 15.13 1.00 -9.89
N GLU B 42 14.21 0.17 -9.43
CA GLU B 42 13.72 0.27 -8.05
C GLU B 42 14.81 0.61 -6.98
N PRO B 43 16.01 -0.02 -7.05
CA PRO B 43 17.01 0.24 -6.01
C PRO B 43 17.70 1.56 -6.07
N TYR B 44 17.57 2.35 -7.15
CA TYR B 44 18.32 3.59 -7.22
C TYR B 44 17.58 4.76 -7.90
N VAL B 45 16.25 4.62 -8.01
CA VAL B 45 15.37 5.69 -8.44
C VAL B 45 14.35 5.81 -7.28
N THR B 46 14.22 6.99 -6.75
CA THR B 46 13.38 7.21 -5.56
C THR B 46 11.98 7.69 -5.92
N LYS B 47 11.76 8.06 -7.19
CA LYS B 47 10.43 8.49 -7.64
C LYS B 47 10.35 8.32 -9.15
N TYR B 48 9.23 7.77 -9.61
CA TYR B 48 9.00 7.50 -11.02
C TYR B 48 7.50 7.78 -11.26
N ALA B 49 7.20 8.79 -12.04
CA ALA B 49 5.86 9.33 -12.15
C ALA B 49 5.54 9.74 -13.59
N PHE B 50 4.27 9.62 -13.96
CA PHE B 50 3.76 10.14 -15.23
C PHE B 50 2.77 11.25 -14.94
N TYR B 51 2.85 12.33 -15.71
CA TYR B 51 1.92 13.46 -15.58
C TYR B 51 1.22 13.58 -16.91
N PRO B 52 -0.01 13.10 -16.98
CA PRO B 52 -0.68 13.17 -18.28
C PRO B 52 -0.88 14.60 -18.71
N SER B 53 -0.74 14.86 -20.02
CA SER B 53 -0.89 16.19 -20.55
CA SER B 53 -0.88 16.23 -20.45
C SER B 53 -2.35 16.61 -20.56
N PHE B 54 -2.62 17.85 -20.21
CA PHE B 54 -3.94 18.44 -20.48
C PHE B 54 -4.15 18.44 -22.01
N PRO B 55 -5.39 18.65 -22.48
CA PRO B 55 -5.67 18.74 -23.93
C PRO B 55 -4.79 19.78 -24.59
N ILE B 56 -4.30 19.49 -25.78
CA ILE B 56 -3.36 20.37 -26.44
C ILE B 56 -4.07 21.71 -26.69
N PRO B 57 -3.45 22.82 -26.31
CA PRO B 57 -4.10 24.09 -26.42
C PRO B 57 -3.97 24.61 -27.87
N PRO B 58 -4.75 25.62 -28.23
CA PRO B 58 -4.59 26.20 -29.57
C PRO B 58 -3.17 26.66 -29.80
N GLN B 59 -2.63 26.28 -30.97
CA GLN B 59 -1.26 26.55 -31.37
C GLN B 59 -0.23 25.76 -30.55
N GLY B 60 -0.68 24.84 -29.70
CA GLY B 60 0.29 24.01 -28.96
C GLY B 60 1.22 23.18 -29.79
N ASP B 61 0.79 22.81 -30.98
CA ASP B 61 1.65 22.12 -31.92
C ASP B 61 3.02 22.81 -32.18
N ARG B 62 2.99 24.12 -32.18
CA ARG B 62 4.18 24.96 -32.41
C ARG B 62 5.15 24.94 -31.27
N PHE B 63 4.74 24.40 -30.11
CA PHE B 63 5.58 24.29 -28.94
C PHE B 63 6.03 22.85 -28.71
N GLY B 64 5.86 21.95 -29.70
CA GLY B 64 6.25 20.60 -29.48
C GLY B 64 5.49 19.92 -28.35
N TYR B 65 4.18 20.14 -28.32
CA TYR B 65 3.32 19.69 -27.26
C TYR B 65 3.19 18.18 -27.19
N ALA B 66 3.54 17.66 -26.04
CA ALA B 66 3.50 16.24 -25.83
C ALA B 66 2.06 15.86 -25.53
N ARG B 67 1.45 15.14 -26.46
CA ARG B 67 0.03 14.80 -26.33
C ARG B 67 -0.28 13.60 -25.45
N MET B 68 0.76 12.89 -24.94
CA MET B 68 0.51 11.82 -24.00
C MET B 68 0.82 12.29 -22.57
N GLN B 69 2.09 12.54 -22.27
CA GLN B 69 2.45 12.81 -20.86
C GLN B 69 3.89 13.33 -20.75
N LEU B 70 4.24 13.78 -19.54
CA LEU B 70 5.62 13.90 -19.11
C LEU B 70 5.96 12.72 -18.27
N THR B 71 7.08 12.09 -18.54
CA THR B 71 7.59 11.02 -17.68
C THR B 71 8.75 11.60 -16.84
N GLU B 72 8.69 11.36 -15.53
CA GLU B 72 9.60 11.99 -14.57
C GLU B 72 10.29 10.93 -13.71
N HIS B 73 11.61 10.97 -13.69
CA HIS B 73 12.36 10.09 -12.80
C HIS B 73 13.18 10.93 -11.87
N HIS B 74 13.39 10.47 -10.62
CA HIS B 74 14.39 11.00 -9.70
C HIS B 74 15.39 9.88 -9.44
N TRP B 75 16.62 10.15 -9.89
CA TRP B 75 17.78 9.23 -9.87
C TRP B 75 18.71 9.54 -8.74
N LEU B 76 19.32 8.51 -8.15
CA LEU B 76 20.44 8.68 -7.26
C LEU B 76 21.80 8.51 -7.92
N VAL B 77 21.80 7.84 -9.07
CA VAL B 77 23.00 7.68 -9.88
C VAL B 77 22.68 8.00 -11.32
N SER B 78 23.70 8.32 -12.08
CA SER B 78 23.51 8.58 -13.50
C SER B 78 23.18 7.33 -14.32
N ASP B 79 22.01 7.35 -14.95
CA ASP B 79 21.55 6.25 -15.80
C ASP B 79 22.45 6.06 -17.03
N LEU B 80 23.34 7.02 -17.29
CA LEU B 80 24.20 6.98 -18.48
C LEU B 80 25.61 6.50 -18.17
N ASP B 81 25.87 6.14 -16.92
CA ASP B 81 27.13 5.38 -16.58
C ASP B 81 27.13 4.08 -17.40
N PRO B 82 28.22 3.81 -18.13
CA PRO B 82 28.25 2.62 -18.98
C PRO B 82 28.04 1.29 -18.23
N ARG B 83 28.34 1.27 -16.94
CA ARG B 83 28.14 0.03 -16.20
C ARG B 83 26.65 -0.33 -16.10
N LEU B 84 25.79 0.68 -16.21
CA LEU B 84 24.35 0.51 -16.11
C LEU B 84 23.71 -0.02 -17.38
N GLU B 85 24.53 -0.16 -18.43
CA GLU B 85 24.02 -0.75 -19.68
C GLU B 85 23.66 -2.21 -19.50
N ILE B 86 24.28 -2.91 -18.57
CA ILE B 86 23.97 -4.32 -18.42
C ILE B 86 22.76 -4.53 -17.49
N LYS B 87 21.79 -5.31 -17.96
CA LYS B 87 20.54 -5.56 -17.27
C LYS B 87 20.15 -7.01 -17.47
N ALA B 88 19.76 -7.67 -16.38
CA ALA B 88 19.34 -9.05 -16.50
C ALA B 88 18.17 -9.24 -17.50
N ILE B 89 17.13 -8.41 -17.36
CA ILE B 89 15.97 -8.46 -18.21
C ILE B 89 15.88 -7.07 -18.89
N ALA B 90 15.89 -7.07 -20.21
CA ALA B 90 15.74 -5.88 -20.98
C ALA B 90 14.28 -5.53 -21.15
N GLU B 91 13.99 -4.25 -21.41
CA GLU B 91 12.62 -3.85 -21.56
C GLU B 91 11.97 -4.37 -22.82
N THR B 92 10.69 -4.70 -22.74
CA THR B 92 9.92 -5.08 -23.90
C THR B 92 9.52 -3.79 -24.61
N PHE B 93 10.05 -3.62 -25.82
CA PHE B 93 9.90 -2.37 -26.49
C PHE B 93 9.62 -2.54 -28.00
N PRO B 94 8.35 -2.65 -28.39
CA PRO B 94 8.10 -2.83 -29.85
C PRO B 94 8.41 -1.58 -30.63
N MET B 95 8.82 -1.73 -31.89
N MET B 95 8.83 -1.75 -31.89
CA MET B 95 9.12 -0.58 -32.70
CA MET B 95 9.10 -0.64 -32.74
C MET B 95 7.87 0.27 -32.92
C MET B 95 7.87 0.25 -32.90
N ASP B 96 6.68 -0.34 -32.82
CA ASP B 96 5.45 0.45 -32.95
C ASP B 96 5.39 1.63 -31.93
N VAL B 97 5.97 1.46 -30.75
CA VAL B 97 5.99 2.58 -29.75
C VAL B 97 6.60 3.84 -30.34
N LEU B 98 7.64 3.66 -31.14
CA LEU B 98 8.28 4.76 -31.81
C LEU B 98 7.40 5.42 -32.86
N VAL B 99 6.56 4.65 -33.49
CA VAL B 99 5.59 5.21 -34.43
C VAL B 99 4.54 6.02 -33.63
N TRP B 100 4.03 5.44 -32.56
CA TRP B 100 2.93 6.10 -31.77
C TRP B 100 3.40 7.42 -31.23
N GLN B 101 4.67 7.49 -30.84
CA GLN B 101 5.27 8.69 -30.23
C GLN B 101 5.80 9.66 -31.24
N GLY B 102 5.91 9.24 -32.50
CA GLY B 102 6.43 10.12 -33.52
C GLY B 102 7.93 10.11 -33.80
N GLN B 103 8.67 9.20 -33.16
CA GLN B 103 10.09 9.03 -33.46
C GLN B 103 10.31 8.42 -34.85
N ILE B 104 9.36 7.63 -35.31
CA ILE B 104 9.30 7.15 -36.70
C ILE B 104 8.10 7.81 -37.35
N PRO B 105 8.33 8.52 -38.45
CA PRO B 105 7.26 9.33 -39.07
C PRO B 105 6.24 8.49 -39.80
N ALA B 106 5.05 9.07 -39.98
CA ALA B 106 3.96 8.46 -40.75
C ALA B 106 4.35 8.23 -42.20
N ALA B 107 5.16 9.14 -42.77
CA ALA B 107 5.71 9.04 -44.14
C ALA B 107 6.03 7.59 -44.61
N ALA B 108 6.66 6.79 -43.75
CA ALA B 108 6.66 5.32 -43.88
C ALA B 108 6.39 4.74 -42.49
N HIS B 109 5.14 4.32 -42.22
CA HIS B 109 4.72 3.95 -40.85
C HIS B 109 4.00 2.65 -40.85
N ALA B 130 7.31 13.63 -42.97
CA ALA B 130 8.60 13.30 -43.60
C ALA B 130 9.68 12.86 -42.59
N GLU B 131 9.78 13.63 -41.50
CA GLU B 131 10.86 13.48 -40.51
C GLU B 131 10.30 12.94 -39.18
N GLY B 132 11.08 12.12 -38.51
CA GLY B 132 10.69 11.66 -37.17
C GLY B 132 11.06 12.73 -36.16
N ASN B 133 10.51 12.64 -34.95
CA ASN B 133 10.89 13.58 -33.89
C ASN B 133 11.82 12.87 -32.89
N PRO B 134 12.80 13.57 -32.33
CA PRO B 134 13.76 12.90 -31.49
C PRO B 134 13.15 12.54 -30.13
N PHE B 135 13.79 11.60 -29.45
CA PHE B 135 13.44 11.21 -28.08
C PHE B 135 14.16 12.25 -27.19
N ILE B 136 13.39 13.08 -26.49
CA ILE B 136 13.98 14.16 -25.67
C ILE B 136 13.86 13.72 -24.20
N PHE B 137 15.02 13.58 -23.59
CA PHE B 137 15.24 13.01 -22.27
C PHE B 137 16.24 13.96 -21.63
N ALA B 138 15.70 14.87 -20.82
CA ALA B 138 16.47 15.97 -20.20
C ALA B 138 16.72 15.73 -18.73
N PHE B 139 18.00 15.74 -18.34
CA PHE B 139 18.42 15.58 -16.94
C PHE B 139 18.64 16.97 -16.32
N LEU B 140 18.15 17.13 -15.11
CA LEU B 140 18.22 18.37 -14.33
C LEU B 140 18.68 18.06 -12.94
N PRO B 141 19.16 19.09 -12.20
CA PRO B 141 19.24 18.90 -10.74
C PRO B 141 17.84 18.69 -10.16
N MET B 142 17.78 18.10 -8.97
CA MET B 142 16.48 17.86 -8.33
C MET B 142 15.75 19.11 -7.92
N TRP B 143 16.47 20.24 -7.80
CA TRP B 143 15.87 21.52 -7.36
C TRP B 143 16.05 22.52 -8.47
N TRP B 144 15.00 23.31 -8.71
CA TRP B 144 15.03 24.31 -9.74
C TRP B 144 16.16 25.29 -9.42
N GLU B 145 16.85 25.72 -10.47
CA GLU B 145 18.00 26.62 -10.25
C GLU B 145 17.63 28.08 -10.10
N LYS B 146 16.56 28.50 -10.76
CA LYS B 146 16.14 29.87 -10.81
C LYS B 146 14.67 30.01 -10.51
N ASP B 147 14.35 30.86 -9.56
CA ASP B 147 12.96 31.10 -9.16
C ASP B 147 12.69 32.49 -9.67
N LEU B 148 11.98 32.59 -10.76
CA LEU B 148 11.89 33.84 -11.50
C LEU B 148 10.59 34.62 -11.25
N LYS B 149 9.54 33.95 -10.78
CA LYS B 149 8.31 34.59 -10.37
C LYS B 149 7.49 33.67 -9.51
N GLY B 150 6.86 34.23 -8.49
CA GLY B 150 5.88 33.51 -7.67
C GLY B 150 6.43 32.80 -6.46
N LYS B 151 7.66 33.09 -6.08
CA LYS B 151 8.22 32.53 -4.85
C LYS B 151 7.25 32.64 -3.69
N GLY B 152 7.12 31.56 -2.92
CA GLY B 152 6.20 31.58 -1.82
C GLY B 152 4.79 31.05 -2.13
N ARG B 153 4.48 30.81 -3.40
CA ARG B 153 3.15 30.30 -3.73
C ARG B 153 2.96 28.95 -3.05
N THR B 154 1.79 28.73 -2.45
CA THR B 154 1.47 27.47 -1.78
C THR B 154 0.35 26.75 -2.56
N ILE B 155 0.05 25.51 -2.19
CA ILE B 155 -1.05 24.81 -2.87
C ILE B 155 -2.41 25.42 -2.51
N GLU B 156 -2.46 26.16 -1.39
CA GLU B 156 -3.69 26.84 -0.98
C GLU B 156 -4.03 27.95 -1.95
N ASP B 157 -3.04 28.46 -2.66
CA ASP B 157 -3.27 29.54 -3.62
C ASP B 157 -4.11 29.12 -4.85
N GLY B 158 -4.35 27.82 -5.05
CA GLY B 158 -5.25 27.39 -6.11
C GLY B 158 -4.62 26.53 -7.20
N ALA B 159 -5.48 25.99 -8.03
CA ALA B 159 -5.05 25.05 -9.05
C ALA B 159 -4.21 25.68 -10.07
N ASN B 160 -3.12 25.02 -10.47
CA ASN B 160 -2.24 25.55 -11.49
C ASN B 160 -2.36 24.84 -12.84
N TYR B 161 -2.26 25.59 -13.94
CA TYR B 161 -2.07 25.02 -15.31
C TYR B 161 -0.55 25.16 -15.56
N ARG B 162 0.18 24.06 -15.37
CA ARG B 162 1.67 24.09 -15.33
C ARG B 162 2.27 23.74 -16.67
N PHE B 163 2.79 24.77 -17.34
CA PHE B 163 3.29 24.60 -18.69
C PHE B 163 4.81 24.43 -18.58
N ASN B 164 5.22 23.19 -18.79
CA ASN B 164 6.61 22.82 -18.75
C ASN B 164 7.15 22.78 -20.17
N MET B 165 8.19 23.53 -20.44
CA MET B 165 8.72 23.68 -21.78
C MET B 165 10.25 23.54 -21.73
N THR B 166 10.81 22.77 -22.67
CA THR B 166 12.24 22.67 -22.80
C THR B 166 12.59 23.26 -24.18
N ILE B 167 13.71 23.93 -24.22
CA ILE B 167 14.21 24.56 -25.43
C ILE B 167 15.68 24.26 -25.62
N GLY B 168 16.08 24.18 -26.87
CA GLY B 168 17.48 23.95 -27.24
C GLY B 168 17.78 24.80 -28.45
N PHE B 169 18.82 25.64 -28.40
CA PHE B 169 19.10 26.57 -29.48
C PHE B 169 19.65 25.83 -30.68
N PRO B 170 19.44 26.37 -31.87
CA PRO B 170 19.87 25.63 -33.06
C PRO B 170 21.37 25.54 -33.14
N GLU B 171 21.81 24.56 -33.91
CA GLU B 171 23.23 24.39 -34.19
C GLU B 171 23.77 25.67 -34.73
N GLY B 172 24.92 26.06 -34.22
CA GLY B 172 25.50 27.30 -34.67
C GLY B 172 25.29 28.47 -33.75
N VAL B 173 24.27 28.40 -32.87
CA VAL B 173 23.98 29.50 -32.01
C VAL B 173 24.76 29.32 -30.71
N ASP B 174 25.53 30.35 -30.37
CA ASP B 174 26.26 30.39 -29.19
C ASP B 174 25.29 30.27 -27.99
N LYS B 175 25.58 29.40 -27.06
CA LYS B 175 24.67 29.18 -25.94
C LYS B 175 24.49 30.43 -25.09
N ALA B 176 25.56 31.19 -24.91
CA ALA B 176 25.44 32.44 -24.17
C ALA B 176 24.54 33.44 -24.90
N GLU B 177 24.56 33.46 -26.24
CA GLU B 177 23.67 34.33 -27.05
CA GLU B 177 23.67 34.37 -26.95
C GLU B 177 22.22 33.91 -26.85
N GLY B 178 21.98 32.61 -26.87
CA GLY B 178 20.62 32.11 -26.65
C GLY B 178 20.14 32.46 -25.24
N GLU B 179 20.99 32.27 -24.24
CA GLU B 179 20.64 32.58 -22.86
C GLU B 179 20.30 34.08 -22.74
N LYS B 180 21.10 34.89 -23.37
CA LYS B 180 20.84 36.31 -23.30
C LYS B 180 19.51 36.67 -23.92
N TRP B 181 19.17 36.08 -25.06
CA TRP B 181 17.84 36.29 -25.66
C TRP B 181 16.70 35.88 -24.72
N LEU B 182 16.87 34.70 -24.14
CA LEU B 182 15.88 34.15 -23.26
C LEU B 182 15.63 35.15 -22.11
N PHE B 183 16.70 35.57 -21.46
CA PHE B 183 16.54 36.48 -20.31
C PHE B 183 16.23 37.93 -20.64
N GLU B 184 16.80 38.46 -21.69
CA GLU B 184 16.52 39.85 -22.09
C GLU B 184 15.13 40.01 -22.64
N LYS B 185 14.64 39.04 -23.41
CA LYS B 185 13.45 39.24 -24.22
C LYS B 185 12.25 38.45 -23.73
N VAL B 186 12.46 37.21 -23.32
CA VAL B 186 11.35 36.31 -23.03
C VAL B 186 10.92 36.41 -21.58
N VAL B 187 11.84 36.19 -20.66
CA VAL B 187 11.52 36.20 -19.24
C VAL B 187 10.78 37.49 -18.78
N PRO B 188 11.17 38.67 -19.27
CA PRO B 188 10.42 39.87 -18.81
C PRO B 188 8.92 39.88 -19.16
N ILE B 189 8.58 39.28 -20.31
CA ILE B 189 7.19 39.19 -20.75
C ILE B 189 6.45 38.26 -19.76
N LEU B 190 7.09 37.15 -19.37
CA LEU B 190 6.48 36.19 -18.45
C LEU B 190 6.29 36.85 -17.13
N GLN B 191 7.29 37.55 -16.66
CA GLN B 191 7.18 38.19 -15.34
C GLN B 191 6.12 39.27 -15.30
N ALA B 192 6.00 40.03 -16.39
CA ALA B 192 5.05 41.12 -16.45
C ALA B 192 3.59 40.67 -16.56
N ALA B 193 3.32 39.48 -17.06
CA ALA B 193 1.96 39.04 -17.30
C ALA B 193 1.25 38.67 -16.00
N PRO B 194 0.10 39.31 -15.71
CA PRO B 194 -0.61 38.91 -14.50
C PRO B 194 -1.17 37.52 -14.60
N GLU B 195 -1.35 37.02 -15.82
CA GLU B 195 -1.87 35.67 -16.03
C GLU B 195 -0.85 34.60 -15.63
N CYS B 196 0.42 34.97 -15.58
CA CYS B 196 1.52 34.05 -15.22
C CYS B 196 1.76 34.15 -13.72
N THR B 197 1.56 33.04 -13.00
CA THR B 197 1.70 33.04 -11.59
C THR B 197 3.02 32.48 -11.06
N ARG B 198 3.79 31.84 -11.90
CA ARG B 198 5.04 31.18 -11.51
C ARG B 198 5.92 30.98 -12.71
N VAL B 199 7.23 31.24 -12.51
CA VAL B 199 8.22 30.92 -13.48
C VAL B 199 9.42 30.32 -12.76
N LEU B 200 9.81 29.14 -13.22
CA LEU B 200 10.98 28.41 -12.71
C LEU B 200 11.86 27.99 -13.88
N ALA B 201 13.16 27.92 -13.67
CA ALA B 201 14.03 27.45 -14.73
C ALA B 201 15.24 26.73 -14.19
N SER B 202 15.70 25.78 -14.99
CA SER B 202 16.98 25.10 -14.74
C SER B 202 17.71 24.86 -16.07
N ALA B 203 19.03 24.92 -16.03
CA ALA B 203 19.85 24.51 -17.14
C ALA B 203 19.87 22.99 -17.25
N VAL B 204 19.72 22.48 -18.47
CA VAL B 204 19.81 21.06 -18.75
C VAL B 204 21.25 20.60 -18.53
N LYS B 205 21.39 19.47 -17.87
CA LYS B 205 22.73 18.87 -17.66
C LYS B 205 23.18 18.28 -18.99
N LYS B 206 24.08 18.97 -19.64
CA LYS B 206 24.57 18.59 -20.96
C LYS B 206 25.68 17.50 -20.90
N ASP B 207 26.12 17.13 -19.74
CA ASP B 207 27.23 16.20 -19.61
C ASP B 207 26.69 14.77 -19.38
N ILE B 208 25.38 14.55 -19.38
CA ILE B 208 24.85 13.24 -18.99
C ILE B 208 24.59 12.41 -20.22
N ASN B 209 23.78 12.91 -21.15
CA ASN B 209 23.32 12.08 -22.24
C ASN B 209 23.33 12.77 -23.59
N GLY B 210 24.00 13.90 -23.70
CA GLY B 210 24.04 14.60 -25.00
C GLY B 210 22.72 15.28 -25.40
N CYS B 211 21.81 15.53 -24.45
CA CYS B 211 20.50 16.07 -24.82
C CYS B 211 20.73 17.39 -25.54
N VAL B 212 20.02 17.62 -26.63
N VAL B 212 20.00 17.58 -26.63
CA VAL B 212 20.16 18.88 -27.36
CA VAL B 212 20.05 18.81 -27.42
C VAL B 212 19.51 20.08 -26.66
C VAL B 212 19.57 20.03 -26.61
N MET B 213 18.66 19.82 -25.68
CA MET B 213 18.02 20.91 -24.95
C MET B 213 19.00 21.62 -24.02
N ASP B 214 18.77 22.91 -23.82
CA ASP B 214 19.59 23.77 -22.98
C ASP B 214 18.91 24.25 -21.70
N TRP B 215 17.59 24.42 -21.73
CA TRP B 215 16.83 24.90 -20.59
C TRP B 215 15.55 24.12 -20.45
N VAL B 216 15.11 23.96 -19.21
CA VAL B 216 13.74 23.57 -18.91
C VAL B 216 13.16 24.70 -18.08
N LEU B 217 12.01 25.20 -18.51
CA LEU B 217 11.24 26.21 -17.82
C LEU B 217 9.90 25.63 -17.43
N GLU B 218 9.38 26.08 -16.30
CA GLU B 218 8.01 25.80 -16.00
C GLU B 218 7.31 27.10 -15.68
N ILE B 219 6.16 27.29 -16.31
CA ILE B 219 5.46 28.57 -16.39
C ILE B 219 4.03 28.29 -16.05
N TRP B 220 3.54 28.86 -14.95
CA TRP B 220 2.21 28.51 -14.55
C TRP B 220 1.22 29.58 -14.91
N PHE B 221 0.02 29.10 -15.19
CA PHE B 221 -1.14 29.92 -15.47
C PHE B 221 -2.31 29.42 -14.69
N GLU B 222 -3.40 30.15 -14.73
CA GLU B 222 -4.66 29.70 -14.15
C GLU B 222 -5.32 28.68 -15.07
N ASN B 223 -5.17 28.84 -16.38
CA ASN B 223 -5.91 28.05 -17.33
C ASN B 223 -5.33 28.25 -18.72
N GLN B 224 -5.87 27.51 -19.67
CA GLN B 224 -5.43 27.55 -21.03
C GLN B 224 -5.58 28.93 -21.63
N SER B 225 -6.66 29.64 -21.33
CA SER B 225 -6.84 31.00 -21.88
C SER B 225 -5.69 31.92 -21.44
N GLY B 226 -5.23 31.75 -20.20
CA GLY B 226 -4.12 32.58 -19.67
C GLY B 226 -2.82 32.20 -20.38
N TRP B 227 -2.62 30.91 -20.58
CA TRP B 227 -1.44 30.39 -21.33
C TRP B 227 -1.40 31.02 -22.71
N TYR B 228 -2.56 31.01 -23.39
CA TYR B 228 -2.62 31.54 -24.75
C TYR B 228 -2.32 33.05 -24.79
N LYS B 229 -2.96 33.80 -23.92
CA LYS B 229 -2.76 35.25 -23.85
C LYS B 229 -1.27 35.57 -23.74
N VAL B 230 -0.55 34.83 -22.91
CA VAL B 230 0.85 35.16 -22.69
C VAL B 230 1.76 34.54 -23.76
N MET B 231 1.59 33.25 -24.04
CA MET B 231 2.57 32.51 -24.86
C MET B 231 2.35 32.70 -26.34
N VAL B 232 1.13 33.11 -26.71
CA VAL B 232 0.80 33.47 -28.08
C VAL B 232 0.64 34.98 -28.23
N ASP B 233 -0.33 35.60 -27.57
CA ASP B 233 -0.57 37.05 -27.85
C ASP B 233 0.54 37.98 -27.34
N ASP B 234 0.99 37.83 -26.11
CA ASP B 234 2.01 38.75 -25.57
C ASP B 234 3.34 38.56 -26.27
N MET B 235 3.60 37.34 -26.77
CA MET B 235 4.87 37.05 -27.42
C MET B 235 4.94 37.61 -28.86
N LYS B 236 3.82 38.04 -29.38
CA LYS B 236 3.80 38.66 -30.70
C LYS B 236 4.65 39.95 -30.71
N ALA B 237 4.90 40.56 -29.56
CA ALA B 237 5.77 41.74 -29.48
C ALA B 237 7.24 41.40 -29.77
N LEU B 238 7.63 40.14 -29.69
CA LEU B 238 9.03 39.82 -29.89
C LEU B 238 9.45 40.00 -31.36
N GLU B 239 10.66 40.49 -31.56
CA GLU B 239 11.30 40.40 -32.87
C GLU B 239 11.73 38.97 -33.20
N LYS B 240 11.60 38.56 -34.45
CA LYS B 240 12.07 37.25 -34.88
C LYS B 240 13.62 37.19 -34.88
N PRO B 241 14.23 36.30 -34.07
CA PRO B 241 15.71 36.19 -34.05
C PRO B 241 16.23 35.70 -35.39
N SER B 242 17.47 36.05 -35.71
CA SER B 242 18.12 35.63 -36.92
C SER B 242 18.15 34.12 -37.06
N TRP B 243 18.19 33.41 -35.93
CA TRP B 243 18.27 31.96 -35.93
C TRP B 243 16.93 31.25 -35.89
N ALA B 244 15.84 32.00 -35.97
CA ALA B 244 14.53 31.42 -35.85
C ALA B 244 14.31 30.27 -36.81
N GLN B 245 13.63 29.24 -36.33
CA GLN B 245 13.25 28.11 -37.12
C GLN B 245 11.77 28.08 -37.43
N GLN B 246 11.01 28.99 -36.86
CA GLN B 246 9.61 29.21 -37.21
C GLN B 246 9.38 30.67 -37.00
N ASP B 247 8.25 31.16 -37.49
CA ASP B 247 8.05 32.59 -37.62
C ASP B 247 7.67 33.27 -36.32
N ALA B 248 7.04 32.51 -35.41
CA ALA B 248 6.57 33.06 -34.14
C ALA B 248 7.21 32.31 -32.96
N PHE B 249 7.19 32.98 -31.81
CA PHE B 249 7.62 32.37 -30.55
C PHE B 249 7.00 30.99 -30.41
N PRO B 250 7.84 29.98 -30.11
CA PRO B 250 9.17 30.02 -29.55
C PRO B 250 10.33 30.12 -30.54
N PHE B 251 10.05 30.24 -31.85
CA PHE B 251 11.10 30.44 -32.85
C PHE B 251 12.01 29.23 -32.99
N LEU B 252 11.55 28.04 -32.55
CA LEU B 252 12.30 26.85 -32.48
C LEU B 252 11.49 25.73 -33.13
N LYS B 253 12.19 24.78 -33.70
CA LYS B 253 11.57 23.66 -34.45
C LYS B 253 10.77 22.75 -33.54
N PRO B 254 9.45 22.72 -33.72
CA PRO B 254 8.61 21.95 -32.86
C PRO B 254 9.07 20.51 -32.80
N TYR B 255 9.10 19.99 -31.58
CA TYR B 255 9.50 18.63 -31.27
C TYR B 255 11.01 18.32 -31.46
N HIS B 256 11.81 19.20 -32.05
CA HIS B 256 13.24 19.00 -32.20
C HIS B 256 14.04 19.89 -31.32
N ASN B 257 13.65 21.16 -31.25
CA ASN B 257 14.30 22.21 -30.48
C ASN B 257 13.38 22.81 -29.40
N VAL B 258 12.11 22.41 -29.39
CA VAL B 258 11.21 22.72 -28.27
C VAL B 258 10.19 21.59 -28.08
N CYS B 259 9.97 21.20 -26.83
CA CYS B 259 8.94 20.27 -26.44
C CYS B 259 8.26 20.85 -25.19
N SER B 260 7.02 20.42 -24.94
CA SER B 260 6.29 20.99 -23.79
C SER B 260 5.13 20.11 -23.44
N ALA B 261 4.57 20.37 -22.26
CA ALA B 261 3.33 19.80 -21.80
C ALA B 261 2.72 20.73 -20.76
N ALA B 262 1.39 20.85 -20.74
CA ALA B 262 0.68 21.49 -19.65
C ALA B 262 0.14 20.38 -18.78
N VAL B 263 0.42 20.44 -17.51
CA VAL B 263 0.03 19.39 -16.59
C VAL B 263 -0.58 19.94 -15.30
N ALA B 264 -1.31 19.08 -14.61
CA ALA B 264 -1.88 19.40 -13.30
C ALA B 264 -0.87 19.28 -12.16
N ASP B 265 -1.22 19.82 -10.99
CA ASP B 265 -0.40 19.76 -9.80
C ASP B 265 -0.22 18.34 -9.33
N TYR B 266 -1.22 17.50 -9.55
CA TYR B 266 -1.25 16.16 -8.99
C TYR B 266 -1.35 15.13 -10.12
N THR B 267 -0.69 13.98 -9.90
CA THR B 267 -0.94 12.82 -10.75
C THR B 267 -1.27 11.59 -9.91
N PRO B 268 -2.22 10.78 -10.36
CA PRO B 268 -2.39 9.50 -9.70
C PRO B 268 -1.31 8.47 -10.02
N SER B 269 -0.52 8.73 -11.05
CA SER B 269 0.49 7.78 -11.52
C SER B 269 1.85 8.09 -10.89
N ASN B 270 1.93 7.87 -9.58
CA ASN B 270 3.16 7.92 -8.82
C ASN B 270 3.56 6.44 -8.64
N ASN B 271 4.32 5.97 -9.63
CA ASN B 271 4.34 4.56 -9.96
C ASN B 271 5.00 3.68 -8.92
N LEU B 272 6.05 4.17 -8.24
CA LEU B 272 6.67 3.37 -7.21
C LEU B 272 5.77 3.15 -6.02
N ALA B 273 4.78 4.01 -5.85
CA ALA B 273 3.92 3.93 -4.71
C ALA B 273 2.56 3.33 -5.02
N ASN B 274 2.07 3.54 -6.22
CA ASN B 274 0.62 3.47 -6.48
C ASN B 274 0.29 2.34 -7.45
N TYR B 275 1.28 1.68 -8.01
CA TYR B 275 0.99 0.69 -9.06
C TYR B 275 0.65 -0.66 -8.52
N ARG B 276 -0.45 -1.23 -9.01
CA ARG B 276 -0.90 -2.52 -8.53
C ARG B 276 -1.21 -3.50 -9.63
N GLY B 277 -0.55 -3.37 -10.75
CA GLY B 277 -0.85 -4.22 -11.87
C GLY B 277 -1.87 -3.63 -12.81
N TYR B 278 -2.09 -4.29 -13.96
CA TYR B 278 -2.93 -3.69 -15.01
C TYR B 278 -4.34 -4.24 -14.84
N ILE B 279 -5.05 -3.69 -13.87
CA ILE B 279 -6.40 -4.10 -13.52
C ILE B 279 -7.36 -3.49 -14.57
N THR B 280 -8.21 -4.32 -15.18
CA THR B 280 -9.06 -3.82 -16.24
C THR B 280 -10.50 -3.54 -15.77
N MET B 281 -11.13 -2.54 -16.38
CA MET B 281 -12.51 -2.16 -16.08
C MET B 281 -13.46 -3.29 -16.41
N ARG B 282 -14.44 -3.45 -15.55
CA ARG B 282 -15.48 -4.48 -15.69
C ARG B 282 -16.61 -4.06 -16.65
N ALA C 1 -26.50 -23.57 6.73
CA ALA C 1 -27.61 -22.60 6.75
C ALA C 1 -27.06 -21.23 6.36
N ASP C 2 -27.97 -20.32 6.04
CA ASP C 2 -27.62 -19.00 5.58
C ASP C 2 -26.96 -18.17 6.70
N PHE C 3 -26.18 -17.18 6.30
CA PHE C 3 -25.69 -16.13 7.16
C PHE C 3 -26.39 -14.85 6.75
N LYS C 4 -26.88 -14.13 7.74
CA LYS C 4 -27.62 -12.90 7.50
C LYS C 4 -26.67 -11.73 7.27
N PHE C 5 -26.96 -10.96 6.22
CA PHE C 5 -26.33 -9.67 5.98
C PHE C 5 -26.75 -8.71 7.05
N GLU C 6 -25.78 -8.29 7.86
CA GLU C 6 -26.06 -7.50 9.07
C GLU C 6 -24.98 -6.43 9.21
N PRO C 7 -25.00 -5.47 8.33
CA PRO C 7 -23.99 -4.40 8.37
C PRO C 7 -24.10 -3.61 9.66
N MET C 8 -22.99 -3.46 10.40
CA MET C 8 -23.02 -2.77 11.70
C MET C 8 -21.69 -2.07 11.91
N ARG C 9 -21.72 -1.03 12.74
CA ARG C 9 -20.56 -0.42 13.26
C ARG C 9 -20.54 -0.72 14.78
N SER C 10 -19.41 -1.14 15.34
CA SER C 10 -19.27 -1.39 16.76
C SER C 10 -18.18 -0.50 17.33
N LEU C 11 -18.31 -0.18 18.61
CA LEU C 11 -17.35 0.60 19.35
C LEU C 11 -17.03 -0.12 20.67
N ILE C 12 -15.74 -0.22 20.95
CA ILE C 12 -15.21 -0.74 22.19
C ILE C 12 -14.47 0.41 22.88
N TYR C 13 -14.76 0.62 24.15
CA TYR C 13 -14.16 1.71 24.93
C TYR C 13 -12.97 1.15 25.71
N VAL C 14 -11.75 1.44 25.29
CA VAL C 14 -10.56 0.85 25.88
C VAL C 14 -9.83 1.83 26.83
N ASP C 15 -9.92 1.51 28.14
CA ASP C 15 -9.29 2.29 29.15
C ASP C 15 -7.81 1.82 29.36
N CYS C 16 -7.04 2.63 30.07
CA CYS C 16 -5.69 2.29 30.57
C CYS C 16 -5.67 2.88 31.97
N VAL C 17 -5.70 2.04 32.99
CA VAL C 17 -6.00 2.56 34.32
C VAL C 17 -4.83 3.12 35.10
N SER C 18 -3.62 2.91 34.62
CA SER C 18 -2.44 3.57 35.13
C SER C 18 -1.53 3.89 33.98
N GLU C 19 -0.86 5.00 34.07
CA GLU C 19 0.14 5.35 33.06
C GLU C 19 1.25 4.36 33.05
N ASP C 20 1.48 3.66 34.15
CA ASP C 20 2.53 2.64 34.09
C ASP C 20 2.20 1.42 33.20
N TYR C 21 0.92 1.23 32.87
CA TYR C 21 0.53 0.15 32.02
C TYR C 21 0.53 0.53 30.56
N ARG C 22 0.64 1.82 30.26
CA ARG C 22 0.44 2.26 28.88
C ARG C 22 1.37 1.62 27.85
N PRO C 23 2.69 1.54 28.16
CA PRO C 23 3.54 0.93 27.17
C PRO C 23 3.20 -0.52 26.86
N LYS C 24 2.91 -1.29 27.89
CA LYS C 24 2.58 -2.68 27.67
C LYS C 24 1.26 -2.84 26.97
N LEU C 25 0.27 -2.04 27.35
CA LEU C 25 -1.05 -2.14 26.72
C LEU C 25 -0.96 -1.77 25.26
N GLN C 26 -0.28 -0.68 24.98
CA GLN C 26 -0.13 -0.20 23.63
C GLN C 26 0.63 -1.20 22.78
N ARG C 27 1.69 -1.78 23.32
CA ARG C 27 2.42 -2.82 22.59
C ARG C 27 1.49 -4.00 22.22
N TRP C 28 0.72 -4.47 23.18
CA TRP C 28 -0.14 -5.61 22.92
C TRP C 28 -1.11 -5.23 21.81
N ILE C 29 -1.69 -4.03 21.90
CA ILE C 29 -2.67 -3.57 20.92
C ILE C 29 -2.07 -3.61 19.49
N TYR C 30 -0.90 -2.99 19.34
CA TYR C 30 -0.34 -2.77 18.03
C TYR C 30 0.57 -3.89 17.51
N LYS C 31 1.16 -4.66 18.40
CA LYS C 31 2.09 -5.74 18.04
C LYS C 31 1.39 -7.12 17.90
N VAL C 32 0.39 -7.35 18.72
CA VAL C 32 -0.26 -8.65 18.86
C VAL C 32 -1.69 -8.62 18.39
N HIS C 33 -2.48 -7.68 18.92
N HIS C 33 -2.47 -7.67 18.90
CA HIS C 33 -3.92 -7.64 18.69
CA HIS C 33 -3.90 -7.69 18.64
C HIS C 33 -4.31 -7.32 17.26
C HIS C 33 -4.27 -7.39 17.22
N ILE C 34 -3.61 -6.40 16.61
CA ILE C 34 -3.88 -6.06 15.20
C ILE C 34 -3.76 -7.29 14.30
N PRO C 35 -2.61 -8.00 14.31
CA PRO C 35 -2.53 -9.07 13.34
C PRO C 35 -3.43 -10.23 13.66
N ASP C 36 -3.64 -10.52 14.95
CA ASP C 36 -4.54 -11.56 15.34
C ASP C 36 -5.95 -11.25 14.83
N SER C 37 -6.34 -9.99 14.90
CA SER C 37 -7.68 -9.57 14.54
C SER C 37 -7.88 -9.64 13.00
N ILE C 38 -6.98 -9.01 12.28
CA ILE C 38 -6.99 -9.04 10.79
C ILE C 38 -7.03 -10.46 10.28
N SER C 39 -6.19 -11.31 10.85
CA SER C 39 -6.16 -12.74 10.51
C SER C 39 -7.57 -13.34 10.60
N GLN C 40 -8.33 -13.01 11.63
CA GLN C 40 -9.64 -13.60 11.77
C GLN C 40 -10.72 -13.04 10.86
N PHE C 41 -10.78 -11.75 10.74
CA PHE C 41 -11.99 -11.12 10.13
C PHE C 41 -11.84 -10.35 8.84
N GLU C 42 -10.65 -10.32 8.29
CA GLU C 42 -10.41 -9.70 6.98
C GLU C 42 -11.51 -9.95 5.96
N PRO C 43 -12.05 -11.15 5.89
CA PRO C 43 -13.01 -11.36 4.82
C PRO C 43 -14.43 -10.79 5.02
N TYR C 44 -14.76 -10.34 6.22
CA TYR C 44 -16.18 -9.91 6.51
C TYR C 44 -16.25 -8.72 7.42
N VAL C 45 -15.12 -8.05 7.60
CA VAL C 45 -15.03 -6.74 8.29
C VAL C 45 -14.41 -5.80 7.26
N THR C 46 -15.11 -4.70 6.94
CA THR C 46 -14.66 -3.80 5.91
C THR C 46 -13.78 -2.67 6.39
N LYS C 47 -13.77 -2.46 7.70
CA LYS C 47 -12.97 -1.38 8.30
C LYS C 47 -12.72 -1.74 9.76
N TYR C 48 -11.48 -1.53 10.22
CA TYR C 48 -11.05 -1.86 11.58
C TYR C 48 -10.05 -0.75 11.94
N ALA C 49 -10.42 0.07 12.91
CA ALA C 49 -9.65 1.26 13.21
C ALA C 49 -9.60 1.55 14.72
N PHE C 50 -8.52 2.23 15.11
CA PHE C 50 -8.33 2.68 16.50
C PHE C 50 -8.28 4.20 16.48
N TYR C 51 -8.99 4.84 17.40
CA TYR C 51 -8.98 6.30 17.56
C TYR C 51 -8.42 6.57 18.96
N PRO C 52 -7.13 6.96 19.04
CA PRO C 52 -6.59 7.22 20.36
C PRO C 52 -7.34 8.31 21.04
N SER C 53 -7.53 8.16 22.35
CA SER C 53 -8.22 9.15 23.13
C SER C 53 -7.32 10.36 23.33
N PHE C 54 -7.92 11.52 23.24
CA PHE C 54 -7.23 12.74 23.71
C PHE C 54 -7.01 12.64 25.22
N PRO C 55 -6.06 13.42 25.75
CA PRO C 55 -5.85 13.44 27.21
C PRO C 55 -7.16 13.60 27.97
N ILE C 56 -7.31 12.80 29.03
CA ILE C 56 -8.55 12.84 29.81
C ILE C 56 -8.76 14.29 30.31
N PRO C 57 -9.96 14.83 30.04
CA PRO C 57 -10.25 16.19 30.47
C PRO C 57 -10.59 16.24 31.95
N PRO C 58 -10.60 17.44 32.55
CA PRO C 58 -11.02 17.55 33.95
C PRO C 58 -12.41 17.01 34.19
N GLN C 59 -12.54 16.12 35.19
CA GLN C 59 -13.75 15.44 35.54
C GLN C 59 -14.15 14.34 34.56
N GLY C 60 -13.25 14.03 33.62
CA GLY C 60 -13.56 12.98 32.72
C GLY C 60 -13.76 11.63 33.34
N ASP C 61 -13.10 11.41 34.48
CA ASP C 61 -13.29 10.14 35.22
C ASP C 61 -14.78 9.89 35.51
N ARG C 62 -15.52 10.97 35.69
CA ARG C 62 -16.97 10.84 35.96
C ARG C 62 -17.78 10.35 34.78
N PHE C 63 -17.21 10.38 33.58
CA PHE C 63 -17.87 10.00 32.35
C PHE C 63 -17.33 8.65 31.81
N GLY C 64 -16.61 7.91 32.65
CA GLY C 64 -16.05 6.64 32.24
C GLY C 64 -15.11 6.77 31.05
N TYR C 65 -14.25 7.76 31.13
CA TYR C 65 -13.33 8.12 30.02
C TYR C 65 -12.27 7.06 29.75
N ALA C 66 -12.27 6.56 28.51
CA ALA C 66 -11.35 5.58 28.02
C ALA C 66 -10.02 6.24 27.72
N ARG C 67 -9.06 5.94 28.59
CA ARG C 67 -7.74 6.56 28.52
C ARG C 67 -6.83 6.04 27.44
N MET C 68 -7.22 4.97 26.76
CA MET C 68 -6.37 4.43 25.67
C MET C 68 -7.01 4.81 24.31
N GLN C 69 -8.17 4.25 23.98
CA GLN C 69 -8.71 4.45 22.63
C GLN C 69 -10.16 4.00 22.53
N LEU C 70 -10.74 4.41 21.39
CA LEU C 70 -11.95 3.73 20.88
C LEU C 70 -11.49 2.75 19.81
N THR C 71 -12.01 1.55 19.86
CA THR C 71 -11.76 0.57 18.79
C THR C 71 -13.04 0.36 18.00
N GLU C 72 -12.95 0.50 16.69
CA GLU C 72 -14.11 0.58 15.81
C GLU C 72 -14.02 -0.52 14.76
N HIS C 73 -15.08 -1.30 14.63
CA HIS C 73 -15.20 -2.28 13.55
C HIS C 73 -16.42 -1.98 12.74
N HIS C 74 -16.36 -2.25 11.43
CA HIS C 74 -17.52 -2.29 10.60
C HIS C 74 -17.65 -3.72 10.05
N TRP C 75 -18.75 -4.37 10.42
CA TRP C 75 -19.02 -5.77 10.18
C TRP C 75 -20.01 -5.93 9.04
N LEU C 76 -19.89 -7.00 8.26
CA LEU C 76 -20.93 -7.39 7.33
C LEU C 76 -21.83 -8.49 7.86
N VAL C 77 -21.39 -9.20 8.88
CA VAL C 77 -22.17 -10.22 9.55
C VAL C 77 -22.02 -10.05 11.06
N SER C 78 -22.97 -10.60 11.80
CA SER C 78 -22.89 -10.48 13.24
C SER C 78 -21.77 -11.36 13.83
N ASP C 79 -20.84 -10.72 14.53
CA ASP C 79 -19.77 -11.42 15.24
C ASP C 79 -20.30 -12.33 16.33
N LEU C 80 -21.55 -12.17 16.72
CA LEU C 80 -22.08 -12.98 17.82
C LEU C 80 -22.86 -14.18 17.31
N ASP C 81 -22.90 -14.42 16.01
CA ASP C 81 -23.49 -15.67 15.49
C ASP C 81 -22.64 -16.81 16.07
N PRO C 82 -23.25 -17.82 16.70
CA PRO C 82 -22.44 -18.84 17.35
C PRO C 82 -21.50 -19.59 16.41
N ARG C 83 -21.81 -19.61 15.12
CA ARG C 83 -20.93 -20.25 14.13
C ARG C 83 -19.58 -19.57 14.04
N LEU C 84 -19.56 -18.29 14.41
CA LEU C 84 -18.32 -17.51 14.37
C LEU C 84 -17.42 -17.73 15.54
N GLU C 85 -17.85 -18.55 16.47
CA GLU C 85 -17.00 -18.86 17.63
C GLU C 85 -15.80 -19.73 17.22
N ILE C 86 -15.93 -20.49 16.14
CA ILE C 86 -14.83 -21.39 15.72
C ILE C 86 -13.81 -20.60 14.89
N LYS C 87 -12.51 -20.70 15.26
CA LYS C 87 -11.42 -19.99 14.61
C LYS C 87 -10.23 -20.90 14.55
N ALA C 88 -9.62 -20.96 13.38
CA ALA C 88 -8.44 -21.79 13.20
C ALA C 88 -7.36 -21.38 14.19
N ILE C 89 -7.07 -20.09 14.18
CA ILE C 89 -6.07 -19.50 15.07
C ILE C 89 -6.75 -18.55 16.06
N ALA C 90 -6.62 -18.81 17.36
CA ALA C 90 -7.23 -17.96 18.34
C ALA C 90 -6.31 -16.80 18.66
N GLU C 91 -6.89 -15.72 19.15
N GLU C 91 -6.91 -15.73 19.18
CA GLU C 91 -6.08 -14.54 19.46
CA GLU C 91 -6.19 -14.52 19.61
C GLU C 91 -5.33 -14.76 20.77
C GLU C 91 -5.30 -14.80 20.81
N THR C 92 -4.14 -14.18 20.84
CA THR C 92 -3.29 -14.19 22.03
C THR C 92 -3.75 -13.06 22.94
N PHE C 93 -4.33 -13.43 24.10
CA PHE C 93 -5.04 -12.47 24.96
C PHE C 93 -4.84 -12.88 26.41
N PRO C 94 -3.75 -12.43 27.02
CA PRO C 94 -3.50 -12.79 28.46
C PRO C 94 -4.32 -11.97 29.40
N MET C 95 -4.59 -12.48 30.62
CA MET C 95 -5.37 -11.74 31.53
C MET C 95 -4.73 -10.39 31.94
N ASP C 96 -3.41 -10.23 31.80
CA ASP C 96 -2.77 -8.92 32.06
C ASP C 96 -3.47 -7.77 31.31
N VAL C 97 -3.95 -8.07 30.10
CA VAL C 97 -4.62 -7.01 29.31
C VAL C 97 -5.88 -6.49 30.00
N LEU C 98 -6.61 -7.41 30.65
CA LEU C 98 -7.74 -7.06 31.45
C LEU C 98 -7.37 -6.19 32.67
N VAL C 99 -6.25 -6.49 33.29
CA VAL C 99 -5.71 -5.64 34.34
C VAL C 99 -5.43 -4.22 33.82
N TRP C 100 -4.71 -4.14 32.70
CA TRP C 100 -4.33 -2.85 32.16
C TRP C 100 -5.52 -1.95 31.81
N GLN C 101 -6.60 -2.60 31.37
CA GLN C 101 -7.82 -1.95 30.99
C GLN C 101 -8.77 -1.73 32.16
N GLY C 102 -8.49 -2.29 33.33
CA GLY C 102 -9.33 -2.09 34.50
C GLY C 102 -10.52 -3.01 34.62
N GLN C 103 -10.56 -4.05 33.78
CA GLN C 103 -11.60 -5.05 33.90
C GLN C 103 -11.41 -5.99 35.08
N ILE C 104 -10.18 -6.24 35.47
CA ILE C 104 -9.90 -6.97 36.69
C ILE C 104 -8.87 -6.26 37.55
N PRO C 105 -8.84 -6.57 38.86
CA PRO C 105 -7.77 -6.04 39.74
C PRO C 105 -6.39 -6.53 39.42
N ALA C 106 -5.40 -5.69 39.72
CA ALA C 106 -4.00 -5.94 39.34
C ALA C 106 -3.31 -7.12 40.04
N ALA C 107 -3.60 -7.27 41.33
CA ALA C 107 -2.93 -8.30 42.17
C ALA C 107 -3.93 -8.84 43.22
N ALA C 108 -3.89 -10.16 43.50
CA ALA C 108 -4.73 -10.73 44.57
C ALA C 108 -4.55 -9.97 45.91
N HIS C 109 -5.66 -9.64 46.54
CA HIS C 109 -5.74 -9.19 47.95
C HIS C 109 -6.68 -10.13 48.73
N THR C 110 -6.43 -10.36 50.01
CA THR C 110 -7.31 -11.23 50.84
C THR C 110 -6.50 -11.83 51.97
N GLU C 131 -13.93 -4.83 42.36
CA GLU C 131 -14.14 -3.49 41.79
C GLU C 131 -13.80 -3.39 40.27
N GLY C 132 -13.91 -4.48 39.48
CA GLY C 132 -13.54 -4.43 38.02
C GLY C 132 -14.57 -3.65 37.16
N ASN C 133 -14.17 -3.08 36.04
CA ASN C 133 -15.09 -2.42 35.11
C ASN C 133 -15.44 -3.39 33.98
N PRO C 134 -16.65 -3.29 33.41
CA PRO C 134 -17.05 -4.24 32.38
C PRO C 134 -16.40 -3.93 31.04
N PHE C 135 -16.38 -4.90 30.16
CA PHE C 135 -15.95 -4.76 28.77
C PHE C 135 -17.16 -4.23 28.02
N ILE C 136 -17.11 -3.01 27.56
CA ILE C 136 -18.23 -2.41 26.84
C ILE C 136 -17.97 -2.41 25.32
N PHE C 137 -18.82 -3.14 24.62
CA PHE C 137 -18.70 -3.47 23.17
C PHE C 137 -20.14 -3.23 22.65
N ALA C 138 -20.33 -2.07 22.02
CA ALA C 138 -21.66 -1.57 21.61
C ALA C 138 -21.82 -1.66 20.10
N PHE C 139 -22.81 -2.43 19.65
CA PHE C 139 -23.10 -2.54 18.23
C PHE C 139 -24.16 -1.51 17.83
N LEU C 140 -23.98 -0.94 16.66
CA LEU C 140 -24.81 0.15 16.12
C LEU C 140 -25.09 -0.10 14.65
N PRO C 141 -26.14 0.54 14.11
CA PRO C 141 -26.20 0.59 12.63
C PRO C 141 -24.98 1.39 12.09
N MET C 142 -24.62 1.21 10.82
CA MET C 142 -23.47 1.92 10.28
C MET C 142 -23.72 3.43 10.14
N TRP C 143 -25.01 3.83 10.15
CA TRP C 143 -25.39 5.24 10.00
C TRP C 143 -26.08 5.72 11.26
N TRP C 144 -25.68 6.89 11.71
CA TRP C 144 -26.33 7.50 12.88
C TRP C 144 -27.82 7.57 12.63
N GLU C 145 -28.58 7.23 13.66
CA GLU C 145 -30.05 7.30 13.55
C GLU C 145 -30.65 8.68 13.69
N LYS C 146 -30.06 9.52 14.55
CA LYS C 146 -30.60 10.84 14.87
C LYS C 146 -29.53 11.86 14.64
N ASP C 147 -29.84 12.86 13.83
CA ASP C 147 -28.94 13.97 13.54
C ASP C 147 -29.60 15.17 14.21
N LEU C 148 -29.14 15.50 15.39
CA LEU C 148 -29.83 16.46 16.25
C LEU C 148 -29.34 17.90 16.21
N LYS C 149 -28.05 18.07 15.98
CA LYS C 149 -27.46 19.42 15.83
C LYS C 149 -26.30 19.41 14.85
N GLY C 150 -26.19 20.43 14.01
CA GLY C 150 -25.02 20.64 13.16
C GLY C 150 -25.09 20.01 11.78
N LYS C 151 -26.27 19.54 11.37
CA LYS C 151 -26.42 18.90 10.06
C LYS C 151 -25.77 19.74 8.97
N GLY C 152 -24.98 19.06 8.12
CA GLY C 152 -24.32 19.68 6.97
C GLY C 152 -22.92 20.19 7.29
N ARG C 153 -22.47 20.00 8.52
CA ARG C 153 -21.08 20.37 8.88
C ARG C 153 -20.13 19.59 7.99
N THR C 154 -19.12 20.29 7.45
CA THR C 154 -18.13 19.65 6.58
C THR C 154 -16.77 19.66 7.24
N ILE C 155 -15.81 18.97 6.67
CA ILE C 155 -14.45 19.03 7.25
C ILE C 155 -13.84 20.39 7.13
N GLU C 156 -14.30 21.17 6.16
CA GLU C 156 -13.80 22.52 5.96
C GLU C 156 -14.16 23.45 7.13
N ASP C 157 -15.15 23.07 7.93
CA ASP C 157 -15.59 23.90 9.05
C ASP C 157 -14.62 23.85 10.21
N GLY C 158 -13.67 22.91 10.20
CA GLY C 158 -12.55 22.98 11.14
C GLY C 158 -12.42 21.71 11.98
N ALA C 159 -11.40 21.71 12.80
CA ALA C 159 -11.08 20.52 13.65
C ALA C 159 -12.09 20.29 14.74
N ASN C 160 -12.56 19.05 14.90
CA ASN C 160 -13.50 18.72 15.92
C ASN C 160 -12.88 18.01 17.12
N TYR C 161 -13.34 18.37 18.33
CA TYR C 161 -13.10 17.58 19.56
C TYR C 161 -14.33 16.70 19.71
N ARG C 162 -14.23 15.44 19.29
CA ARG C 162 -15.41 14.61 19.15
C ARG C 162 -15.59 13.77 20.38
N PHE C 163 -16.60 14.08 21.16
CA PHE C 163 -16.81 13.39 22.44
C PHE C 163 -17.85 12.32 22.23
N ASN C 164 -17.40 11.08 22.13
CA ASN C 164 -18.29 9.95 21.96
C ASN C 164 -18.64 9.35 23.30
N MET C 165 -19.94 9.22 23.62
CA MET C 165 -20.33 8.77 24.95
C MET C 165 -21.44 7.74 24.84
N THR C 166 -21.35 6.65 25.58
CA THR C 166 -22.40 5.63 25.59
C THR C 166 -22.94 5.58 26.99
N ILE C 167 -24.26 5.45 27.06
CA ILE C 167 -24.97 5.43 28.32
C ILE C 167 -25.99 4.30 28.37
N GLY C 168 -26.13 3.74 29.56
CA GLY C 168 -27.08 2.67 29.80
C GLY C 168 -27.80 2.94 31.11
N PHE C 169 -29.13 3.01 31.05
CA PHE C 169 -29.89 3.36 32.26
C PHE C 169 -29.81 2.24 33.28
N PRO C 170 -29.82 2.58 34.57
CA PRO C 170 -29.69 1.54 35.60
C PRO C 170 -30.86 0.57 35.60
N GLU C 171 -30.65 -0.58 36.22
CA GLU C 171 -31.73 -1.57 36.37
C GLU C 171 -32.92 -0.96 36.99
N GLY C 172 -34.08 -1.30 36.50
CA GLY C 172 -35.32 -0.80 37.06
C GLY C 172 -35.78 0.49 36.41
N VAL C 173 -34.92 1.15 35.61
CA VAL C 173 -35.36 2.39 34.97
C VAL C 173 -36.03 2.07 33.65
N ASP C 174 -37.23 2.60 33.47
CA ASP C 174 -38.00 2.39 32.26
C ASP C 174 -37.20 3.03 31.12
N LYS C 175 -36.94 2.25 30.07
CA LYS C 175 -36.08 2.73 29.00
C LYS C 175 -36.71 3.94 28.30
N ALA C 176 -38.03 3.93 28.10
CA ALA C 176 -38.69 5.08 27.46
C ALA C 176 -38.55 6.36 28.28
N GLU C 177 -38.60 6.24 29.61
CA GLU C 177 -38.41 7.36 30.52
CA GLU C 177 -38.44 7.40 30.47
C GLU C 177 -37.02 7.95 30.37
N GLY C 178 -36.03 7.06 30.35
CA GLY C 178 -34.64 7.49 30.17
C GLY C 178 -34.47 8.16 28.81
N GLU C 179 -35.02 7.55 27.76
CA GLU C 179 -34.98 8.16 26.44
C GLU C 179 -35.54 9.57 26.42
N LYS C 180 -36.72 9.77 27.02
CA LYS C 180 -37.33 11.06 27.06
C LYS C 180 -36.46 12.08 27.79
N TRP C 181 -35.85 11.67 28.89
CA TRP C 181 -34.98 12.54 29.66
C TRP C 181 -33.75 12.97 28.84
N LEU C 182 -33.20 12.00 28.13
CA LEU C 182 -32.03 12.28 27.28
C LEU C 182 -32.38 13.31 26.19
N PHE C 183 -33.47 13.07 25.51
CA PHE C 183 -33.77 13.87 24.34
C PHE C 183 -34.51 15.16 24.63
N GLU C 184 -35.22 15.22 25.76
CA GLU C 184 -36.00 16.40 26.11
C GLU C 184 -35.38 17.24 27.23
N LYS C 185 -34.48 16.67 28.01
CA LYS C 185 -33.77 17.43 29.03
C LYS C 185 -32.28 17.65 28.74
N VAL C 186 -31.56 16.58 28.40
CA VAL C 186 -30.10 16.71 28.15
C VAL C 186 -29.79 17.43 26.86
N VAL C 187 -30.33 16.91 25.76
CA VAL C 187 -29.97 17.43 24.43
C VAL C 187 -30.28 18.94 24.31
N PRO C 188 -31.39 19.43 24.88
CA PRO C 188 -31.63 20.88 24.78
C PRO C 188 -30.55 21.77 25.39
N ILE C 189 -29.79 21.26 26.35
CA ILE C 189 -28.65 22.03 26.87
C ILE C 189 -27.52 22.05 25.84
N LEU C 190 -27.34 20.93 25.12
CA LEU C 190 -26.37 20.86 24.03
C LEU C 190 -26.75 21.82 22.91
N GLN C 191 -28.04 21.87 22.62
CA GLN C 191 -28.55 22.76 21.58
C GLN C 191 -28.27 24.18 21.92
N ALA C 192 -28.53 24.57 23.17
CA ALA C 192 -28.34 25.96 23.59
C ALA C 192 -26.88 26.42 23.63
N ALA C 193 -25.93 25.48 23.73
CA ALA C 193 -24.52 25.81 23.91
C ALA C 193 -23.90 26.10 22.59
N PRO C 194 -23.53 27.36 22.32
CA PRO C 194 -22.89 27.61 21.03
C PRO C 194 -21.53 26.95 20.86
N GLU C 195 -20.97 26.45 21.95
CA GLU C 195 -19.69 25.69 21.92
C GLU C 195 -19.87 24.31 21.29
N CYS C 196 -21.10 23.81 21.26
CA CYS C 196 -21.37 22.45 20.76
C CYS C 196 -21.75 22.56 19.29
N THR C 197 -21.02 21.87 18.40
CA THR C 197 -21.18 22.02 16.98
C THR C 197 -21.92 20.88 16.32
N ARG C 198 -22.15 19.79 17.04
CA ARG C 198 -22.69 18.58 16.43
C ARG C 198 -23.24 17.71 17.52
N VAL C 199 -24.42 17.13 17.30
CA VAL C 199 -24.94 16.11 18.18
C VAL C 199 -25.56 15.02 17.29
N LEU C 200 -25.11 13.78 17.49
CA LEU C 200 -25.57 12.61 16.77
C LEU C 200 -25.88 11.53 17.78
N ALA C 201 -26.85 10.66 17.48
CA ALA C 201 -27.17 9.58 18.38
C ALA C 201 -27.73 8.36 17.64
N SER C 202 -27.45 7.19 18.21
CA SER C 202 -28.05 5.95 17.79
C SER C 202 -28.39 5.11 19.00
N ALA C 203 -29.43 4.30 18.87
CA ALA C 203 -29.75 3.28 19.85
C ALA C 203 -28.79 2.09 19.66
N VAL C 204 -28.33 1.56 20.76
CA VAL C 204 -27.46 0.42 20.75
C VAL C 204 -28.30 -0.78 20.34
N LYS C 205 -27.72 -1.64 19.54
CA LYS C 205 -28.39 -2.86 19.15
C LYS C 205 -28.20 -3.87 20.28
N LYS C 206 -29.19 -4.00 21.12
CA LYS C 206 -29.03 -4.79 22.32
C LYS C 206 -29.19 -6.29 22.07
N ASP C 207 -29.90 -6.63 20.99
CA ASP C 207 -30.11 -8.00 20.53
C ASP C 207 -28.84 -8.71 20.05
N ILE C 208 -27.72 -8.03 19.88
CA ILE C 208 -26.52 -8.68 19.34
C ILE C 208 -25.75 -9.40 20.44
N ASN C 209 -25.36 -8.69 21.48
CA ASN C 209 -24.48 -9.20 22.48
C ASN C 209 -24.89 -8.89 23.91
N GLY C 210 -26.10 -8.42 24.14
CA GLY C 210 -26.56 -8.10 25.52
C GLY C 210 -25.89 -6.90 26.18
N CYS C 211 -25.31 -6.01 25.38
CA CYS C 211 -24.67 -4.81 25.94
C CYS C 211 -25.61 -4.06 26.86
N VAL C 212 -25.12 -3.60 28.01
N VAL C 212 -25.08 -3.59 28.00
CA VAL C 212 -25.98 -2.88 28.96
CA VAL C 212 -25.84 -2.85 29.01
C VAL C 212 -26.25 -1.43 28.52
C VAL C 212 -26.31 -1.50 28.45
N MET C 213 -25.51 -0.96 27.53
CA MET C 213 -25.71 0.41 27.04
C MET C 213 -26.96 0.50 26.15
N ASP C 214 -27.60 1.67 26.19
CA ASP C 214 -28.83 1.94 25.47
C ASP C 214 -28.65 2.92 24.31
N TRP C 215 -27.72 3.88 24.47
CA TRP C 215 -27.49 4.91 23.47
C TRP C 215 -26.01 5.11 23.31
N VAL C 216 -25.62 5.45 22.08
CA VAL C 216 -24.34 6.07 21.83
C VAL C 216 -24.63 7.46 21.25
N LEU C 217 -23.97 8.48 21.82
CA LEU C 217 -24.04 9.85 21.33
C LEU C 217 -22.66 10.30 20.93
N GLU C 218 -22.59 11.17 19.95
CA GLU C 218 -21.36 11.86 19.70
C GLU C 218 -21.65 13.34 19.70
N ILE C 219 -20.86 14.12 20.47
CA ILE C 219 -21.14 15.49 20.77
C ILE C 219 -19.87 16.24 20.51
N TRP C 220 -19.84 17.16 19.55
CA TRP C 220 -18.58 17.78 19.18
C TRP C 220 -18.46 19.18 19.79
N PHE C 221 -17.23 19.52 20.06
CA PHE C 221 -16.82 20.82 20.57
C PHE C 221 -15.60 21.28 19.78
N GLU C 222 -15.18 22.51 20.01
CA GLU C 222 -13.93 22.97 19.47
C GLU C 222 -12.73 22.41 20.18
N ASN C 223 -12.89 22.20 21.48
CA ASN C 223 -11.78 21.91 22.35
C ASN C 223 -12.28 21.48 23.71
N GLN C 224 -11.35 21.02 24.51
CA GLN C 224 -11.60 20.56 25.84
C GLN C 224 -12.31 21.63 26.71
N SER C 225 -11.95 22.91 26.58
CA SER C 225 -12.62 23.97 27.40
C SER C 225 -14.11 24.04 27.08
N GLY C 226 -14.43 23.90 25.80
CA GLY C 226 -15.83 23.88 25.35
C GLY C 226 -16.55 22.69 25.93
N TRP C 227 -15.91 21.52 25.88
CA TRP C 227 -16.49 20.31 26.45
C TRP C 227 -16.82 20.53 27.94
N TYR C 228 -15.89 21.09 28.67
CA TYR C 228 -16.07 21.27 30.11
C TYR C 228 -17.19 22.28 30.36
N LYS C 229 -17.17 23.41 29.67
CA LYS C 229 -18.18 24.43 29.86
C LYS C 229 -19.56 23.83 29.72
N VAL C 230 -19.76 23.05 28.67
CA VAL C 230 -21.07 22.44 28.40
C VAL C 230 -21.38 21.20 29.25
N MET C 231 -20.45 20.22 29.33
CA MET C 231 -20.77 18.94 29.92
C MET C 231 -20.65 18.92 31.45
N VAL C 232 -19.94 19.88 32.01
CA VAL C 232 -19.82 20.05 33.44
C VAL C 232 -20.66 21.30 33.83
N ASP C 233 -20.30 22.48 33.38
CA ASP C 233 -20.94 23.69 33.93
C ASP C 233 -22.40 23.82 33.49
N ASP C 234 -22.71 23.72 32.19
CA ASP C 234 -24.09 23.91 31.73
C ASP C 234 -25.02 22.81 32.23
N MET C 235 -24.51 21.61 32.42
CA MET C 235 -25.29 20.48 32.90
C MET C 235 -25.66 20.59 34.38
N LYS C 236 -25.03 21.50 35.12
CA LYS C 236 -25.40 21.71 36.53
C LYS C 236 -26.86 22.15 36.64
N ALA C 237 -27.43 22.69 35.57
CA ALA C 237 -28.84 23.12 35.56
C ALA C 237 -29.83 21.98 35.59
N LEU C 238 -29.42 20.78 35.20
CA LEU C 238 -30.33 19.64 35.23
C LEU C 238 -30.72 19.26 36.66
N GLU C 239 -31.96 18.83 36.85
CA GLU C 239 -32.34 18.24 38.12
C GLU C 239 -31.75 16.88 38.22
N LYS C 240 -31.38 16.48 39.41
CA LYS C 240 -30.83 15.12 39.61
C LYS C 240 -31.94 14.10 39.50
N PRO C 241 -31.87 13.13 38.56
CA PRO C 241 -32.95 12.15 38.48
C PRO C 241 -33.01 11.24 39.71
N SER C 242 -34.15 10.62 39.92
CA SER C 242 -34.34 9.81 41.12
C SER C 242 -33.46 8.57 41.04
N TRP C 243 -33.09 8.15 39.82
CA TRP C 243 -32.27 6.99 39.61
C TRP C 243 -30.78 7.26 39.56
N ALA C 244 -30.38 8.47 39.85
CA ALA C 244 -29.00 8.89 39.68
C ALA C 244 -28.05 8.01 40.46
N GLN C 245 -26.91 7.72 39.85
CA GLN C 245 -25.84 6.92 40.50
C GLN C 245 -24.67 7.76 40.90
N GLN C 246 -24.67 9.03 40.53
CA GLN C 246 -23.69 9.98 41.02
C GLN C 246 -24.41 11.30 41.01
N ASP C 247 -23.81 12.28 41.71
CA ASP C 247 -24.52 13.49 42.03
C ASP C 247 -24.71 14.42 40.87
N ALA C 248 -23.79 14.38 39.89
CA ALA C 248 -23.86 15.26 38.76
C ALA C 248 -23.93 14.50 37.41
N PHE C 249 -24.37 15.19 36.38
CA PHE C 249 -24.45 14.67 35.00
C PHE C 249 -23.09 14.03 34.72
N PRO C 250 -23.10 12.80 34.22
CA PRO C 250 -24.15 12.04 33.60
C PRO C 250 -25.06 11.22 34.50
N PHE C 251 -24.88 11.33 35.82
CA PHE C 251 -25.75 10.67 36.80
C PHE C 251 -25.72 9.15 36.73
N LEU C 252 -24.67 8.60 36.10
CA LEU C 252 -24.54 7.20 35.83
C LEU C 252 -23.18 6.73 36.32
N LYS C 253 -23.13 5.48 36.73
CA LYS C 253 -21.92 4.91 37.34
C LYS C 253 -20.75 4.84 36.31
N PRO C 254 -19.68 5.57 36.58
CA PRO C 254 -18.55 5.65 35.61
C PRO C 254 -18.02 4.25 35.27
N TYR C 255 -17.86 4.00 33.95
CA TYR C 255 -17.31 2.78 33.38
C TYR C 255 -18.30 1.62 33.37
N HIS C 256 -19.39 1.70 34.14
CA HIS C 256 -20.37 0.64 34.16
C HIS C 256 -21.60 1.01 33.38
N ASN C 257 -22.07 2.25 33.56
CA ASN C 257 -23.28 2.70 32.91
C ASN C 257 -23.02 3.91 31.99
N VAL C 258 -21.80 4.44 32.01
CA VAL C 258 -21.35 5.43 31.05
C VAL C 258 -19.89 5.16 30.70
N CYS C 259 -19.55 5.20 29.41
CA CYS C 259 -18.16 5.26 28.98
C CYS C 259 -18.04 6.33 27.90
N SER C 260 -16.82 6.81 27.66
CA SER C 260 -16.65 7.90 26.68
C SER C 260 -15.23 7.99 26.24
N ALA C 261 -15.02 8.75 25.17
CA ALA C 261 -13.68 9.20 24.78
C ALA C 261 -13.85 10.44 23.94
N ALA C 262 -12.87 11.32 23.97
CA ALA C 262 -12.74 12.42 23.03
C ALA C 262 -11.66 12.06 22.03
N VAL C 263 -12.02 12.17 20.75
CA VAL C 263 -11.12 11.78 19.67
C VAL C 263 -11.10 12.82 18.55
N ALA C 264 -10.04 12.74 17.78
CA ALA C 264 -9.83 13.57 16.59
C ALA C 264 -10.63 13.02 15.40
N ASP C 265 -10.78 13.87 14.36
CA ASP C 265 -11.45 13.50 13.13
C ASP C 265 -10.68 12.39 12.39
N TYR C 266 -9.38 12.35 12.53
CA TYR C 266 -8.51 11.45 11.74
C TYR C 266 -7.71 10.52 12.66
N THR C 267 -7.56 9.26 12.24
CA THR C 267 -6.62 8.35 12.85
C THR C 267 -5.64 7.81 11.85
N PRO C 268 -4.36 7.70 12.25
CA PRO C 268 -3.49 6.93 11.36
C PRO C 268 -3.69 5.42 11.38
N SER C 269 -4.37 4.92 12.41
CA SER C 269 -4.58 3.52 12.65
C SER C 269 -5.86 3.04 12.00
N ASN C 270 -5.89 3.09 10.66
CA ASN C 270 -6.91 2.51 9.83
C ASN C 270 -6.32 1.18 9.39
N ASN C 271 -6.54 0.18 10.22
CA ASN C 271 -5.67 -0.98 10.27
C ASN C 271 -5.73 -1.89 9.05
N LEU C 272 -6.89 -2.09 8.44
CA LEU C 272 -6.92 -2.94 7.22
C LEU C 272 -6.18 -2.30 6.04
N ALA C 273 -6.05 -0.99 6.04
CA ALA C 273 -5.39 -0.29 4.94
C ALA C 273 -3.94 0.05 5.23
N ASN C 274 -3.60 0.28 6.49
CA ASN C 274 -2.37 1.05 6.81
C ASN C 274 -1.32 0.20 7.58
N TYR C 275 -1.70 -0.93 8.12
CA TYR C 275 -0.74 -1.73 8.95
C TYR C 275 0.36 -2.45 8.18
N ARG C 276 1.60 -2.28 8.65
CA ARG C 276 2.74 -2.90 7.97
C ARG C 276 3.65 -3.62 8.90
N GLY C 277 3.09 -4.13 10.00
CA GLY C 277 3.91 -4.82 10.95
C GLY C 277 4.45 -3.84 12.01
N TYR C 278 5.03 -4.43 13.04
CA TYR C 278 5.48 -3.66 14.22
C TYR C 278 6.92 -3.23 14.00
N ILE C 279 7.09 -2.19 13.21
CA ILE C 279 8.37 -1.60 12.90
C ILE C 279 8.78 -0.74 14.10
N THR C 280 10.00 -0.91 14.59
CA THR C 280 10.41 -0.18 15.80
C THR C 280 11.34 0.99 15.46
N MET C 281 11.23 2.02 16.27
CA MET C 281 12.07 3.21 16.17
CA MET C 281 12.06 3.20 16.20
C MET C 281 13.54 2.87 16.34
N ARG C 282 14.37 3.49 15.49
CA ARG C 282 15.81 3.35 15.55
C ARG C 282 16.47 4.21 16.66
N ALA D 1 26.79 22.01 -10.03
CA ALA D 1 27.84 21.50 -9.10
C ALA D 1 27.27 20.29 -8.37
N ASP D 2 28.16 19.49 -7.79
CA ASP D 2 27.79 18.25 -7.14
C ASP D 2 26.93 18.52 -5.88
N PHE D 3 26.14 17.52 -5.50
CA PHE D 3 25.48 17.44 -4.22
C PHE D 3 26.12 16.36 -3.39
N LYS D 4 26.43 16.67 -2.14
CA LYS D 4 27.10 15.75 -1.24
C LYS D 4 26.13 14.74 -0.66
N PHE D 5 26.52 13.47 -0.67
CA PHE D 5 25.78 12.38 -0.01
C PHE D 5 25.98 12.60 1.48
N GLU D 6 24.90 12.96 2.17
CA GLU D 6 24.97 13.30 3.61
C GLU D 6 23.79 12.62 4.36
N PRO D 7 23.88 11.31 4.60
CA PRO D 7 22.80 10.59 5.25
C PRO D 7 22.74 11.06 6.70
N MET D 8 21.55 11.47 7.11
CA MET D 8 21.32 12.03 8.49
C MET D 8 19.94 11.65 8.98
N ARG D 9 19.77 11.57 10.31
CA ARG D 9 18.44 11.45 10.93
C ARG D 9 18.28 12.78 11.64
N SER D 10 17.13 13.43 11.52
CA SER D 10 16.81 14.61 12.28
C SER D 10 15.61 14.36 13.16
N LEU D 11 15.62 15.10 14.26
CA LEU D 11 14.49 15.15 15.21
C LEU D 11 14.03 16.57 15.46
N ILE D 12 12.72 16.74 15.43
CA ILE D 12 12.05 17.98 15.79
C ILE D 12 11.13 17.71 16.97
N TYR D 13 11.22 18.58 17.99
CA TYR D 13 10.49 18.42 19.25
C TYR D 13 9.26 19.31 19.15
N VAL D 14 8.08 18.70 18.99
CA VAL D 14 6.84 19.43 18.70
C VAL D 14 5.97 19.49 19.96
N ASP D 15 5.83 20.69 20.54
CA ASP D 15 5.01 20.86 21.71
C ASP D 15 3.59 21.20 21.27
N CYS D 16 2.70 21.23 22.26
CA CYS D 16 1.34 21.65 22.16
C CYS D 16 1.07 22.33 23.53
N VAL D 17 1.02 23.65 23.54
CA VAL D 17 1.14 24.37 24.81
C VAL D 17 -0.14 24.52 25.57
N SER D 18 -1.27 24.20 24.95
CA SER D 18 -2.54 24.14 25.65
C SER D 18 -3.34 23.02 25.04
N GLU D 19 -4.09 22.30 25.86
CA GLU D 19 -4.97 21.27 25.30
C GLU D 19 -5.98 21.82 24.34
N ASP D 20 -6.37 23.07 24.49
CA ASP D 20 -7.29 23.65 23.55
C ASP D 20 -6.78 23.79 22.12
N TYR D 21 -5.47 23.70 21.96
CA TYR D 21 -4.89 23.80 20.61
C TYR D 21 -4.73 22.45 19.98
N ARG D 22 -4.86 21.38 20.77
CA ARG D 22 -4.51 20.06 20.25
C ARG D 22 -5.27 19.67 18.99
N PRO D 23 -6.62 19.87 18.95
CA PRO D 23 -7.30 19.49 17.73
C PRO D 23 -6.79 20.24 16.49
N LYS D 24 -6.58 21.54 16.64
CA LYS D 24 -6.15 22.34 15.48
C LYS D 24 -4.73 21.94 15.03
N LEU D 25 -3.83 21.78 15.98
CA LEU D 25 -2.43 21.41 15.68
C LEU D 25 -2.35 20.04 15.02
N GLN D 26 -3.04 19.09 15.60
CA GLN D 26 -3.07 17.74 15.03
C GLN D 26 -3.65 17.72 13.64
N ARG D 27 -4.71 18.46 13.41
CA ARG D 27 -5.29 18.55 12.07
C ARG D 27 -4.28 19.12 11.08
N TRP D 28 -3.63 20.22 11.43
CA TRP D 28 -2.69 20.81 10.49
C TRP D 28 -1.56 19.82 10.17
N ILE D 29 -1.05 19.17 11.22
CA ILE D 29 0.05 18.21 11.04
C ILE D 29 -0.37 17.13 10.05
N TYR D 30 -1.49 16.49 10.30
CA TYR D 30 -1.92 15.35 9.47
C TYR D 30 -2.64 15.67 8.15
N LYS D 31 -3.36 16.77 8.10
CA LYS D 31 -4.12 17.11 6.94
C LYS D 31 -3.33 17.96 5.93
N VAL D 32 -2.50 18.86 6.43
CA VAL D 32 -1.85 19.89 5.63
C VAL D 32 -0.35 19.62 5.52
N HIS D 33 0.32 19.50 6.67
N HIS D 33 0.31 19.38 6.65
CA HIS D 33 1.76 19.34 6.74
CA HIS D 33 1.76 19.32 6.64
C HIS D 33 2.29 18.07 6.05
C HIS D 33 2.38 18.02 6.14
N ILE D 34 1.69 16.89 6.28
CA ILE D 34 2.18 15.65 5.66
C ILE D 34 2.25 15.80 4.11
N PRO D 35 1.16 16.15 3.46
CA PRO D 35 1.27 16.19 1.98
C PRO D 35 2.20 17.25 1.47
N ASP D 36 2.23 18.42 2.09
CA ASP D 36 3.17 19.44 1.69
C ASP D 36 4.60 18.89 1.76
N SER D 37 4.90 18.17 2.84
CA SER D 37 6.21 17.70 3.12
C SER D 37 6.65 16.59 2.17
N ILE D 38 5.80 15.61 2.00
CA ILE D 38 6.05 14.53 1.08
C ILE D 38 6.25 15.09 -0.36
N SER D 39 5.42 16.03 -0.74
CA SER D 39 5.52 16.70 -2.05
C SER D 39 6.95 17.21 -2.23
N GLN D 40 7.53 17.84 -1.23
CA GLN D 40 8.81 18.45 -1.39
C GLN D 40 9.98 17.43 -1.43
N PHE D 41 9.99 16.48 -0.50
CA PHE D 41 11.21 15.69 -0.24
C PHE D 41 11.17 14.20 -0.54
N GLU D 42 10.03 13.73 -1.04
CA GLU D 42 9.91 12.30 -1.43
C GLU D 42 11.18 11.75 -2.14
N PRO D 43 11.80 12.53 -3.07
CA PRO D 43 12.94 11.93 -3.81
C PRO D 43 14.25 11.77 -3.03
N TYR D 44 14.38 12.39 -1.85
CA TYR D 44 15.68 12.39 -1.15
C TYR D 44 15.54 12.25 0.40
N VAL D 45 14.34 11.89 0.85
CA VAL D 45 14.08 11.54 2.25
C VAL D 45 13.54 10.12 2.19
N THR D 46 14.21 9.18 2.89
CA THR D 46 13.82 7.79 2.85
C THR D 46 12.86 7.35 3.94
N LYS D 47 12.70 8.18 4.95
CA LYS D 47 11.73 7.89 6.02
C LYS D 47 11.30 9.23 6.64
N TYR D 48 10.01 9.32 6.95
CA TYR D 48 9.41 10.52 7.50
C TYR D 48 8.32 10.04 8.45
N ALA D 49 8.49 10.26 9.74
CA ALA D 49 7.66 9.61 10.73
C ALA D 49 7.39 10.56 11.90
N PHE D 50 6.24 10.39 12.52
CA PHE D 50 5.83 11.12 13.73
C PHE D 50 5.69 10.10 14.85
N TYR D 51 6.23 10.43 16.01
CA TYR D 51 6.12 9.58 17.21
C TYR D 51 5.38 10.40 18.28
N PRO D 52 4.09 10.09 18.46
CA PRO D 52 3.33 10.91 19.39
C PRO D 52 3.85 10.74 20.80
N SER D 53 3.89 11.81 21.56
CA SER D 53 4.38 11.73 22.92
CA SER D 53 4.41 11.68 22.91
C SER D 53 3.40 11.03 23.86
N PHE D 54 3.93 10.24 24.74
CA PHE D 54 3.15 9.77 25.86
C PHE D 54 2.70 10.99 26.73
N PRO D 55 1.66 10.81 27.55
CA PRO D 55 1.24 11.86 28.46
C PRO D 55 2.44 12.41 29.27
N ILE D 56 2.48 13.75 29.38
CA ILE D 56 3.57 14.40 30.09
C ILE D 56 3.66 13.82 31.53
N PRO D 57 4.85 13.34 31.93
CA PRO D 57 4.97 12.79 33.24
C PRO D 57 5.10 13.93 34.29
N PRO D 58 4.95 13.58 35.55
CA PRO D 58 5.18 14.58 36.60
C PRO D 58 6.57 15.21 36.48
N GLN D 59 6.61 16.53 36.55
CA GLN D 59 7.85 17.30 36.41
C GLN D 59 8.43 17.31 35.00
N GLY D 60 7.69 16.74 34.06
CA GLY D 60 8.13 16.72 32.67
C GLY D 60 8.30 18.09 32.08
N ASP D 61 7.52 19.05 32.56
CA ASP D 61 7.67 20.43 32.15
C ASP D 61 9.10 20.97 32.33
N ARG D 62 9.82 20.47 33.31
CA ARG D 62 11.20 20.92 33.60
C ARG D 62 12.22 20.37 32.58
N PHE D 63 11.76 19.43 31.77
CA PHE D 63 12.57 18.83 30.73
C PHE D 63 12.26 19.29 29.31
N GLY D 64 11.47 20.35 29.18
CA GLY D 64 11.05 20.79 27.87
C GLY D 64 10.29 19.71 27.10
N TYR D 65 9.36 19.08 27.79
CA TYR D 65 8.59 17.97 27.22
C TYR D 65 7.64 18.39 26.12
N ALA D 66 7.86 17.80 24.95
CA ALA D 66 7.06 18.00 23.77
C ALA D 66 5.72 17.29 23.89
N ARG D 67 4.66 18.08 24.11
CA ARG D 67 3.37 17.50 24.37
C ARG D 67 2.62 16.98 23.10
N MET D 68 3.14 17.21 21.90
CA MET D 68 2.55 16.66 20.71
C MET D 68 3.29 15.43 20.25
N GLN D 69 4.51 15.65 19.72
CA GLN D 69 5.21 14.53 19.10
C GLN D 69 6.70 14.84 18.87
N LEU D 70 7.44 13.78 18.55
CA LEU D 70 8.71 13.90 17.83
C LEU D 70 8.52 13.70 16.32
N THR D 71 9.05 14.61 15.55
CA THR D 71 9.06 14.49 14.09
C THR D 71 10.41 14.04 13.64
N GLU D 72 10.44 12.96 12.85
CA GLU D 72 11.72 12.30 12.50
C GLU D 72 11.82 12.22 10.96
N HIS D 73 12.93 12.72 10.44
CA HIS D 73 13.27 12.59 9.02
C HIS D 73 14.59 11.84 8.87
N HIS D 74 14.70 11.01 7.81
CA HIS D 74 15.98 10.47 7.36
C HIS D 74 16.26 11.02 5.98
N TRP D 75 17.34 11.78 5.90
CA TRP D 75 17.77 12.53 4.75
C TRP D 75 18.89 11.87 4.01
N LEU D 76 18.92 12.01 2.67
CA LEU D 76 20.10 11.61 1.91
C LEU D 76 21.03 12.78 1.56
N VAL D 77 20.49 13.99 1.62
CA VAL D 77 21.27 15.19 1.39
C VAL D 77 20.93 16.19 2.49
N SER D 78 21.77 17.19 2.66
CA SER D 78 21.45 18.24 3.62
C SER D 78 20.34 19.20 3.15
N ASP D 79 19.29 19.27 3.93
CA ASP D 79 18.15 20.17 3.70
C ASP D 79 18.54 21.62 3.79
N LEU D 80 19.72 21.88 4.37
CA LEU D 80 20.18 23.25 4.54
C LEU D 80 21.12 23.69 3.44
N ASP D 81 21.36 22.85 2.45
CA ASP D 81 22.11 23.32 1.26
C ASP D 81 21.29 24.47 0.64
N PRO D 82 21.92 25.62 0.35
CA PRO D 82 21.16 26.76 -0.16
C PRO D 82 20.36 26.47 -1.45
N ARG D 83 20.85 25.53 -2.26
CA ARG D 83 20.12 25.14 -3.50
C ARG D 83 18.74 24.55 -3.21
N LEU D 84 18.56 23.99 -2.00
CA LEU D 84 17.31 23.39 -1.62
C LEU D 84 16.26 24.40 -1.17
N GLU D 85 16.64 25.68 -1.08
CA GLU D 85 15.70 26.69 -0.72
C GLU D 85 14.59 26.90 -1.74
N ILE D 86 14.87 26.65 -3.03
CA ILE D 86 13.90 26.85 -4.06
C ILE D 86 12.95 25.63 -4.17
N LYS D 87 11.68 25.90 -4.12
CA LYS D 87 10.66 24.87 -4.17
C LYS D 87 9.49 25.34 -5.02
N ALA D 88 8.97 24.47 -5.89
CA ALA D 88 7.88 24.86 -6.77
C ALA D 88 6.66 25.29 -5.93
N ILE D 89 6.33 24.45 -4.95
CA ILE D 89 5.17 24.68 -4.06
C ILE D 89 5.70 24.81 -2.63
N ALA D 90 5.45 25.96 -2.01
CA ALA D 90 5.82 26.20 -0.62
C ALA D 90 4.76 25.66 0.33
N GLU D 91 5.20 25.37 1.56
N GLU D 91 5.19 25.26 1.52
CA GLU D 91 4.33 24.81 2.59
CA GLU D 91 4.26 24.66 2.46
C GLU D 91 3.25 25.80 2.96
C GLU D 91 3.29 25.71 3.02
N THR D 92 2.05 25.28 3.23
CA THR D 92 0.99 26.10 3.81
C THR D 92 1.22 26.12 5.31
N PHE D 93 1.43 27.31 5.85
CA PHE D 93 1.95 27.39 7.21
C PHE D 93 1.36 28.63 7.86
N PRO D 94 0.21 28.49 8.48
CA PRO D 94 -0.35 29.68 9.10
C PRO D 94 0.36 30.08 10.41
N MET D 95 0.32 31.36 10.70
N MET D 95 0.38 31.36 10.74
CA MET D 95 0.97 31.87 11.88
CA MET D 95 1.16 31.71 11.93
C MET D 95 0.58 31.09 13.13
C MET D 95 0.59 31.12 13.20
N ASP D 96 -0.69 30.73 13.21
CA ASP D 96 -1.26 30.08 14.39
C ASP D 96 -0.51 28.82 14.78
N VAL D 97 0.10 28.11 13.82
CA VAL D 97 0.85 26.90 14.19
C VAL D 97 1.95 27.23 15.21
N LEU D 98 2.57 28.38 15.06
CA LEU D 98 3.60 28.82 15.99
C LEU D 98 3.05 29.12 17.40
N VAL D 99 1.82 29.61 17.46
CA VAL D 99 1.14 29.76 18.77
C VAL D 99 0.86 28.37 19.38
N TRP D 100 0.36 27.42 18.58
CA TRP D 100 -0.03 26.13 19.12
C TRP D 100 1.18 25.37 19.65
N GLN D 101 2.33 25.52 19.00
CA GLN D 101 3.55 24.83 19.41
C GLN D 101 4.35 25.62 20.46
N GLY D 102 3.95 26.86 20.71
CA GLY D 102 4.60 27.71 21.70
C GLY D 102 5.82 28.48 21.26
N GLN D 103 6.07 28.57 19.95
CA GLN D 103 7.14 29.40 19.45
C GLN D 103 6.81 30.87 19.62
N ILE D 104 5.53 31.22 19.59
CA ILE D 104 5.06 32.61 19.76
C ILE D 104 4.06 32.58 20.93
N PRO D 105 4.20 33.51 21.89
CA PRO D 105 3.20 33.48 22.99
C PRO D 105 1.84 33.95 22.47
N ALA D 106 0.76 33.52 23.13
CA ALA D 106 -0.58 33.88 22.60
C ALA D 106 -0.81 35.35 22.91
N ALA D 107 -1.47 36.06 22.00
CA ALA D 107 -1.88 37.46 22.22
C ALA D 107 -2.86 37.61 23.40
N ALA D 130 4.26 32.96 28.43
CA ALA D 130 4.71 34.36 28.43
C ALA D 130 5.94 34.59 27.53
N GLU D 131 6.79 33.57 27.44
CA GLU D 131 7.93 33.63 26.56
C GLU D 131 7.78 32.54 25.44
N GLY D 132 8.13 32.88 24.21
CA GLY D 132 8.15 31.92 23.15
C GLY D 132 9.33 30.95 23.33
N ASN D 133 9.14 29.76 22.80
CA ASN D 133 10.17 28.76 22.83
C ASN D 133 10.71 28.52 21.43
N PRO D 134 11.98 28.17 21.28
CA PRO D 134 12.54 27.97 19.94
C PRO D 134 12.09 26.71 19.23
N PHE D 135 12.09 26.76 17.92
CA PHE D 135 11.92 25.56 17.08
C PHE D 135 13.24 24.78 17.10
N ILE D 136 13.22 23.61 17.73
CA ILE D 136 14.43 22.79 17.87
C ILE D 136 14.39 21.66 16.83
N PHE D 137 15.37 21.68 15.94
CA PHE D 137 15.46 20.80 14.77
C PHE D 137 16.92 20.35 14.78
N ALA D 138 17.15 19.14 15.29
CA ALA D 138 18.50 18.62 15.55
C ALA D 138 18.86 17.56 14.49
N PHE D 139 19.94 17.78 13.78
CA PHE D 139 20.48 16.79 12.83
C PHE D 139 21.54 15.90 13.49
N LEU D 140 21.44 14.64 13.17
CA LEU D 140 22.29 13.58 13.73
C LEU D 140 22.78 12.66 12.63
N PRO D 141 23.87 11.88 12.88
CA PRO D 141 24.12 10.74 12.01
C PRO D 141 22.96 9.72 12.09
N MET D 142 22.80 8.87 11.07
CA MET D 142 21.73 7.88 11.16
C MET D 142 21.89 6.84 12.25
N TRP D 143 23.09 6.62 12.72
CA TRP D 143 23.42 5.62 13.74
C TRP D 143 23.91 6.30 14.99
N TRP D 144 23.42 5.83 16.14
CA TRP D 144 23.84 6.36 17.40
C TRP D 144 25.35 6.24 17.54
N GLU D 145 25.98 7.29 18.07
CA GLU D 145 27.43 7.30 18.21
C GLU D 145 27.96 6.57 19.41
N LYS D 146 27.19 6.56 20.49
CA LYS D 146 27.56 5.99 21.75
C LYS D 146 26.49 5.10 22.26
N ASP D 147 26.88 3.92 22.68
CA ASP D 147 25.97 2.93 23.25
C ASP D 147 26.44 2.67 24.65
N LEU D 148 25.73 3.22 25.62
CA LEU D 148 26.29 3.33 26.95
C LEU D 148 25.64 2.39 27.95
N LYS D 149 24.48 1.82 27.63
CA LYS D 149 23.86 0.85 28.48
C LYS D 149 22.87 0.07 27.64
N GLY D 150 22.79 -1.23 27.89
CA GLY D 150 21.76 -2.05 27.33
C GLY D 150 22.00 -2.58 25.93
N LYS D 151 23.26 -2.57 25.47
CA LYS D 151 23.57 -3.15 24.19
C LYS D 151 23.07 -4.60 24.10
N GLY D 152 22.56 -4.97 22.95
CA GLY D 152 21.95 -6.26 22.76
C GLY D 152 20.48 -6.40 23.04
N ARG D 153 19.86 -5.40 23.66
CA ARG D 153 18.44 -5.43 23.91
C ARG D 153 17.66 -5.63 22.60
N THR D 154 16.70 -6.54 22.62
CA THR D 154 15.89 -6.85 21.45
C THR D 154 14.44 -6.43 21.74
N ILE D 155 13.61 -6.46 20.72
CA ILE D 155 12.19 -6.12 20.95
C ILE D 155 11.49 -7.18 21.82
N GLU D 156 12.07 -8.40 21.85
CA GLU D 156 11.49 -9.46 22.64
C GLU D 156 11.63 -9.18 24.13
N ASP D 157 12.55 -8.31 24.48
CA ASP D 157 12.78 -7.99 25.85
C ASP D 157 11.67 -7.13 26.47
N GLY D 158 10.78 -6.58 25.65
CA GLY D 158 9.63 -5.93 26.21
C GLY D 158 9.38 -4.51 25.75
N ALA D 159 8.23 -3.96 26.15
CA ALA D 159 7.88 -2.59 25.76
C ALA D 159 8.78 -1.59 26.44
N ASN D 160 9.27 -0.59 25.68
CA ASN D 160 10.07 0.45 26.23
C ASN D 160 9.33 1.80 26.35
N TYR D 161 9.62 2.54 27.43
CA TYR D 161 9.25 3.97 27.62
C TYR D 161 10.50 4.71 27.25
N ARG D 162 10.56 5.18 25.99
CA ARG D 162 11.75 5.70 25.42
C ARG D 162 11.81 7.22 25.59
N PHE D 163 12.69 7.67 26.45
CA PHE D 163 12.80 9.08 26.78
C PHE D 163 13.93 9.67 25.96
N ASN D 164 13.53 10.42 24.95
CA ASN D 164 14.48 11.11 24.08
C ASN D 164 14.63 12.56 24.54
N MET D 165 15.86 12.97 24.79
CA MET D 165 16.15 14.25 25.39
C MET D 165 17.32 14.89 24.65
N THR D 166 17.16 16.15 24.26
CA THR D 166 18.21 16.91 23.68
C THR D 166 18.58 18.04 24.63
N ILE D 167 19.87 18.30 24.73
CA ILE D 167 20.38 19.37 25.58
C ILE D 167 21.45 20.21 24.89
N GLY D 168 21.48 21.47 25.27
CA GLY D 168 22.42 22.44 24.74
C GLY D 168 22.88 23.31 25.89
N PHE D 169 24.18 23.37 26.09
CA PHE D 169 24.74 24.14 27.20
C PHE D 169 24.55 25.64 27.00
N PRO D 170 24.38 26.37 28.08
CA PRO D 170 24.13 27.79 27.98
C PRO D 170 25.31 28.53 27.38
N GLU D 171 25.02 29.72 26.91
CA GLU D 171 26.02 30.62 26.41
C GLU D 171 27.09 30.79 27.44
N GLY D 172 28.33 30.70 26.98
CA GLY D 172 29.45 30.89 27.90
C GLY D 172 30.02 29.61 28.49
N VAL D 173 29.34 28.48 28.30
CA VAL D 173 29.86 27.24 28.83
C VAL D 173 30.67 26.54 27.74
N ASP D 174 31.91 26.20 28.07
CA ASP D 174 32.79 25.53 27.18
C ASP D 174 32.14 24.18 26.82
N LYS D 175 32.04 23.87 25.53
CA LYS D 175 31.34 22.65 25.12
C LYS D 175 32.05 21.38 25.66
N ALA D 176 33.37 21.39 25.74
CA ALA D 176 34.06 20.26 26.27
C ALA D 176 33.77 20.05 27.77
N GLU D 177 33.62 21.11 28.54
CA GLU D 177 33.23 21.02 29.95
C GLU D 177 31.83 20.45 30.10
N GLY D 178 30.91 20.92 29.28
CA GLY D 178 29.53 20.36 29.24
C GLY D 178 29.56 18.86 28.93
N GLU D 179 30.34 18.47 27.92
CA GLU D 179 30.46 17.08 27.55
C GLU D 179 31.02 16.26 28.72
N LYS D 180 32.01 16.80 29.41
CA LYS D 180 32.60 16.09 30.52
C LYS D 180 31.58 15.87 31.63
N TRP D 181 30.77 16.89 31.91
CA TRP D 181 29.74 16.77 32.92
C TRP D 181 28.68 15.72 32.53
N LEU D 182 28.23 15.78 31.30
CA LEU D 182 27.23 14.84 30.79
C LEU D 182 27.72 13.40 30.96
N PHE D 183 28.92 13.11 30.49
CA PHE D 183 29.40 11.75 30.44
C PHE D 183 30.08 11.25 31.71
N GLU D 184 30.66 12.15 32.50
CA GLU D 184 31.30 11.77 33.77
C GLU D 184 30.36 11.85 34.99
N LYS D 185 29.33 12.69 34.93
CA LYS D 185 28.44 12.86 36.08
C LYS D 185 27.05 12.34 35.87
N VAL D 186 26.47 12.65 34.72
CA VAL D 186 25.04 12.34 34.52
C VAL D 186 24.85 10.91 34.11
N VAL D 187 25.59 10.43 33.12
CA VAL D 187 25.38 9.09 32.60
C VAL D 187 25.62 7.99 33.67
N PRO D 188 26.61 8.18 34.57
CA PRO D 188 26.77 7.19 35.65
C PRO D 188 25.49 6.94 36.51
N ILE D 189 24.68 7.97 36.69
CA ILE D 189 23.45 7.82 37.47
C ILE D 189 22.49 6.93 36.70
N LEU D 190 22.40 7.14 35.38
CA LEU D 190 21.58 6.29 34.51
C LEU D 190 22.08 4.86 34.56
N GLN D 191 23.39 4.69 34.48
CA GLN D 191 23.95 3.35 34.53
C GLN D 191 23.73 2.64 35.87
N ALA D 192 23.69 3.39 36.95
CA ALA D 192 23.49 2.80 38.27
C ALA D 192 22.06 2.34 38.50
N ALA D 193 21.09 2.83 37.74
CA ALA D 193 19.69 2.55 37.99
C ALA D 193 19.24 1.31 37.23
N PRO D 194 18.79 0.25 37.95
CA PRO D 194 18.24 -0.87 37.24
C PRO D 194 16.98 -0.53 36.43
N GLU D 195 16.28 0.55 36.79
CA GLU D 195 15.07 0.95 36.06
C GLU D 195 15.42 1.48 34.67
N CYS D 196 16.68 1.84 34.45
CA CYS D 196 17.09 2.36 33.13
C CYS D 196 17.67 1.20 32.32
N THR D 197 17.07 0.87 31.18
CA THR D 197 17.45 -0.31 30.41
C THR D 197 18.33 0.00 29.19
N ARG D 198 18.46 1.27 28.83
CA ARG D 198 19.16 1.66 27.62
C ARG D 198 19.57 3.11 27.70
N VAL D 199 20.81 3.36 27.32
CA VAL D 199 21.35 4.68 27.12
C VAL D 199 22.09 4.76 25.77
N LEU D 200 21.67 5.70 24.95
CA LEU D 200 22.23 6.00 23.66
C LEU D 200 22.42 7.48 23.54
N ALA D 201 23.49 7.88 22.83
CA ALA D 201 23.78 9.27 22.60
C ALA D 201 24.54 9.54 21.30
N SER D 202 24.26 10.70 20.73
CA SER D 202 24.97 11.26 19.61
C SER D 202 25.15 12.75 19.80
N ALA D 203 26.28 13.25 19.31
CA ALA D 203 26.51 14.67 19.16
C ALA D 203 25.67 15.26 18.04
N VAL D 204 25.05 16.40 18.30
CA VAL D 204 24.29 17.11 17.30
C VAL D 204 25.21 17.69 16.22
N LYS D 205 24.82 17.54 14.97
CA LYS D 205 25.54 18.08 13.85
C LYS D 205 25.19 19.54 13.74
N LYS D 206 25.98 20.32 14.44
CA LYS D 206 25.65 21.71 14.57
C LYS D 206 25.98 22.48 13.28
N ASP D 207 26.96 21.98 12.51
CA ASP D 207 27.32 22.56 11.19
C ASP D 207 26.15 22.66 10.19
N ILE D 208 25.10 21.85 10.34
CA ILE D 208 24.04 21.77 9.36
C ILE D 208 23.16 22.99 9.41
N ASN D 209 22.61 23.29 10.59
CA ASN D 209 21.64 24.35 10.69
C ASN D 209 21.80 25.24 11.90
N GLY D 210 22.94 25.16 12.56
CA GLY D 210 23.19 26.02 13.70
C GLY D 210 22.37 25.69 14.95
N CYS D 211 21.86 24.47 15.04
CA CYS D 211 21.01 24.13 16.18
C CYS D 211 21.76 24.41 17.48
N VAL D 212 21.08 24.99 18.45
N VAL D 212 21.02 24.97 18.43
CA VAL D 212 21.75 25.28 19.72
CA VAL D 212 21.53 25.31 19.75
C VAL D 212 22.08 24.01 20.51
C VAL D 212 21.90 24.08 20.61
N MET D 213 21.34 22.93 20.25
CA MET D 213 21.60 21.70 21.00
C MET D 213 22.95 21.09 20.68
N ASP D 214 23.51 20.41 21.68
CA ASP D 214 24.80 19.80 21.59
C ASP D 214 24.78 18.25 21.57
N TRP D 215 23.79 17.65 22.26
CA TRP D 215 23.64 16.20 22.38
C TRP D 215 22.17 15.82 22.27
N VAL D 216 21.92 14.65 21.69
CA VAL D 216 20.67 13.94 21.82
C VAL D 216 20.98 12.62 22.51
N LEU D 217 20.23 12.34 23.58
CA LEU D 217 20.29 11.07 24.26
C LEU D 217 18.95 10.40 24.19
N GLU D 218 18.97 9.08 24.21
CA GLU D 218 17.72 8.35 24.39
C GLU D 218 17.96 7.41 25.56
N ILE D 219 17.02 7.40 26.49
CA ILE D 219 17.19 6.79 27.81
C ILE D 219 15.90 6.01 28.03
N TRP D 220 16.00 4.69 28.07
CA TRP D 220 14.80 3.89 28.20
C TRP D 220 14.49 3.42 29.57
N PHE D 221 13.19 3.38 29.87
CA PHE D 221 12.65 2.89 31.14
C PHE D 221 11.55 1.89 30.82
N GLU D 222 11.01 1.26 31.83
CA GLU D 222 9.87 0.42 31.65
C GLU D 222 8.57 1.25 31.58
N ASN D 223 8.56 2.36 32.29
CA ASN D 223 7.36 3.16 32.50
C ASN D 223 7.67 4.45 33.16
N GLN D 224 6.62 5.28 33.28
CA GLN D 224 6.74 6.62 33.80
C GLN D 224 7.27 6.65 35.22
N SER D 225 6.88 5.68 36.03
CA SER D 225 7.38 5.64 37.41
C SER D 225 8.88 5.37 37.46
N GLY D 226 9.39 4.52 36.58
CA GLY D 226 10.83 4.31 36.47
C GLY D 226 11.57 5.52 36.01
N TRP D 227 10.98 6.20 35.01
CA TRP D 227 11.53 7.48 34.56
C TRP D 227 11.69 8.47 35.71
N TYR D 228 10.61 8.65 36.46
CA TYR D 228 10.60 9.59 37.58
C TYR D 228 11.62 9.25 38.68
N LYS D 229 11.68 7.98 39.02
CA LYS D 229 12.61 7.50 40.04
C LYS D 229 14.04 7.85 39.69
N VAL D 230 14.40 7.74 38.41
CA VAL D 230 15.75 7.98 37.97
C VAL D 230 15.99 9.42 37.67
N MET D 231 15.12 10.00 36.84
CA MET D 231 15.38 11.31 36.32
C MET D 231 15.08 12.47 37.28
N VAL D 232 14.24 12.21 38.25
CA VAL D 232 13.89 13.16 39.32
C VAL D 232 14.59 12.73 40.61
N ASP D 233 14.23 11.56 41.17
CA ASP D 233 14.80 11.22 42.47
C ASP D 233 16.31 10.90 42.48
N ASP D 234 16.78 10.03 41.60
CA ASP D 234 18.18 9.64 41.62
C ASP D 234 19.11 10.83 41.27
N MET D 235 18.60 11.72 40.41
CA MET D 235 19.35 12.89 39.97
C MET D 235 19.48 13.95 41.04
N LYS D 236 18.73 13.85 42.14
CA LYS D 236 18.99 14.70 43.26
C LYS D 236 20.40 14.61 43.81
N ALA D 237 21.11 13.53 43.55
CA ALA D 237 22.44 13.39 44.07
C ALA D 237 23.41 14.25 43.35
N LEU D 238 23.07 14.75 42.16
CA LEU D 238 24.03 15.60 41.46
C LEU D 238 24.22 16.95 42.15
N GLU D 239 25.42 17.49 42.08
CA GLU D 239 25.65 18.84 42.54
C GLU D 239 25.11 19.80 41.47
N LYS D 240 24.62 20.95 41.87
CA LYS D 240 24.13 21.94 40.93
C LYS D 240 25.31 22.61 40.26
N PRO D 241 25.40 22.55 38.95
CA PRO D 241 26.53 23.20 38.29
C PRO D 241 26.49 24.72 38.37
N SER D 242 27.65 25.36 38.23
CA SER D 242 27.71 26.82 38.39
C SER D 242 26.91 27.50 37.27
N TRP D 243 26.77 26.84 36.13
CA TRP D 243 26.01 27.34 35.00
C TRP D 243 24.52 27.02 34.99
N ALA D 244 24.03 26.35 36.01
CA ALA D 244 22.62 25.88 36.08
C ALA D 244 21.64 27.01 35.79
N GLN D 245 20.62 26.67 35.03
CA GLN D 245 19.52 27.56 34.72
C GLN D 245 18.25 27.22 35.44
N GLN D 246 18.25 26.10 36.17
CA GLN D 246 17.18 25.79 37.11
C GLN D 246 17.85 24.97 38.20
N ASP D 247 17.14 24.82 39.31
CA ASP D 247 17.69 24.25 40.53
C ASP D 247 17.99 22.80 40.50
N ALA D 248 17.22 22.04 39.74
CA ALA D 248 17.39 20.60 39.66
C ALA D 248 17.69 20.12 38.25
N PHE D 249 18.23 18.92 38.17
CA PHE D 249 18.51 18.26 36.88
C PHE D 249 17.27 18.35 36.00
N PRO D 250 17.41 18.75 34.72
CA PRO D 250 18.59 18.88 33.92
C PRO D 250 19.40 20.16 34.01
N PHE D 251 19.02 21.09 34.92
CA PHE D 251 19.78 22.32 35.19
C PHE D 251 19.81 23.25 33.97
N LEU D 252 18.92 23.01 33.01
CA LEU D 252 18.88 23.74 31.77
C LEU D 252 17.49 24.33 31.57
N LYS D 253 17.42 25.43 30.84
CA LYS D 253 16.18 26.19 30.67
C LYS D 253 15.21 25.34 29.82
N PRO D 254 14.05 24.96 30.41
CA PRO D 254 13.08 24.15 29.68
C PRO D 254 12.68 24.76 28.35
N TYR D 255 12.68 23.93 27.31
CA TYR D 255 12.26 24.28 25.97
C TYR D 255 13.27 25.12 25.22
N HIS D 256 14.26 25.72 25.88
CA HIS D 256 15.31 26.54 25.21
C HIS D 256 16.62 25.80 25.12
N ASN D 257 17.01 25.13 26.19
CA ASN D 257 18.27 24.41 26.31
C ASN D 257 18.06 22.91 26.63
N VAL D 258 16.81 22.50 26.83
CA VAL D 258 16.49 21.09 26.94
C VAL D 258 15.11 20.86 26.39
N CYS D 259 14.95 19.85 25.52
CA CYS D 259 13.65 19.40 25.06
C CYS D 259 13.62 17.89 25.15
N SER D 260 12.42 17.30 25.20
CA SER D 260 12.36 15.87 25.34
C SER D 260 11.01 15.36 24.97
N ALA D 261 10.89 14.06 24.83
CA ALA D 261 9.61 13.37 24.68
C ALA D 261 9.82 11.93 25.09
N ALA D 262 8.78 11.35 25.63
CA ALA D 262 8.72 9.91 25.88
C ALA D 262 7.81 9.32 24.87
N VAL D 263 8.32 8.33 24.18
CA VAL D 263 7.59 7.69 23.12
C VAL D 263 7.64 6.17 23.12
N ALA D 264 6.71 5.58 22.39
CA ALA D 264 6.69 4.14 22.24
C ALA D 264 7.67 3.62 21.18
N ASP D 265 7.89 2.30 21.19
CA ASP D 265 8.72 1.66 20.16
C ASP D 265 8.14 1.79 18.75
N TYR D 266 6.80 1.88 18.59
CA TYR D 266 6.18 1.81 17.31
C TYR D 266 5.32 3.02 17.11
N THR D 267 5.31 3.53 15.89
CA THR D 267 4.28 4.50 15.48
C THR D 267 3.49 4.03 14.25
N PRO D 268 2.17 4.25 14.24
CA PRO D 268 1.43 4.07 13.00
C PRO D 268 1.70 5.16 11.99
N SER D 269 2.34 6.24 12.40
CA SER D 269 2.57 7.35 11.48
C SER D 269 3.95 7.29 10.81
N ASN D 270 4.08 6.29 9.94
CA ASN D 270 5.25 6.14 9.10
C ASN D 270 4.84 6.65 7.76
N ASN D 271 5.07 7.93 7.59
CA ASN D 271 4.24 8.68 6.63
C ASN D 271 4.50 8.33 5.16
N LEU D 272 5.73 7.99 4.80
CA LEU D 272 5.98 7.67 3.38
C LEU D 272 5.35 6.34 3.02
N ALA D 273 5.04 5.51 4.00
CA ALA D 273 4.46 4.20 3.71
C ALA D 273 3.00 4.10 3.96
N ASN D 274 2.50 4.87 4.90
CA ASN D 274 1.21 4.57 5.60
C ASN D 274 0.13 5.62 5.34
N TYR D 275 0.48 6.74 4.71
CA TYR D 275 -0.50 7.83 4.56
C TYR D 275 -1.38 7.69 3.38
N ARG D 276 -2.69 7.88 3.59
CA ARG D 276 -3.68 7.63 2.55
C ARG D 276 -4.67 8.75 2.48
N GLY D 277 -4.25 9.94 2.90
CA GLY D 277 -5.12 11.05 2.81
C GLY D 277 -5.83 11.24 4.17
N TYR D 278 -6.53 12.34 4.30
CA TYR D 278 -7.12 12.69 5.62
C TYR D 278 -8.55 12.15 5.66
N ILE D 279 -8.66 10.88 5.98
CA ILE D 279 -9.93 10.20 6.02
C ILE D 279 -10.55 10.52 7.40
N THR D 280 -11.80 10.93 7.42
CA THR D 280 -12.44 11.34 8.66
C THR D 280 -13.38 10.27 9.22
N MET D 281 -13.42 10.18 10.55
CA MET D 281 -14.30 9.30 11.27
C MET D 281 -15.78 9.58 10.91
N ARG D 282 -16.53 8.51 10.77
CA ARG D 282 -17.97 8.51 10.45
C ARG D 282 -18.82 8.77 11.75
N ALA E 1 -33.38 -8.76 -10.81
CA ALA E 1 -33.72 -9.59 -9.61
C ALA E 1 -32.59 -9.48 -8.57
N ASP E 2 -32.88 -9.89 -7.34
CA ASP E 2 -31.94 -9.74 -6.21
C ASP E 2 -30.76 -10.71 -6.33
N PHE E 3 -29.67 -10.38 -5.66
CA PHE E 3 -28.53 -11.31 -5.55
C PHE E 3 -28.48 -11.69 -4.07
N LYS E 4 -28.32 -12.96 -3.80
CA LYS E 4 -28.27 -13.44 -2.43
C LYS E 4 -26.92 -13.23 -1.79
N PHE E 5 -26.95 -12.76 -0.54
CA PHE E 5 -25.73 -12.62 0.24
C PHE E 5 -25.32 -14.05 0.64
N GLU E 6 -24.16 -14.47 0.13
CA GLU E 6 -23.72 -15.82 0.29
C GLU E 6 -22.22 -15.87 0.61
N PRO E 7 -21.83 -15.48 1.84
CA PRO E 7 -20.43 -15.45 2.20
C PRO E 7 -19.90 -16.88 2.21
N MET E 8 -18.79 -17.10 1.49
CA MET E 8 -18.21 -18.43 1.38
C MET E 8 -16.71 -18.30 1.31
N ARG E 9 -16.00 -19.36 1.72
CA ARG E 9 -14.58 -19.53 1.42
C ARG E 9 -14.45 -20.68 0.44
N SER E 10 -13.67 -20.55 -0.63
CA SER E 10 -13.45 -21.69 -1.51
C SER E 10 -11.94 -21.98 -1.56
N LEU E 11 -11.64 -23.23 -1.88
CA LEU E 11 -10.30 -23.72 -2.07
C LEU E 11 -10.23 -24.46 -3.41
N ILE E 12 -9.17 -24.14 -4.14
CA ILE E 12 -8.75 -24.88 -5.31
C ILE E 12 -7.40 -25.52 -5.08
N TYR E 13 -7.30 -26.79 -5.44
CA TYR E 13 -6.10 -27.62 -5.22
C TYR E 13 -5.33 -27.61 -6.53
N VAL E 14 -4.20 -26.90 -6.53
CA VAL E 14 -3.46 -26.63 -7.79
C VAL E 14 -2.18 -27.46 -7.82
N ASP E 15 -2.17 -28.45 -8.71
CA ASP E 15 -0.99 -29.33 -8.84
C ASP E 15 -0.03 -28.78 -9.90
N CYS E 16 1.16 -29.36 -9.93
CA CYS E 16 2.14 -29.12 -10.95
C CYS E 16 2.74 -30.49 -11.22
N VAL E 17 2.44 -31.07 -12.39
CA VAL E 17 2.69 -32.49 -12.52
C VAL E 17 4.10 -32.82 -12.93
N SER E 18 4.89 -31.86 -13.31
CA SER E 18 6.30 -32.12 -13.61
C SER E 18 7.10 -30.90 -13.18
N GLU E 19 8.30 -31.09 -12.66
CA GLU E 19 9.08 -29.93 -12.23
C GLU E 19 9.40 -29.08 -13.42
N ASP E 20 9.47 -29.68 -14.61
CA ASP E 20 9.75 -28.85 -15.79
C ASP E 20 8.69 -27.85 -16.11
N TYR E 21 7.47 -28.09 -15.63
CA TYR E 21 6.39 -27.15 -15.86
C TYR E 21 6.35 -26.01 -14.83
N ARG E 22 7.09 -26.15 -13.74
CA ARG E 22 6.94 -25.21 -12.60
C ARG E 22 7.15 -23.75 -12.99
N PRO E 23 8.21 -23.46 -13.76
CA PRO E 23 8.43 -22.04 -14.04
C PRO E 23 7.31 -21.42 -14.89
N LYS E 24 6.79 -22.21 -15.84
CA LYS E 24 5.77 -21.74 -16.70
C LYS E 24 4.44 -21.58 -15.97
N LEU E 25 4.07 -22.58 -15.17
CA LEU E 25 2.81 -22.52 -14.45
C LEU E 25 2.87 -21.36 -13.45
N GLN E 26 3.98 -21.23 -12.75
CA GLN E 26 4.13 -20.18 -11.77
C GLN E 26 4.08 -18.79 -12.40
N ARG E 27 4.71 -18.63 -13.55
CA ARG E 27 4.59 -17.40 -14.30
C ARG E 27 3.14 -17.07 -14.69
N TRP E 28 2.39 -18.03 -15.23
CA TRP E 28 1.03 -17.72 -15.60
C TRP E 28 0.24 -17.32 -14.37
N ILE E 29 0.40 -18.04 -13.28
CA ILE E 29 -0.37 -17.75 -12.09
C ILE E 29 -0.11 -16.32 -11.60
N TYR E 30 1.13 -15.93 -11.50
CA TYR E 30 1.50 -14.65 -10.90
C TYR E 30 1.52 -13.44 -11.87
N LYS E 31 1.74 -13.70 -13.15
CA LYS E 31 1.83 -12.63 -14.14
C LYS E 31 0.54 -12.33 -14.85
N VAL E 32 -0.25 -13.36 -15.09
CA VAL E 32 -1.46 -13.30 -15.89
C VAL E 32 -2.73 -13.51 -15.09
N HIS E 33 -2.79 -14.61 -14.35
N HIS E 33 -2.75 -14.54 -14.27
CA HIS E 33 -3.98 -15.02 -13.56
CA HIS E 33 -3.98 -14.93 -13.60
C HIS E 33 -4.36 -14.00 -12.51
C HIS E 33 -4.37 -14.12 -12.40
N ILE E 34 -3.40 -13.55 -11.71
CA ILE E 34 -3.73 -12.59 -10.65
C ILE E 34 -4.48 -11.34 -11.21
N PRO E 35 -3.88 -10.63 -12.17
CA PRO E 35 -4.61 -9.41 -12.62
C PRO E 35 -5.93 -9.66 -13.29
N ASP E 36 -6.04 -10.75 -14.06
CA ASP E 36 -7.33 -11.09 -14.65
C ASP E 36 -8.40 -11.33 -13.58
N SER E 37 -8.02 -12.05 -12.56
CA SER E 37 -8.93 -12.42 -11.48
C SER E 37 -9.37 -11.20 -10.66
N ILE E 38 -8.41 -10.39 -10.24
CA ILE E 38 -8.75 -9.17 -9.47
C ILE E 38 -9.65 -8.26 -10.30
N SER E 39 -9.37 -8.17 -11.59
CA SER E 39 -10.18 -7.35 -12.50
C SER E 39 -11.65 -7.81 -12.47
N GLN E 40 -11.88 -9.09 -12.48
CA GLN E 40 -13.27 -9.59 -12.47
C GLN E 40 -14.02 -9.45 -11.14
N PHE E 41 -13.40 -9.78 -10.05
CA PHE E 41 -14.11 -9.95 -8.78
C PHE E 41 -13.79 -9.02 -7.62
N GLU E 42 -12.91 -8.05 -7.82
CA GLU E 42 -12.58 -7.09 -6.77
C GLU E 42 -13.81 -6.58 -6.00
N PRO E 43 -14.92 -6.31 -6.69
CA PRO E 43 -16.05 -5.73 -5.91
C PRO E 43 -16.82 -6.69 -5.01
N TYR E 44 -16.60 -8.00 -5.12
CA TYR E 44 -17.44 -8.93 -4.38
C TYR E 44 -16.68 -10.11 -3.77
N VAL E 45 -15.35 -10.05 -3.83
CA VAL E 45 -14.47 -11.08 -3.20
C VAL E 45 -13.63 -10.21 -2.26
N THR E 46 -13.66 -10.54 -0.99
CA THR E 46 -12.96 -9.74 0.01
C THR E 46 -11.55 -10.20 0.32
N LYS E 47 -11.18 -11.38 -0.17
CA LYS E 47 -9.85 -11.93 0.03
C LYS E 47 -9.57 -12.95 -1.04
N TYR E 48 -8.34 -12.92 -1.56
CA TYR E 48 -7.90 -13.76 -2.68
C TYR E 48 -6.42 -14.02 -2.44
N ALA E 49 -6.08 -15.27 -2.16
CA ALA E 49 -4.75 -15.60 -1.67
C ALA E 49 -4.28 -16.91 -2.19
N PHE E 50 -2.96 -17.04 -2.34
CA PHE E 50 -2.34 -18.32 -2.71
C PHE E 50 -1.48 -18.78 -1.55
N TYR E 51 -1.57 -20.07 -1.25
CA TYR E 51 -0.72 -20.70 -0.23
C TYR E 51 0.14 -21.78 -0.91
N PRO E 52 1.41 -21.45 -1.16
CA PRO E 52 2.26 -22.39 -1.85
C PRO E 52 2.42 -23.63 -1.01
N SER E 53 2.45 -24.78 -1.65
CA SER E 53 2.55 -26.04 -0.94
CA SER E 53 2.54 -26.00 -0.88
C SER E 53 3.99 -26.30 -0.49
N PHE E 54 4.16 -26.85 0.70
CA PHE E 54 5.46 -27.33 1.09
C PHE E 54 5.82 -28.50 0.17
N PRO E 55 7.08 -28.90 0.19
CA PRO E 55 7.49 -30.02 -0.62
C PRO E 55 6.68 -31.24 -0.39
N ILE E 56 6.36 -31.98 -1.45
CA ILE E 56 5.51 -33.14 -1.29
C ILE E 56 6.18 -34.11 -0.32
N PRO E 57 5.44 -34.56 0.70
CA PRO E 57 6.02 -35.50 1.65
C PRO E 57 6.03 -36.92 1.09
N PRO E 58 6.80 -37.81 1.75
CA PRO E 58 6.79 -39.19 1.33
C PRO E 58 5.36 -39.76 1.34
N GLN E 59 4.98 -40.40 0.25
CA GLN E 59 3.66 -41.00 0.05
C GLN E 59 2.53 -39.95 -0.13
N GLY E 60 2.94 -38.69 -0.22
CA GLY E 60 1.96 -37.62 -0.51
C GLY E 60 1.21 -37.78 -1.81
N ASP E 61 1.82 -38.43 -2.78
CA ASP E 61 1.11 -38.74 -4.02
C ASP E 61 -0.19 -39.49 -3.81
N ARG E 62 -0.23 -40.31 -2.74
CA ARG E 62 -1.46 -41.09 -2.46
C ARG E 62 -2.60 -40.26 -1.92
N PHE E 63 -2.31 -38.99 -1.62
CA PHE E 63 -3.28 -38.06 -1.01
C PHE E 63 -3.63 -36.97 -2.03
N GLY E 64 -3.32 -37.17 -3.32
CA GLY E 64 -3.63 -36.14 -4.30
C GLY E 64 -3.00 -34.80 -3.96
N TYR E 65 -1.71 -34.86 -3.64
CA TYR E 65 -1.01 -33.70 -3.12
C TYR E 65 -0.78 -32.66 -4.22
N ALA E 66 -1.26 -31.44 -4.00
CA ALA E 66 -1.14 -30.33 -4.93
C ALA E 66 0.25 -29.76 -4.85
N ARG E 67 1.04 -29.98 -5.89
CA ARG E 67 2.45 -29.61 -5.84
C ARG E 67 2.73 -28.13 -6.16
N MET E 68 1.69 -27.35 -6.52
CA MET E 68 1.90 -25.92 -6.67
C MET E 68 1.36 -25.17 -5.43
N GLN E 69 0.04 -25.16 -5.22
CA GLN E 69 -0.54 -24.30 -4.20
C GLN E 69 -1.99 -24.60 -3.94
N LEU E 70 -2.48 -24.07 -2.82
CA LEU E 70 -3.90 -23.85 -2.62
C LEU E 70 -4.25 -22.42 -3.03
N THR E 71 -5.28 -22.29 -3.80
CA THR E 71 -5.89 -21.01 -4.10
C THR E 71 -7.18 -20.81 -3.29
N GLU E 72 -7.26 -19.68 -2.60
CA GLU E 72 -8.32 -19.40 -1.64
C GLU E 72 -9.01 -18.11 -1.99
N HIS E 73 -10.34 -18.19 -2.10
CA HIS E 73 -11.16 -16.99 -2.30
C HIS E 73 -12.16 -16.87 -1.16
N HIS E 74 -12.49 -15.63 -0.78
CA HIS E 74 -13.61 -15.34 0.10
C HIS E 74 -14.62 -14.50 -0.66
N TRP E 75 -15.78 -15.12 -0.93
CA TRP E 75 -16.84 -14.60 -1.75
C TRP E 75 -17.94 -13.96 -0.90
N LEU E 76 -18.55 -12.90 -1.41
CA LEU E 76 -19.80 -12.35 -0.84
C LEU E 76 -21.06 -12.84 -1.56
N VAL E 77 -20.92 -13.31 -2.80
CA VAL E 77 -22.00 -13.86 -3.62
C VAL E 77 -21.52 -15.14 -4.29
N SER E 78 -22.44 -15.98 -4.73
CA SER E 78 -22.04 -17.23 -5.37
C SER E 78 -21.50 -16.98 -6.76
N ASP E 79 -20.28 -17.44 -7.02
CA ASP E 79 -19.64 -17.30 -8.33
C ASP E 79 -20.33 -18.13 -9.40
N LEU E 80 -21.18 -19.06 -8.98
CA LEU E 80 -21.87 -19.91 -9.95
C LEU E 80 -23.32 -19.45 -10.24
N ASP E 81 -23.74 -18.32 -9.74
CA ASP E 81 -25.02 -17.68 -10.21
C ASP E 81 -24.87 -17.44 -11.70
N PRO E 82 -25.83 -17.91 -12.52
CA PRO E 82 -25.58 -17.78 -13.98
C PRO E 82 -25.41 -16.36 -14.49
N ARG E 83 -25.91 -15.37 -13.73
CA ARG E 83 -25.71 -13.95 -14.09
C ARG E 83 -24.25 -13.54 -14.06
N LEU E 84 -23.47 -14.26 -13.28
CA LEU E 84 -22.01 -13.98 -13.20
C LEU E 84 -21.19 -14.53 -14.33
N GLU E 85 -21.84 -15.23 -15.24
CA GLU E 85 -21.11 -15.76 -16.39
C GLU E 85 -20.69 -14.70 -17.37
N ILE E 86 -21.41 -13.56 -17.40
CA ILE E 86 -21.06 -12.49 -18.30
C ILE E 86 -19.95 -11.62 -17.71
N LYS E 87 -18.89 -11.42 -18.47
CA LYS E 87 -17.69 -10.65 -18.03
C LYS E 87 -17.22 -9.81 -19.20
N ALA E 88 -16.90 -8.55 -18.93
CA ALA E 88 -16.43 -7.67 -20.01
C ALA E 88 -15.16 -8.23 -20.61
N ILE E 89 -14.22 -8.58 -19.74
CA ILE E 89 -12.93 -9.16 -20.13
C ILE E 89 -12.82 -10.58 -19.55
N ALA E 90 -12.68 -11.58 -20.43
CA ALA E 90 -12.46 -12.93 -20.00
C ALA E 90 -11.00 -13.19 -19.67
N GLU E 91 -10.76 -14.19 -18.84
N GLU E 91 -10.74 -14.17 -18.82
CA GLU E 91 -9.40 -14.56 -18.42
CA GLU E 91 -9.40 -14.51 -18.43
C GLU E 91 -8.61 -15.06 -19.60
C GLU E 91 -8.61 -15.04 -19.60
N THR E 92 -7.34 -14.68 -19.64
CA THR E 92 -6.38 -15.23 -20.56
C THR E 92 -5.93 -16.58 -20.03
N PHE E 93 -6.23 -17.65 -20.80
CA PHE E 93 -6.11 -18.98 -20.30
C PHE E 93 -5.57 -19.90 -21.40
N PRO E 94 -4.26 -20.04 -21.49
CA PRO E 94 -3.69 -21.03 -22.43
C PRO E 94 -4.06 -22.48 -22.04
N MET E 95 -4.40 -23.32 -23.03
CA MET E 95 -4.76 -24.68 -22.72
C MET E 95 -3.60 -25.38 -22.03
N ASP E 96 -2.35 -24.94 -22.26
CA ASP E 96 -1.22 -25.58 -21.60
C ASP E 96 -1.35 -25.59 -20.06
N VAL E 97 -2.05 -24.61 -19.48
CA VAL E 97 -2.26 -24.57 -18.01
C VAL E 97 -2.86 -25.89 -17.53
N LEU E 98 -3.81 -26.39 -18.30
CA LEU E 98 -4.43 -27.67 -18.01
C LEU E 98 -3.46 -28.82 -18.05
N VAL E 99 -2.53 -28.82 -18.98
CA VAL E 99 -1.43 -29.83 -18.94
C VAL E 99 -0.54 -29.69 -17.69
N TRP E 100 -0.11 -28.46 -17.40
CA TRP E 100 0.78 -28.21 -16.28
C TRP E 100 0.19 -28.68 -14.96
N GLN E 101 -1.13 -28.48 -14.81
CA GLN E 101 -1.86 -28.88 -13.58
C GLN E 101 -2.35 -30.32 -13.57
N GLY E 102 -2.23 -31.00 -14.70
CA GLY E 102 -2.63 -32.39 -14.79
C GLY E 102 -4.06 -32.67 -15.14
N GLN E 103 -4.82 -31.64 -15.50
CA GLN E 103 -6.21 -31.85 -15.94
C GLN E 103 -6.29 -32.56 -17.29
N ILE E 104 -5.32 -32.33 -18.14
CA ILE E 104 -5.21 -33.05 -19.41
C ILE E 104 -3.82 -33.61 -19.58
N PRO E 105 -3.71 -34.83 -20.11
CA PRO E 105 -2.38 -35.41 -20.43
C PRO E 105 -1.62 -34.57 -21.48
N ALA E 106 -0.29 -34.60 -21.47
CA ALA E 106 0.46 -33.91 -22.53
C ALA E 106 0.48 -34.87 -23.74
N ALA E 107 0.49 -34.27 -24.93
CA ALA E 107 0.70 -35.00 -26.19
C ALA E 107 2.04 -35.73 -26.16
N ALA E 108 2.02 -37.02 -26.51
N GLU E 131 -4.73 -40.57 -18.29
CA GLU E 131 -5.96 -40.04 -17.68
C GLU E 131 -5.77 -38.63 -17.03
N GLY E 132 -6.69 -37.71 -17.29
CA GLY E 132 -6.67 -36.39 -16.64
C GLY E 132 -7.14 -36.45 -15.16
N ASN E 133 -6.77 -35.46 -14.36
CA ASN E 133 -7.31 -35.27 -13.02
C ASN E 133 -8.30 -34.11 -13.05
N PRO E 134 -9.39 -34.21 -12.29
CA PRO E 134 -10.40 -33.17 -12.33
C PRO E 134 -9.91 -31.86 -11.69
N PHE E 135 -10.49 -30.75 -12.08
CA PHE E 135 -10.28 -29.47 -11.38
C PHE E 135 -11.18 -29.48 -10.10
N ILE E 136 -10.54 -29.45 -8.95
CA ILE E 136 -11.25 -29.50 -7.68
C ILE E 136 -11.34 -28.11 -7.06
N PHE E 137 -12.56 -27.60 -6.98
CA PHE E 137 -12.93 -26.23 -6.56
C PHE E 137 -14.07 -26.41 -5.53
N ALA E 138 -13.73 -26.32 -4.24
CA ALA E 138 -14.66 -26.66 -3.16
C ALA E 138 -15.07 -25.37 -2.43
N PHE E 139 -16.38 -25.18 -2.30
CA PHE E 139 -16.95 -24.10 -1.57
C PHE E 139 -17.34 -24.55 -0.17
N LEU E 140 -17.05 -23.66 0.75
CA LEU E 140 -17.26 -23.86 2.20
C LEU E 140 -17.87 -22.63 2.81
N PRO E 141 -18.48 -22.78 4.00
CA PRO E 141 -18.78 -21.58 4.77
C PRO E 141 -17.47 -20.93 5.16
N MET E 142 -17.54 -19.64 5.51
CA MET E 142 -16.32 -18.94 5.91
C MET E 142 -15.71 -19.39 7.26
N TRP E 143 -16.49 -20.08 8.10
CA TRP E 143 -16.04 -20.57 9.39
C TRP E 143 -16.12 -22.08 9.42
N TRP E 144 -15.06 -22.69 9.96
CA TRP E 144 -15.08 -24.12 10.14
C TRP E 144 -16.27 -24.57 10.94
N GLU E 145 -16.92 -25.66 10.50
CA GLU E 145 -18.09 -26.17 11.18
C GLU E 145 -17.79 -27.02 12.37
N LYS E 146 -16.66 -27.70 12.37
CA LYS E 146 -16.29 -28.64 13.43
C LYS E 146 -14.87 -28.35 13.93
N ASP E 147 -14.72 -28.17 15.25
CA ASP E 147 -13.40 -27.96 15.84
C ASP E 147 -13.14 -29.20 16.71
N LEU E 148 -12.31 -30.11 16.23
CA LEU E 148 -12.27 -31.47 16.81
C LEU E 148 -10.99 -31.74 17.61
N LYS E 149 -10.02 -30.86 17.50
CA LYS E 149 -8.79 -30.93 18.28
C LYS E 149 -8.06 -29.60 18.24
N GLY E 150 -7.59 -29.12 19.39
CA GLY E 150 -6.69 -27.96 19.44
C GLY E 150 -7.35 -26.61 19.64
N LYS E 151 -8.61 -26.60 20.03
CA LYS E 151 -9.30 -25.33 20.28
C LYS E 151 -8.47 -24.47 21.22
N GLY E 152 -8.35 -23.22 20.85
CA GLY E 152 -7.62 -22.23 21.60
C GLY E 152 -6.15 -22.08 21.23
N ARG E 153 -5.63 -22.88 20.31
CA ARG E 153 -4.28 -22.74 19.83
C ARG E 153 -4.11 -21.36 19.19
N THR E 154 -3.05 -20.64 19.58
CA THR E 154 -2.75 -19.33 19.04
C THR E 154 -1.50 -19.38 18.18
N ILE E 155 -1.20 -18.29 17.48
CA ILE E 155 0.02 -18.27 16.70
C ILE E 155 1.28 -18.32 17.59
N GLU E 156 1.16 -17.93 18.86
CA GLU E 156 2.32 -17.94 19.73
CA GLU E 156 2.28 -17.91 19.84
C GLU E 156 2.74 -19.32 20.13
N ASP E 157 1.86 -20.30 19.89
CA ASP E 157 2.15 -21.67 20.22
C ASP E 157 3.14 -22.29 19.26
N GLY E 158 3.36 -21.69 18.11
CA GLY E 158 4.42 -22.12 17.25
C GLY E 158 4.03 -22.36 15.82
N ALA E 159 5.03 -22.64 14.96
CA ALA E 159 4.77 -22.88 13.54
C ALA E 159 3.98 -24.15 13.30
N ASN E 160 2.98 -24.09 12.40
CA ASN E 160 2.19 -25.24 12.03
C ASN E 160 2.54 -25.77 10.61
N TYR E 161 2.51 -27.09 10.45
CA TYR E 161 2.53 -27.77 9.14
C TYR E 161 1.06 -28.11 8.94
N ARG E 162 0.35 -27.32 8.13
CA ARG E 162 -1.11 -27.39 8.04
C ARG E 162 -1.50 -28.23 6.86
N PHE E 163 -2.01 -29.42 7.12
CA PHE E 163 -2.36 -30.35 6.03
C PHE E 163 -3.84 -30.25 5.76
N ASN E 164 -4.15 -29.58 4.65
CA ASN E 164 -5.52 -29.40 4.23
C ASN E 164 -5.86 -30.52 3.24
N MET E 165 -6.93 -31.24 3.48
CA MET E 165 -7.25 -32.42 2.66
C MET E 165 -8.75 -32.39 2.40
N THR E 166 -9.13 -32.63 1.14
CA THR E 166 -10.53 -32.72 0.79
C THR E 166 -10.78 -34.16 0.27
N ILE E 167 -11.91 -34.73 0.68
CA ILE E 167 -12.29 -36.08 0.32
C ILE E 167 -13.73 -36.10 -0.18
N GLY E 168 -13.94 -37.00 -1.16
CA GLY E 168 -15.27 -37.26 -1.75
C GLY E 168 -15.46 -38.75 -1.87
N PHE E 169 -16.52 -39.28 -1.26
CA PHE E 169 -16.71 -40.74 -1.25
C PHE E 169 -17.12 -41.19 -2.65
N PRO E 170 -16.72 -42.39 -3.05
CA PRO E 170 -17.02 -42.89 -4.39
C PRO E 170 -18.50 -43.02 -4.69
N GLU E 171 -18.84 -42.97 -5.96
CA GLU E 171 -20.20 -43.26 -6.40
C GLU E 171 -20.74 -44.50 -5.73
N GLY E 172 -21.97 -44.40 -5.23
CA GLY E 172 -22.62 -45.52 -4.60
C GLY E 172 -22.34 -45.69 -3.13
N VAL E 173 -21.45 -44.87 -2.54
CA VAL E 173 -21.28 -44.96 -1.11
C VAL E 173 -22.24 -43.96 -0.49
N ASP E 174 -22.96 -44.45 0.50
CA ASP E 174 -23.92 -43.65 1.24
C ASP E 174 -23.14 -42.53 1.97
N LYS E 175 -23.53 -41.29 1.80
CA LYS E 175 -22.75 -40.18 2.35
C LYS E 175 -22.77 -40.22 3.88
N ALA E 176 -23.89 -40.62 4.46
CA ALA E 176 -23.94 -40.72 5.92
C ALA E 176 -23.01 -41.79 6.49
N GLU E 177 -22.84 -42.91 5.80
N GLU E 177 -22.90 -42.92 5.79
CA GLU E 177 -21.89 -43.95 6.24
CA GLU E 177 -21.95 -43.96 6.11
C GLU E 177 -20.43 -43.51 6.04
C GLU E 177 -20.53 -43.39 6.11
N GLY E 178 -20.15 -42.73 5.01
CA GLY E 178 -18.82 -42.16 4.90
C GLY E 178 -18.53 -41.17 6.04
N GLU E 179 -19.49 -40.33 6.35
CA GLU E 179 -19.37 -39.34 7.40
C GLU E 179 -19.12 -40.04 8.73
N LYS E 180 -19.86 -41.13 8.95
CA LYS E 180 -19.73 -41.85 10.20
C LYS E 180 -18.31 -42.46 10.32
N TRP E 181 -17.83 -43.04 9.24
CA TRP E 181 -16.47 -43.56 9.20
C TRP E 181 -15.44 -42.45 9.50
N LEU E 182 -15.60 -41.33 8.82
CA LEU E 182 -14.66 -40.23 8.97
C LEU E 182 -14.57 -39.80 10.44
N PHE E 183 -15.71 -39.53 11.06
CA PHE E 183 -15.69 -38.94 12.36
C PHE E 183 -15.54 -39.91 13.49
N GLU E 184 -15.90 -41.16 13.26
CA GLU E 184 -15.83 -42.20 14.31
C GLU E 184 -14.64 -43.12 14.21
N LYS E 185 -14.07 -43.26 13.02
CA LYS E 185 -12.86 -44.08 12.85
C LYS E 185 -11.59 -43.30 12.58
N VAL E 186 -11.64 -42.35 11.67
CA VAL E 186 -10.46 -41.60 11.29
C VAL E 186 -10.10 -40.55 12.29
N VAL E 187 -11.03 -39.68 12.61
CA VAL E 187 -10.70 -38.57 13.50
C VAL E 187 -10.18 -38.98 14.88
N PRO E 188 -10.72 -40.06 15.47
CA PRO E 188 -10.15 -40.48 16.77
C PRO E 188 -8.65 -40.83 16.73
N ILE E 189 -8.14 -41.29 15.60
CA ILE E 189 -6.70 -41.56 15.47
C ILE E 189 -5.92 -40.22 15.54
N LEU E 190 -6.47 -39.20 14.90
CA LEU E 190 -5.87 -37.87 14.93
C LEU E 190 -5.87 -37.27 16.34
N GLN E 191 -6.98 -37.47 17.03
CA GLN E 191 -7.21 -37.02 18.40
C GLN E 191 -6.25 -37.66 19.38
N ALA E 192 -5.91 -38.94 19.14
CA ALA E 192 -5.00 -39.70 20.01
C ALA E 192 -3.52 -39.38 19.82
N ALA E 193 -3.15 -38.86 18.65
CA ALA E 193 -1.74 -38.69 18.31
C ALA E 193 -1.23 -37.38 18.87
N PRO E 194 -0.19 -37.41 19.71
CA PRO E 194 0.38 -36.15 20.22
C PRO E 194 0.99 -35.30 19.13
N GLU E 195 1.32 -35.92 17.98
CA GLU E 195 1.92 -35.22 16.85
C GLU E 195 0.94 -34.29 16.14
N CYS E 196 -0.34 -34.55 16.30
CA CYS E 196 -1.38 -33.77 15.63
C CYS E 196 -1.86 -32.70 16.60
N THR E 197 -1.83 -31.43 16.20
CA THR E 197 -2.15 -30.35 17.12
C THR E 197 -3.52 -29.68 16.88
N ARG E 198 -4.19 -30.01 15.78
CA ARG E 198 -5.42 -29.30 15.38
C ARG E 198 -6.13 -30.17 14.40
N VAL E 199 -7.46 -30.26 14.55
CA VAL E 199 -8.31 -30.88 13.55
C VAL E 199 -9.57 -30.02 13.40
N LEU E 200 -9.83 -29.59 12.17
CA LEU E 200 -10.94 -28.72 11.79
C LEU E 200 -11.64 -29.40 10.60
N ALA E 201 -12.97 -29.25 10.45
CA ALA E 201 -13.66 -29.82 9.35
C ALA E 201 -14.92 -29.06 9.00
N SER E 202 -15.20 -29.03 7.70
CA SER E 202 -16.45 -28.46 7.18
C SER E 202 -16.98 -29.36 6.04
N ALA E 203 -18.30 -29.42 5.90
CA ALA E 203 -18.92 -30.08 4.79
C ALA E 203 -18.79 -29.16 3.60
N VAL E 204 -18.50 -29.75 2.46
CA VAL E 204 -18.48 -29.02 1.20
C VAL E 204 -19.88 -28.61 0.80
N LYS E 205 -20.03 -27.39 0.31
CA LYS E 205 -21.31 -26.90 -0.15
C LYS E 205 -21.51 -27.48 -1.55
N LYS E 206 -22.27 -28.54 -1.64
CA LYS E 206 -22.38 -29.23 -2.92
C LYS E 206 -23.43 -28.62 -3.84
N ASP E 207 -24.28 -27.78 -3.29
CA ASP E 207 -25.26 -27.06 -4.06
C ASP E 207 -24.64 -25.96 -4.95
N ILE E 208 -23.39 -25.56 -4.76
CA ILE E 208 -22.89 -24.39 -5.48
C ILE E 208 -22.48 -24.80 -6.90
N ASN E 209 -21.58 -25.81 -7.03
CA ASN E 209 -20.92 -26.08 -8.29
C ASN E 209 -20.76 -27.56 -8.63
N GLY E 210 -21.46 -28.42 -7.90
CA GLY E 210 -21.49 -29.82 -8.18
C GLY E 210 -20.17 -30.51 -7.79
N CYS E 211 -19.38 -29.90 -6.92
CA CYS E 211 -18.09 -30.50 -6.52
C CYS E 211 -18.27 -31.92 -5.99
N VAL E 212 -17.42 -32.84 -6.45
N VAL E 212 -17.41 -32.82 -6.46
CA VAL E 212 -17.54 -34.24 -5.98
CA VAL E 212 -17.40 -34.23 -6.03
C VAL E 212 -17.07 -34.45 -4.54
C VAL E 212 -17.14 -34.40 -4.54
N MET E 213 -16.35 -33.48 -3.98
CA MET E 213 -15.90 -33.60 -2.62
C MET E 213 -17.02 -33.39 -1.60
N ASP E 214 -16.92 -34.09 -0.48
CA ASP E 214 -17.89 -34.03 0.57
C ASP E 214 -17.42 -33.31 1.84
N TRP E 215 -16.12 -33.35 2.13
CA TRP E 215 -15.54 -32.74 3.33
C TRP E 215 -14.24 -32.06 2.98
N VAL E 216 -13.97 -30.96 3.66
CA VAL E 216 -12.61 -30.44 3.76
C VAL E 216 -12.20 -30.54 5.24
N LEU E 217 -11.01 -31.10 5.47
CA LEU E 217 -10.44 -31.12 6.80
C LEU E 217 -9.10 -30.38 6.78
N GLU E 218 -8.74 -29.80 7.90
CA GLU E 218 -7.40 -29.34 8.06
C GLU E 218 -6.83 -29.95 9.34
N ILE E 219 -5.61 -30.46 9.24
CA ILE E 219 -5.00 -31.35 10.25
C ILE E 219 -3.58 -30.88 10.42
N TRP E 220 -3.27 -30.34 11.61
CA TRP E 220 -1.98 -29.73 11.80
C TRP E 220 -1.02 -30.67 12.49
N PHE E 221 0.24 -30.54 12.10
CA PHE E 221 1.36 -31.22 12.68
C PHE E 221 2.47 -30.18 12.95
N GLU E 222 3.55 -30.63 13.58
CA GLU E 222 4.73 -29.78 13.75
C GLU E 222 5.58 -29.74 12.48
N ASN E 223 5.56 -30.85 11.74
CA ASN E 223 6.43 -31.06 10.62
C ASN E 223 6.03 -32.26 9.83
N GLN E 224 6.72 -32.44 8.70
CA GLN E 224 6.48 -33.55 7.81
C GLN E 224 6.59 -34.93 8.52
N SER E 225 7.59 -35.13 9.38
CA SER E 225 7.74 -36.38 10.13
C SER E 225 6.51 -36.72 10.95
N GLY E 226 5.94 -35.70 11.60
CA GLY E 226 4.68 -35.86 12.35
C GLY E 226 3.48 -36.26 11.51
N TRP E 227 3.37 -35.59 10.38
CA TRP E 227 2.40 -35.90 9.37
C TRP E 227 2.50 -37.34 8.96
N TYR E 228 3.70 -37.80 8.65
CA TYR E 228 3.89 -39.19 8.19
C TYR E 228 3.58 -40.20 9.28
N LYS E 229 4.07 -39.94 10.47
CA LYS E 229 3.80 -40.85 11.63
C LYS E 229 2.31 -41.08 11.77
N VAL E 230 1.53 -40.01 11.66
CA VAL E 230 0.10 -40.08 11.89
C VAL E 230 -0.68 -40.53 10.67
N MET E 231 -0.47 -39.85 9.53
CA MET E 231 -1.27 -40.08 8.35
C MET E 231 -0.90 -41.34 7.55
N VAL E 232 0.31 -41.83 7.75
CA VAL E 232 0.71 -43.10 7.19
C VAL E 232 0.79 -44.19 8.26
N ASP E 233 1.67 -44.05 9.24
CA ASP E 233 1.86 -45.16 10.21
C ASP E 233 0.65 -45.41 11.12
N ASP E 234 0.11 -44.37 11.80
CA ASP E 234 -1.04 -44.60 12.68
C ASP E 234 -2.27 -45.08 11.95
N MET E 235 -2.43 -44.67 10.67
CA MET E 235 -3.60 -45.02 9.91
C MET E 235 -3.59 -46.44 9.41
N LYS E 236 -2.46 -47.13 9.51
CA LYS E 236 -2.40 -48.55 9.14
C LYS E 236 -3.35 -49.39 10.00
N ALA E 237 -3.68 -48.89 11.18
CA ALA E 237 -4.60 -49.59 12.07
C ALA E 237 -6.05 -49.60 11.58
N LEU E 238 -6.43 -48.72 10.64
CA LEU E 238 -7.76 -48.74 10.10
C LEU E 238 -8.01 -50.00 9.26
N GLU E 239 -9.22 -50.52 9.34
CA GLU E 239 -9.66 -51.58 8.42
C GLU E 239 -9.89 -50.96 7.07
N LYS E 240 -9.56 -51.67 6.01
CA LYS E 240 -9.84 -51.19 4.67
C LYS E 240 -11.35 -51.21 4.35
N PRO E 241 -11.96 -50.05 4.04
CA PRO E 241 -13.38 -50.06 3.72
C PRO E 241 -13.71 -50.86 2.48
N SER E 242 -14.98 -51.31 2.37
CA SER E 242 -15.39 -52.11 1.21
C SER E 242 -15.29 -51.31 -0.08
N TRP E 243 -15.52 -50.00 0.05
CA TRP E 243 -15.46 -49.08 -1.09
C TRP E 243 -14.10 -48.52 -1.43
N ALA E 244 -13.05 -49.01 -0.77
CA ALA E 244 -11.68 -48.49 -0.95
C ALA E 244 -11.22 -48.52 -2.41
N GLN E 245 -10.56 -47.45 -2.84
CA GLN E 245 -10.04 -47.27 -4.19
C GLN E 245 -8.51 -47.40 -4.18
N GLN E 246 -7.92 -47.49 -2.99
CA GLN E 246 -6.51 -47.85 -2.84
C GLN E 246 -6.40 -48.61 -1.52
N ASP E 247 -5.27 -49.27 -1.34
CA ASP E 247 -5.08 -50.19 -0.25
C ASP E 247 -4.98 -49.54 1.10
N ALA E 248 -4.44 -48.33 1.14
CA ALA E 248 -4.19 -47.66 2.42
C ALA E 248 -4.90 -46.31 2.47
N PHE E 249 -5.10 -45.84 3.70
CA PHE E 249 -5.67 -44.55 3.98
C PHE E 249 -4.97 -43.53 3.06
N PRO E 250 -5.73 -42.67 2.38
CA PRO E 250 -7.13 -42.34 2.57
C PRO E 250 -8.15 -43.24 1.89
N PHE E 251 -7.70 -44.32 1.20
CA PHE E 251 -8.62 -45.30 0.60
C PHE E 251 -9.45 -44.72 -0.54
N LEU E 252 -8.95 -43.61 -1.10
CA LEU E 252 -9.62 -42.87 -2.13
C LEU E 252 -8.68 -42.58 -3.30
N LYS E 253 -9.26 -42.46 -4.49
CA LYS E 253 -8.49 -42.30 -5.70
C LYS E 253 -7.74 -40.94 -5.73
N PRO E 254 -6.40 -40.97 -5.73
CA PRO E 254 -5.64 -39.72 -5.66
C PRO E 254 -6.00 -38.76 -6.78
N TYR E 255 -6.20 -37.51 -6.39
CA TYR E 255 -6.53 -36.41 -7.29
C TYR E 255 -7.93 -36.43 -7.83
N HIS E 256 -8.69 -37.51 -7.61
CA HIS E 256 -10.07 -37.59 -8.06
C HIS E 256 -11.04 -37.57 -6.93
N ASN E 257 -10.74 -38.36 -5.92
CA ASN E 257 -11.53 -38.38 -4.70
C ASN E 257 -10.84 -37.90 -3.43
N VAL E 258 -9.57 -37.54 -3.56
CA VAL E 258 -8.86 -36.91 -2.49
C VAL E 258 -7.82 -35.94 -3.08
N CYS E 259 -7.76 -34.73 -2.56
CA CYS E 259 -6.68 -33.81 -2.90
C CYS E 259 -6.21 -33.18 -1.59
N SER E 260 -4.98 -32.68 -1.57
CA SER E 260 -4.46 -32.10 -0.33
C SER E 260 -3.32 -31.16 -0.62
N ALA E 261 -2.95 -30.43 0.41
CA ALA E 261 -1.68 -29.71 0.40
C ALA E 261 -1.28 -29.46 1.83
N ALA E 262 0.02 -29.36 2.10
CA ALA E 262 0.53 -28.87 3.35
C ALA E 262 1.04 -27.48 3.12
N VAL E 263 0.64 -26.56 3.98
CA VAL E 263 0.99 -25.16 3.86
C VAL E 263 1.37 -24.52 5.17
N ALA E 264 2.02 -23.40 5.06
CA ALA E 264 2.42 -22.60 6.24
C ALA E 264 1.28 -21.74 6.74
N ASP E 265 1.46 -21.17 7.94
CA ASP E 265 0.49 -20.25 8.53
C ASP E 265 0.32 -18.97 7.75
N TYR E 266 1.37 -18.53 7.09
CA TYR E 266 1.42 -17.24 6.44
C TYR E 266 1.73 -17.36 4.97
N THR E 267 1.11 -16.49 4.17
CA THR E 267 1.53 -16.34 2.79
C THR E 267 1.82 -14.89 2.45
N PRO E 268 2.87 -14.65 1.65
CA PRO E 268 3.10 -13.32 1.14
C PRO E 268 2.11 -12.99 0.03
N SER E 269 1.42 -13.99 -0.52
CA SER E 269 0.55 -13.75 -1.66
C SER E 269 -0.91 -13.57 -1.20
N ASN E 270 -1.12 -12.47 -0.51
CA ASN E 270 -2.46 -12.02 -0.19
C ASN E 270 -2.81 -10.97 -1.21
N ASN E 271 -3.44 -11.43 -2.30
CA ASN E 271 -3.33 -10.74 -3.56
C ASN E 271 -4.07 -9.43 -3.62
N LEU E 272 -5.21 -9.31 -2.96
CA LEU E 272 -5.92 -8.02 -3.04
C LEU E 272 -5.18 -6.95 -2.28
N ALA E 273 -4.33 -7.34 -1.33
CA ALA E 273 -3.64 -6.33 -0.56
C ALA E 273 -2.23 -6.07 -0.99
N ASN E 274 -1.58 -7.08 -1.58
CA ASN E 274 -0.08 -7.14 -1.64
C ASN E 274 0.46 -7.10 -3.07
N TYR E 275 -0.38 -7.25 -4.06
CA TYR E 275 0.14 -7.35 -5.46
C TYR E 275 0.50 -6.03 -6.09
N ARG E 276 1.69 -5.96 -6.66
CA ARG E 276 2.20 -4.74 -7.27
C ARG E 276 2.71 -4.92 -8.67
N GLY E 277 2.19 -5.91 -9.39
CA GLY E 277 2.61 -6.15 -10.72
C GLY E 277 3.75 -7.17 -10.73
N TYR E 278 4.13 -7.61 -11.92
CA TYR E 278 5.09 -8.69 -12.07
C TYR E 278 6.48 -8.11 -12.17
N ILE E 279 7.03 -7.75 -11.02
CA ILE E 279 8.33 -7.13 -10.97
C ILE E 279 9.36 -8.25 -11.04
N THR E 280 10.33 -8.15 -11.94
CA THR E 280 11.33 -9.20 -12.14
C THR E 280 12.67 -8.91 -11.46
N MET E 281 13.31 -9.99 -11.00
CA MET E 281 14.61 -9.93 -10.36
CA MET E 281 14.60 -9.96 -10.38
C MET E 281 15.66 -9.39 -11.33
N ARG E 282 16.53 -8.58 -10.77
CA ARG E 282 17.68 -7.94 -11.44
C ARG E 282 18.87 -8.92 -11.60
N ALA F 1 32.22 12.30 10.95
CA ALA F 1 32.93 11.98 9.68
C ALA F 1 31.87 11.55 8.65
N ASP F 2 32.23 11.65 7.36
CA ASP F 2 31.36 11.35 6.26
C ASP F 2 31.04 9.87 6.21
N PHE F 3 29.92 9.57 5.57
CA PHE F 3 29.60 8.21 5.18
C PHE F 3 29.70 8.14 3.66
N LYS F 4 30.33 7.09 3.16
CA LYS F 4 30.53 6.92 1.75
C LYS F 4 29.27 6.34 1.04
N PHE F 5 28.93 6.93 -0.09
CA PHE F 5 27.89 6.40 -0.94
C PHE F 5 28.45 5.14 -1.58
N GLU F 6 27.83 4.01 -1.29
CA GLU F 6 28.36 2.72 -1.68
C GLU F 6 27.18 1.80 -2.10
N PRO F 7 26.58 2.09 -3.27
CA PRO F 7 25.44 1.30 -3.72
C PRO F 7 25.89 -0.12 -4.03
N MET F 8 25.22 -1.11 -3.43
CA MET F 8 25.57 -2.50 -3.61
C MET F 8 24.35 -3.39 -3.56
N ARG F 9 24.45 -4.56 -4.15
CA ARG F 9 23.46 -5.60 -4.04
C ARG F 9 24.15 -6.72 -3.29
N SER F 10 23.53 -7.27 -2.27
CA SER F 10 24.09 -8.41 -1.59
C SER F 10 23.13 -9.59 -1.73
N LEU F 11 23.71 -10.78 -1.61
CA LEU F 11 23.00 -12.02 -1.62
C LEU F 11 23.42 -12.89 -0.45
N ILE F 12 22.41 -13.40 0.27
CA ILE F 12 22.64 -14.41 1.30
C ILE F 12 21.97 -15.70 0.83
N TYR F 13 22.71 -16.81 0.96
CA TYR F 13 22.26 -18.12 0.57
C TYR F 13 21.74 -18.88 1.78
N VAL F 14 20.43 -19.04 1.89
CA VAL F 14 19.77 -19.52 3.08
C VAL F 14 19.31 -20.92 2.88
N ASP F 15 19.98 -21.86 3.55
CA ASP F 15 19.59 -23.26 3.50
C ASP F 15 18.61 -23.63 4.61
N CYS F 16 18.03 -24.84 4.46
CA CYS F 16 17.16 -25.43 5.44
C CYS F 16 17.53 -26.90 5.43
N VAL F 17 18.23 -27.33 6.47
CA VAL F 17 18.96 -28.60 6.36
C VAL F 17 18.12 -29.84 6.59
N SER F 18 16.89 -29.68 7.05
CA SER F 18 15.97 -30.78 7.18
C SER F 18 14.59 -30.26 6.87
N GLU F 19 13.73 -31.08 6.25
CA GLU F 19 12.37 -30.61 6.02
C GLU F 19 11.64 -30.37 7.29
N ASP F 20 11.95 -31.12 8.34
CA ASP F 20 11.33 -30.86 9.61
C ASP F 20 11.59 -29.48 10.20
N TYR F 21 12.61 -28.77 9.70
CA TYR F 21 12.90 -27.42 10.20
C TYR F 21 12.20 -26.36 9.38
N ARG F 22 11.68 -26.73 8.23
CA ARG F 22 11.11 -25.72 7.30
C ARG F 22 10.02 -24.84 7.94
N PRO F 23 9.02 -25.42 8.63
CA PRO F 23 8.00 -24.50 9.19
C PRO F 23 8.58 -23.50 10.20
N LYS F 24 9.50 -23.97 11.02
CA LYS F 24 10.10 -23.09 12.02
C LYS F 24 10.95 -22.01 11.41
N LEU F 25 11.82 -22.39 10.49
CA LEU F 25 12.72 -21.43 9.85
C LEU F 25 11.90 -20.39 9.06
N GLN F 26 10.96 -20.88 8.30
CA GLN F 26 10.11 -19.98 7.47
C GLN F 26 9.34 -19.00 8.35
N ARG F 27 8.81 -19.48 9.48
CA ARG F 27 8.13 -18.63 10.42
C ARG F 27 9.08 -17.54 10.98
N TRP F 28 10.27 -17.94 11.40
CA TRP F 28 11.19 -16.92 11.95
C TRP F 28 11.53 -15.88 10.87
N ILE F 29 11.74 -16.33 9.67
CA ILE F 29 12.08 -15.42 8.57
C ILE F 29 10.99 -14.37 8.36
N TYR F 30 9.75 -14.84 8.25
CA TYR F 30 8.64 -13.95 7.90
C TYR F 30 7.97 -13.24 9.06
N LYS F 31 7.98 -13.82 10.25
CA LYS F 31 7.32 -13.28 11.43
C LYS F 31 8.22 -12.36 12.26
N VAL F 32 9.51 -12.70 12.31
CA VAL F 32 10.43 -12.06 13.23
C VAL F 32 11.50 -11.25 12.50
N HIS F 33 12.16 -11.91 11.55
N HIS F 33 12.15 -11.89 11.55
CA HIS F 33 13.33 -11.36 10.84
CA HIS F 33 13.27 -11.23 10.94
C HIS F 33 12.99 -10.18 9.91
C HIS F 33 12.85 -10.06 10.07
N ILE F 34 11.85 -10.25 9.23
CA ILE F 34 11.41 -9.12 8.35
C ILE F 34 11.25 -7.82 9.18
N PRO F 35 10.42 -7.83 10.23
CA PRO F 35 10.25 -6.57 10.96
C PRO F 35 11.47 -6.05 11.63
N ASP F 36 12.28 -6.93 12.24
CA ASP F 36 13.54 -6.48 12.83
C ASP F 36 14.46 -5.84 11.78
N SER F 37 14.49 -6.43 10.59
CA SER F 37 15.39 -5.96 9.55
C SER F 37 14.91 -4.62 8.97
N ILE F 38 13.64 -4.53 8.68
CA ILE F 38 13.12 -3.27 8.12
C ILE F 38 13.31 -2.17 9.15
N SER F 39 13.10 -2.50 10.43
CA SER F 39 13.24 -1.53 11.48
C SER F 39 14.67 -0.92 11.44
N GLN F 40 15.67 -1.74 11.25
CA GLN F 40 17.04 -1.26 11.27
C GLN F 40 17.45 -0.47 10.05
N PHE F 41 17.09 -0.98 8.86
CA PHE F 41 17.67 -0.38 7.63
C PHE F 41 16.77 0.28 6.65
N GLU F 42 15.48 0.44 6.97
CA GLU F 42 14.57 1.19 6.10
C GLU F 42 15.19 2.49 5.51
N PRO F 43 15.93 3.29 6.32
CA PRO F 43 16.40 4.55 5.74
C PRO F 43 17.53 4.49 4.70
N TYR F 44 18.22 3.36 4.57
CA TYR F 44 19.40 3.25 3.73
C TYR F 44 19.52 1.97 2.91
N VAL F 45 18.46 1.18 2.89
CA VAL F 45 18.29 0.02 2.02
C VAL F 45 17.04 0.31 1.17
N THR F 46 17.22 0.32 -0.16
CA THR F 46 16.15 0.65 -1.06
C THR F 46 15.33 -0.57 -1.55
N LYS F 47 15.80 -1.77 -1.29
CA LYS F 47 15.04 -2.98 -1.65
C LYS F 47 15.54 -4.11 -0.77
N TYR F 48 14.61 -4.95 -0.32
CA TYR F 48 14.88 -6.07 0.57
C TYR F 48 13.90 -7.15 0.20
N ALA F 49 14.42 -8.24 -0.34
CA ALA F 49 13.52 -9.25 -0.98
C ALA F 49 14.01 -10.63 -0.73
N PHE F 50 13.10 -11.59 -0.69
CA PHE F 50 13.44 -12.98 -0.58
C PHE F 50 12.97 -13.68 -1.83
N TYR F 51 13.81 -14.53 -2.38
CA TYR F 51 13.46 -15.37 -3.55
C TYR F 51 13.48 -16.82 -3.11
N PRO F 52 12.31 -17.37 -2.86
CA PRO F 52 12.27 -18.78 -2.43
C PRO F 52 12.89 -19.70 -3.47
N SER F 53 13.67 -20.72 -3.05
CA SER F 53 14.31 -21.59 -3.99
CA SER F 53 14.30 -21.57 -4.02
C SER F 53 13.30 -22.58 -4.56
N PHE F 54 13.44 -22.90 -5.85
CA PHE F 54 12.69 -24.00 -6.43
C PHE F 54 13.15 -25.30 -5.76
N PRO F 55 12.37 -26.38 -5.85
CA PRO F 55 12.78 -27.67 -5.25
C PRO F 55 14.20 -28.03 -5.67
N ILE F 56 15.00 -28.53 -4.74
CA ILE F 56 16.38 -28.89 -5.04
C ILE F 56 16.41 -29.88 -6.20
N PRO F 57 17.21 -29.60 -7.22
CA PRO F 57 17.23 -30.51 -8.37
C PRO F 57 18.16 -31.70 -8.09
N PRO F 58 18.12 -32.72 -8.92
CA PRO F 58 19.04 -33.85 -8.76
C PRO F 58 20.48 -33.38 -8.75
N GLN F 59 21.24 -33.84 -7.74
CA GLN F 59 22.64 -33.49 -7.51
C GLN F 59 22.85 -32.04 -7.06
N GLY F 60 21.77 -31.33 -6.75
CA GLY F 60 21.91 -29.96 -6.26
C GLY F 60 22.67 -29.85 -4.97
N ASP F 61 22.66 -30.93 -4.17
CA ASP F 61 23.44 -30.96 -2.95
C ASP F 61 24.92 -30.66 -3.19
N ARG F 62 25.41 -31.04 -4.36
CA ARG F 62 26.83 -30.86 -4.70
C ARG F 62 27.15 -29.45 -5.09
N PHE F 63 26.11 -28.59 -5.23
CA PHE F 63 26.30 -27.19 -5.52
C PHE F 63 26.00 -26.29 -4.34
N GLY F 64 25.93 -26.83 -3.12
CA GLY F 64 25.58 -26.02 -1.96
C GLY F 64 24.24 -25.33 -2.14
N TYR F 65 23.25 -26.09 -2.59
CA TYR F 65 21.93 -25.61 -2.90
C TYR F 65 21.19 -25.14 -1.65
N ALA F 66 20.79 -23.87 -1.69
CA ALA F 66 20.04 -23.24 -0.62
C ALA F 66 18.59 -23.65 -0.66
N ARG F 67 18.23 -24.55 0.25
CA ARG F 67 16.87 -25.11 0.28
C ARG F 67 15.78 -24.21 0.79
N MET F 68 16.12 -23.05 1.37
CA MET F 68 15.08 -22.08 1.72
C MET F 68 14.97 -20.97 0.70
N GLN F 69 15.97 -20.10 0.56
CA GLN F 69 15.84 -18.91 -0.27
C GLN F 69 17.15 -18.19 -0.49
N LEU F 70 17.13 -17.23 -1.43
CA LEU F 70 18.11 -16.18 -1.52
C LEU F 70 17.50 -14.98 -0.84
N THR F 71 18.28 -14.34 -0.02
CA THR F 71 17.93 -13.10 0.60
C THR F 71 18.76 -12.01 -0.08
N GLU F 72 18.08 -10.99 -0.57
CA GLU F 72 18.68 -9.96 -1.39
C GLU F 72 18.46 -8.58 -0.80
N HIS F 73 19.53 -7.83 -0.62
CA HIS F 73 19.45 -6.45 -0.15
C HIS F 73 20.09 -5.52 -1.14
N HIS F 74 19.51 -4.35 -1.35
CA HIS F 74 20.17 -3.26 -2.03
C HIS F 74 20.47 -2.13 -1.05
N TRP F 75 21.76 -1.86 -0.92
CA TRP F 75 22.34 -0.95 0.10
C TRP F 75 22.75 0.35 -0.53
N LEU F 76 22.59 1.47 0.21
CA LEU F 76 23.18 2.75 -0.18
C LEU F 76 24.50 3.06 0.52
N VAL F 77 24.75 2.36 1.62
CA VAL F 77 25.95 2.49 2.41
C VAL F 77 26.41 1.09 2.79
N SER F 78 27.69 0.95 3.05
CA SER F 78 28.22 -0.35 3.49
C SER F 78 27.73 -0.71 4.89
N ASP F 79 27.06 -1.85 4.98
CA ASP F 79 26.62 -2.41 6.27
C ASP F 79 27.76 -2.77 7.19
N LEU F 80 28.99 -2.88 6.68
CA LEU F 80 30.14 -3.28 7.46
C LEU F 80 30.95 -2.11 8.01
N ASP F 81 30.55 -0.89 7.71
CA ASP F 81 31.12 0.30 8.38
C ASP F 81 30.93 0.11 9.89
N PRO F 82 32.00 0.21 10.70
CA PRO F 82 31.91 -0.04 12.13
C PRO F 82 30.89 0.83 12.84
N ARG F 83 30.59 2.01 12.31
CA ARG F 83 29.57 2.89 12.93
C ARG F 83 28.17 2.29 12.91
N LEU F 84 27.94 1.39 11.96
CA LEU F 84 26.64 0.72 11.80
C LEU F 84 26.46 -0.44 12.78
N GLU F 85 27.49 -0.76 13.55
CA GLU F 85 27.36 -1.79 14.59
C GLU F 85 26.34 -1.41 15.69
N ILE F 86 26.16 -0.10 15.94
CA ILE F 86 25.28 0.33 17.00
C ILE F 86 23.84 0.39 16.50
N LYS F 87 22.96 -0.28 17.22
CA LYS F 87 21.53 -0.38 16.89
C LYS F 87 20.70 -0.21 18.14
N ALA F 88 19.65 0.63 18.11
CA ALA F 88 18.81 0.79 19.26
C ALA F 88 18.21 -0.55 19.67
N ILE F 89 17.66 -1.24 18.70
CA ILE F 89 17.03 -2.58 18.90
C ILE F 89 17.78 -3.59 18.08
N ALA F 90 18.33 -4.60 18.74
CA ALA F 90 19.04 -5.68 18.11
C ALA F 90 18.03 -6.74 17.67
N GLU F 91 18.38 -7.46 16.62
N GLU F 91 18.41 -7.47 16.60
CA GLU F 91 17.47 -8.43 16.08
CA GLU F 91 17.60 -8.55 16.05
C GLU F 91 17.33 -9.64 17.00
C GLU F 91 17.31 -9.60 17.11
N THR F 92 16.08 -10.10 17.06
CA THR F 92 15.73 -11.32 17.79
C THR F 92 16.22 -12.51 16.98
N PHE F 93 17.16 -13.27 17.55
CA PHE F 93 17.86 -14.27 16.79
C PHE F 93 18.14 -15.52 17.64
N PRO F 94 17.20 -16.47 17.69
CA PRO F 94 17.41 -17.68 18.47
C PRO F 94 18.56 -18.51 17.92
N MET F 95 19.29 -19.17 18.81
CA MET F 95 20.36 -20.03 18.39
C MET F 95 19.85 -21.13 17.45
N ASP F 96 18.61 -21.56 17.61
CA ASP F 96 18.08 -22.61 16.73
C ASP F 96 18.10 -22.22 15.24
N VAL F 97 18.03 -20.93 14.93
CA VAL F 97 18.16 -20.54 13.51
C VAL F 97 19.48 -21.02 12.87
N LEU F 98 20.56 -21.03 13.65
CA LEU F 98 21.84 -21.57 13.23
C LEU F 98 21.74 -23.06 12.91
N VAL F 99 20.97 -23.77 13.71
CA VAL F 99 20.73 -25.20 13.48
C VAL F 99 19.93 -25.40 12.19
N TRP F 100 18.82 -24.67 12.06
CA TRP F 100 17.95 -24.84 10.88
C TRP F 100 18.66 -24.56 9.56
N GLN F 101 19.52 -23.56 9.55
CA GLN F 101 20.27 -23.20 8.36
C GLN F 101 21.54 -23.96 8.19
N GLY F 102 21.89 -24.75 9.17
CA GLY F 102 23.12 -25.58 9.09
C GLY F 102 24.44 -24.95 9.48
N GLN F 103 24.45 -23.75 10.04
CA GLN F 103 25.69 -23.20 10.57
C GLN F 103 26.27 -23.99 11.76
N ILE F 104 25.42 -24.61 12.57
CA ILE F 104 25.90 -25.50 13.59
C ILE F 104 25.08 -26.78 13.54
N PRO F 105 25.68 -27.90 13.98
CA PRO F 105 24.89 -29.16 14.08
C PRO F 105 23.87 -29.13 15.22
N ALA F 106 22.81 -29.95 15.10
CA ALA F 106 21.81 -30.04 16.20
C ALA F 106 22.42 -30.71 17.45
N ALA F 107 21.95 -30.35 18.64
N ALA F 130 26.82 -33.47 11.60
CA ALA F 130 27.41 -32.98 10.37
C ALA F 130 28.18 -31.70 10.67
N GLU F 131 29.30 -31.53 10.00
CA GLU F 131 30.06 -30.29 9.98
C GLU F 131 29.14 -29.07 9.76
N GLY F 132 29.44 -27.98 10.44
CA GLY F 132 28.74 -26.73 10.23
C GLY F 132 29.13 -26.10 8.89
N ASN F 133 28.20 -25.31 8.35
CA ASN F 133 28.43 -24.59 7.09
C ASN F 133 28.41 -23.12 7.37
N PRO F 134 29.26 -22.35 6.70
CA PRO F 134 29.35 -20.95 7.02
C PRO F 134 28.18 -20.12 6.50
N PHE F 135 28.01 -18.96 7.11
CA PHE F 135 27.04 -17.92 6.67
C PHE F 135 27.68 -17.20 5.49
N ILE F 136 27.10 -17.32 4.29
CA ILE F 136 27.66 -16.74 3.08
C ILE F 136 26.82 -15.50 2.70
N PHE F 137 27.47 -14.33 2.74
CA PHE F 137 26.85 -13.02 2.57
C PHE F 137 27.79 -12.30 1.59
N ALA F 138 27.44 -12.29 0.31
CA ALA F 138 28.25 -11.77 -0.78
C ALA F 138 27.77 -10.41 -1.24
N PHE F 139 28.64 -9.40 -1.19
CA PHE F 139 28.32 -8.11 -1.68
C PHE F 139 28.77 -7.97 -3.12
N LEU F 140 27.95 -7.29 -3.93
CA LEU F 140 28.23 -7.06 -5.35
C LEU F 140 27.87 -5.64 -5.72
N PRO F 141 28.34 -5.19 -6.90
CA PRO F 141 27.77 -3.96 -7.46
C PRO F 141 26.33 -4.17 -7.80
N MET F 142 25.55 -3.11 -7.92
CA MET F 142 24.12 -3.28 -8.25
C MET F 142 23.87 -3.80 -9.68
N TRP F 143 24.87 -3.68 -10.57
CA TRP F 143 24.78 -4.09 -11.96
C TRP F 143 25.79 -5.15 -12.26
N TRP F 144 25.36 -6.18 -12.97
CA TRP F 144 26.22 -7.29 -13.35
C TRP F 144 27.41 -6.75 -14.12
N GLU F 145 28.59 -7.26 -13.85
CA GLU F 145 29.80 -6.79 -14.53
C GLU F 145 30.03 -7.42 -15.93
N LYS F 146 29.62 -8.67 -16.09
CA LYS F 146 29.85 -9.40 -17.31
C LYS F 146 28.54 -9.96 -17.82
N ASP F 147 28.25 -9.70 -19.08
CA ASP F 147 27.09 -10.23 -19.76
C ASP F 147 27.59 -11.18 -20.84
N LEU F 148 27.51 -12.47 -20.57
CA LEU F 148 28.22 -13.46 -21.33
C LEU F 148 27.37 -14.33 -22.26
N LYS F 149 26.05 -14.29 -22.08
CA LYS F 149 25.14 -14.86 -23.03
C LYS F 149 23.73 -14.30 -22.75
N GLY F 150 23.00 -14.04 -23.81
CA GLY F 150 21.58 -13.68 -23.75
C GLY F 150 21.25 -12.21 -23.64
N LYS F 151 22.23 -11.36 -23.91
CA LYS F 151 21.99 -9.91 -23.91
C LYS F 151 20.77 -9.57 -24.76
N GLY F 152 19.88 -8.76 -24.20
CA GLY F 152 18.66 -8.37 -24.87
C GLY F 152 17.44 -9.20 -24.58
N ARG F 153 17.60 -10.30 -23.83
CA ARG F 153 16.47 -11.17 -23.46
C ARG F 153 15.47 -10.31 -22.64
N THR F 154 14.18 -10.40 -22.97
CA THR F 154 13.14 -9.65 -22.25
C THR F 154 12.26 -10.62 -21.48
N ILE F 155 11.35 -10.08 -20.68
CA ILE F 155 10.46 -10.95 -19.95
C ILE F 155 9.46 -11.61 -20.93
N GLU F 156 9.23 -10.98 -22.11
CA GLU F 156 8.37 -11.58 -23.12
C GLU F 156 8.92 -12.89 -23.67
N ASP F 157 10.23 -13.11 -23.55
CA ASP F 157 10.85 -14.32 -24.05
C ASP F 157 10.48 -15.56 -23.27
N GLY F 158 9.96 -15.42 -22.05
CA GLY F 158 9.41 -16.56 -21.36
C GLY F 158 9.95 -16.76 -19.97
N ALA F 159 9.38 -17.74 -19.25
CA ALA F 159 9.77 -17.95 -17.85
C ALA F 159 11.18 -18.50 -17.76
N ASN F 160 11.97 -18.00 -16.82
CA ASN F 160 13.34 -18.50 -16.59
C ASN F 160 13.48 -19.31 -15.32
N TYR F 161 14.36 -20.31 -15.41
CA TYR F 161 14.82 -21.11 -14.24
C TYR F 161 16.20 -20.52 -14.00
N ARG F 162 16.26 -19.64 -13.00
CA ARG F 162 17.42 -18.79 -12.80
C ARG F 162 18.33 -19.40 -11.75
N PHE F 163 19.47 -19.91 -12.17
CA PHE F 163 20.37 -20.60 -11.25
C PHE F 163 21.47 -19.66 -10.87
N ASN F 164 21.42 -19.18 -9.63
CA ASN F 164 22.38 -18.24 -9.10
C ASN F 164 23.40 -19.05 -8.28
N MET F 165 24.69 -18.89 -8.61
CA MET F 165 25.74 -19.70 -7.96
C MET F 165 26.88 -18.81 -7.58
N THR F 166 27.39 -18.98 -6.38
CA THR F 166 28.58 -18.27 -5.96
C THR F 166 29.69 -19.27 -5.67
N ILE F 167 30.91 -18.93 -6.07
CA ILE F 167 32.04 -19.81 -5.88
C ILE F 167 33.22 -19.06 -5.31
N GLY F 168 33.99 -19.77 -4.47
CA GLY F 168 35.20 -19.22 -3.92
C GLY F 168 36.28 -20.30 -4.02
N PHE F 169 37.40 -19.94 -4.61
CA PHE F 169 38.48 -20.90 -4.76
C PHE F 169 39.14 -21.23 -3.44
N PRO F 170 39.56 -22.49 -3.28
CA PRO F 170 40.17 -22.98 -2.05
C PRO F 170 41.46 -22.22 -1.69
N GLU F 171 41.81 -22.28 -0.41
CA GLU F 171 43.09 -21.73 0.02
C GLU F 171 44.25 -22.23 -0.83
N GLY F 172 45.14 -21.32 -1.14
CA GLY F 172 46.28 -21.64 -1.95
C GLY F 172 46.06 -21.60 -3.43
N VAL F 173 44.82 -21.46 -3.91
CA VAL F 173 44.64 -21.37 -5.33
C VAL F 173 44.77 -19.90 -5.73
N ASP F 174 45.66 -19.62 -6.67
CA ASP F 174 45.85 -18.30 -7.19
C ASP F 174 44.50 -17.80 -7.76
N LYS F 175 44.07 -16.62 -7.37
CA LYS F 175 42.73 -16.13 -7.79
C LYS F 175 42.67 -15.91 -9.32
N ALA F 176 43.76 -15.42 -9.91
CA ALA F 176 43.83 -15.21 -11.35
C ALA F 176 43.71 -16.53 -12.14
N GLU F 177 44.32 -17.57 -11.61
N GLU F 177 44.31 -17.60 -11.62
CA GLU F 177 44.23 -18.89 -12.17
CA GLU F 177 44.20 -18.91 -12.23
C GLU F 177 42.77 -19.37 -12.15
C GLU F 177 42.77 -19.46 -12.12
N GLY F 178 42.12 -19.21 -10.99
CA GLY F 178 40.74 -19.62 -10.83
C GLY F 178 39.84 -18.86 -11.81
N GLU F 179 40.07 -17.56 -11.90
CA GLU F 179 39.33 -16.69 -12.81
C GLU F 179 39.44 -17.18 -14.25
N LYS F 180 40.67 -17.44 -14.68
CA LYS F 180 40.90 -17.92 -16.03
C LYS F 180 40.20 -19.26 -16.30
N TRP F 181 40.22 -20.19 -15.35
CA TRP F 181 39.51 -21.45 -15.47
C TRP F 181 37.99 -21.23 -15.56
N LEU F 182 37.48 -20.36 -14.71
CA LEU F 182 36.06 -20.05 -14.75
C LEU F 182 35.64 -19.52 -16.13
N PHE F 183 36.36 -18.53 -16.65
CA PHE F 183 35.93 -17.84 -17.85
C PHE F 183 36.37 -18.48 -19.15
N GLU F 184 37.40 -19.32 -19.12
CA GLU F 184 37.88 -19.99 -20.32
C GLU F 184 37.55 -21.45 -20.43
N LYS F 185 37.21 -22.11 -19.33
CA LYS F 185 36.81 -23.53 -19.40
C LYS F 185 35.36 -23.74 -19.04
N VAL F 186 34.90 -23.12 -17.95
CA VAL F 186 33.52 -23.39 -17.51
C VAL F 186 32.47 -22.63 -18.31
N VAL F 187 32.63 -21.34 -18.42
CA VAL F 187 31.63 -20.50 -19.06
C VAL F 187 31.41 -20.92 -20.56
N PRO F 188 32.47 -21.28 -21.29
CA PRO F 188 32.21 -21.77 -22.68
C PRO F 188 31.23 -22.95 -22.76
N ILE F 189 31.21 -23.84 -21.76
CA ILE F 189 30.30 -24.98 -21.80
C ILE F 189 28.85 -24.45 -21.64
N LEU F 190 28.66 -23.44 -20.80
CA LEU F 190 27.37 -22.81 -20.62
C LEU F 190 26.98 -22.12 -21.91
N GLN F 191 27.91 -21.39 -22.51
CA GLN F 191 27.61 -20.63 -23.70
C GLN F 191 27.20 -21.51 -24.87
N ALA F 192 27.85 -22.66 -24.99
CA ALA F 192 27.62 -23.61 -26.09
C ALA F 192 26.24 -24.26 -26.02
N ALA F 193 25.68 -24.37 -24.82
CA ALA F 193 24.44 -25.14 -24.63
C ALA F 193 23.20 -24.37 -25.05
N PRO F 194 22.37 -24.95 -25.94
CA PRO F 194 21.17 -24.26 -26.28
C PRO F 194 20.19 -24.18 -25.09
N GLU F 195 20.36 -25.03 -24.10
CA GLU F 195 19.49 -25.08 -22.93
C GLU F 195 19.75 -23.86 -22.03
N CYS F 196 20.91 -23.25 -22.16
CA CYS F 196 21.30 -22.07 -21.35
C CYS F 196 20.99 -20.82 -22.11
N THR F 197 20.14 -19.96 -21.55
CA THR F 197 19.68 -18.79 -22.25
C THR F 197 20.34 -17.49 -21.79
N ARG F 198 21.04 -17.55 -20.68
CA ARG F 198 21.61 -16.34 -20.04
C ARG F 198 22.75 -16.72 -19.16
N VAL F 199 23.81 -15.92 -19.22
CA VAL F 199 24.94 -16.04 -18.33
C VAL F 199 25.41 -14.64 -17.96
N LEU F 200 25.39 -14.39 -16.65
CA LEU F 200 25.79 -13.11 -16.02
C LEU F 200 26.78 -13.39 -14.91
N ALA F 201 27.76 -12.51 -14.71
CA ALA F 201 28.70 -12.65 -13.63
C ALA F 201 29.22 -11.31 -13.08
N SER F 202 29.49 -11.35 -11.79
CA SER F 202 30.18 -10.26 -11.11
C SER F 202 31.23 -10.84 -10.14
N ALA F 203 32.28 -10.06 -9.92
CA ALA F 203 33.22 -10.32 -8.88
C ALA F 203 32.61 -9.88 -7.54
N VAL F 204 32.80 -10.70 -6.53
CA VAL F 204 32.41 -10.40 -5.17
C VAL F 204 33.28 -9.27 -4.61
N LYS F 205 32.63 -8.37 -3.88
CA LYS F 205 33.35 -7.24 -3.25
C LYS F 205 33.83 -7.79 -1.93
N LYS F 206 35.04 -8.31 -1.96
CA LYS F 206 35.59 -8.98 -0.81
C LYS F 206 36.08 -7.98 0.25
N ASP F 207 36.41 -6.76 -0.15
CA ASP F 207 36.82 -5.69 0.77
C ASP F 207 35.70 -5.35 1.76
N ILE F 208 34.46 -5.71 1.51
CA ILE F 208 33.36 -5.26 2.39
C ILE F 208 33.36 -6.06 3.69
N ASN F 209 33.30 -7.39 3.57
CA ASN F 209 33.10 -8.25 4.73
C ASN F 209 33.99 -9.51 4.79
N GLY F 210 34.99 -9.57 3.94
CA GLY F 210 35.89 -10.71 3.89
C GLY F 210 35.29 -12.02 3.38
N CYS F 211 34.20 -11.93 2.62
CA CYS F 211 33.51 -13.10 2.11
C CYS F 211 34.49 -14.00 1.36
N VAL F 212 34.42 -15.30 1.61
N VAL F 212 34.41 -15.30 1.64
CA VAL F 212 35.30 -16.25 0.95
CA VAL F 212 35.24 -16.29 0.99
C VAL F 212 35.00 -16.45 -0.53
C VAL F 212 35.04 -16.32 -0.53
N MET F 213 33.81 -16.03 -0.96
CA MET F 213 33.44 -16.22 -2.37
C MET F 213 34.17 -15.19 -3.21
N ASP F 214 34.42 -15.58 -4.43
CA ASP F 214 35.11 -14.79 -5.43
C ASP F 214 34.24 -14.29 -6.56
N TRP F 215 33.23 -15.08 -6.97
CA TRP F 215 32.36 -14.75 -8.10
C TRP F 215 30.96 -15.11 -7.76
N VAL F 216 30.03 -14.32 -8.28
CA VAL F 216 28.60 -14.70 -8.36
C VAL F 216 28.26 -14.80 -9.87
N LEU F 217 27.66 -15.91 -10.28
CA LEU F 217 27.16 -16.07 -11.61
C LEU F 217 25.65 -16.36 -11.55
N GLU F 218 24.96 -15.92 -12.57
CA GLU F 218 23.59 -16.36 -12.69
C GLU F 218 23.44 -16.97 -14.11
N ILE F 219 22.84 -18.13 -14.16
CA ILE F 219 22.85 -18.96 -15.35
C ILE F 219 21.41 -19.44 -15.54
N TRP F 220 20.79 -19.04 -16.65
CA TRP F 220 19.38 -19.33 -16.82
C TRP F 220 19.15 -20.49 -17.74
N PHE F 221 18.12 -21.24 -17.39
CA PHE F 221 17.63 -22.37 -18.15
C PHE F 221 16.13 -22.25 -18.32
N GLU F 222 15.55 -23.15 -19.11
CA GLU F 222 14.11 -23.19 -19.23
C GLU F 222 13.49 -23.90 -18.02
N ASN F 223 14.24 -24.87 -17.50
CA ASN F 223 13.72 -25.77 -16.49
C ASN F 223 14.82 -26.60 -15.88
N GLN F 224 14.43 -27.35 -14.87
CA GLN F 224 15.34 -28.24 -14.16
C GLN F 224 16.10 -29.22 -15.07
N SER F 225 15.39 -29.80 -16.03
CA SER F 225 16.03 -30.76 -16.97
C SER F 225 17.16 -30.10 -17.74
N GLY F 226 16.95 -28.88 -18.19
CA GLY F 226 17.99 -28.13 -18.87
C GLY F 226 19.17 -27.86 -17.99
N TRP F 227 18.88 -27.42 -16.75
CA TRP F 227 19.91 -27.22 -15.74
C TRP F 227 20.76 -28.48 -15.58
N TYR F 228 20.11 -29.62 -15.45
CA TYR F 228 20.84 -30.87 -15.23
C TYR F 228 21.69 -31.24 -16.45
N LYS F 229 21.10 -31.16 -17.64
CA LYS F 229 21.81 -31.47 -18.88
C LYS F 229 23.12 -30.71 -18.94
N VAL F 230 23.07 -29.43 -18.64
CA VAL F 230 24.26 -28.59 -18.70
C VAL F 230 25.23 -28.70 -17.51
N MET F 231 24.70 -28.52 -16.30
CA MET F 231 25.56 -28.37 -15.10
C MET F 231 26.05 -29.70 -14.60
N VAL F 232 25.36 -30.78 -14.99
CA VAL F 232 25.80 -32.14 -14.66
C VAL F 232 26.38 -32.82 -15.91
N ASP F 233 25.58 -33.07 -16.92
CA ASP F 233 26.09 -33.88 -18.05
C ASP F 233 27.14 -33.20 -18.92
N ASP F 234 26.91 -31.99 -19.37
CA ASP F 234 27.88 -31.28 -20.22
C ASP F 234 29.17 -30.98 -19.47
N MET F 235 29.09 -30.76 -18.17
CA MET F 235 30.26 -30.42 -17.36
C MET F 235 31.20 -31.61 -17.12
N LYS F 236 30.73 -32.83 -17.40
CA LYS F 236 31.58 -34.03 -17.30
C LYS F 236 32.80 -33.95 -18.22
N ALA F 237 32.74 -33.15 -19.26
CA ALA F 237 33.88 -32.91 -20.15
C ALA F 237 35.05 -32.15 -19.53
N LEU F 238 34.83 -31.43 -18.43
CA LEU F 238 35.90 -30.71 -17.82
C LEU F 238 36.91 -31.66 -17.20
N GLU F 239 38.19 -31.34 -17.31
CA GLU F 239 39.21 -32.02 -16.52
C GLU F 239 39.08 -31.63 -15.05
N LYS F 240 39.26 -32.59 -14.16
CA LYS F 240 39.30 -32.29 -12.75
C LYS F 240 40.52 -31.40 -12.38
N PRO F 241 40.31 -30.23 -11.84
CA PRO F 241 41.45 -29.40 -11.43
C PRO F 241 42.26 -30.03 -10.31
N SER F 242 43.52 -29.65 -10.20
CA SER F 242 44.36 -30.24 -9.18
C SER F 242 43.92 -29.81 -7.77
N TRP F 243 43.22 -28.67 -7.67
CA TRP F 243 42.68 -28.19 -6.38
C TRP F 243 41.27 -28.66 -6.05
N ALA F 244 40.73 -29.58 -6.83
CA ALA F 244 39.36 -30.02 -6.66
C ALA F 244 39.05 -30.56 -5.29
N GLN F 245 37.89 -30.20 -4.78
CA GLN F 245 37.43 -30.60 -3.47
C GLN F 245 36.35 -31.65 -3.57
N GLN F 246 35.87 -31.90 -4.77
CA GLN F 246 35.00 -33.03 -5.05
C GLN F 246 35.32 -33.44 -6.45
N ASP F 247 34.81 -34.59 -6.84
CA ASP F 247 35.21 -35.22 -8.08
C ASP F 247 34.65 -34.60 -9.34
N ALA F 248 33.45 -34.00 -9.27
CA ALA F 248 32.78 -33.42 -10.40
C ALA F 248 32.51 -31.94 -10.20
N PHE F 249 32.31 -31.25 -11.30
CA PHE F 249 31.96 -29.84 -11.29
C PHE F 249 30.80 -29.68 -10.28
N PRO F 250 30.88 -28.70 -9.39
CA PRO F 250 31.76 -27.54 -9.39
C PRO F 250 33.18 -27.69 -8.82
N PHE F 251 33.54 -28.90 -8.36
CA PHE F 251 34.89 -29.16 -7.86
C PHE F 251 35.22 -28.43 -6.58
N LEU F 252 34.18 -27.92 -5.92
CA LEU F 252 34.35 -27.09 -4.74
C LEU F 252 33.47 -27.63 -3.62
N LYS F 253 33.85 -27.35 -2.40
CA LYS F 253 33.22 -27.95 -1.23
C LYS F 253 31.80 -27.37 -1.05
N PRO F 254 30.78 -28.21 -1.12
CA PRO F 254 29.42 -27.68 -1.01
C PRO F 254 29.18 -26.94 0.25
N TYR F 255 28.55 -25.77 0.11
CA TYR F 255 28.17 -24.89 1.22
C TYR F 255 29.31 -24.10 1.82
N HIS F 256 30.56 -24.47 1.54
CA HIS F 256 31.72 -23.73 2.00
C HIS F 256 32.41 -22.94 0.93
N ASN F 257 32.55 -23.53 -0.23
CA ASN F 257 33.15 -22.88 -1.40
C ASN F 257 32.23 -22.75 -2.61
N VAL F 258 31.02 -23.27 -2.54
CA VAL F 258 29.99 -23.03 -3.52
C VAL F 258 28.63 -23.08 -2.84
N CYS F 259 27.79 -22.10 -3.17
CA CYS F 259 26.42 -22.08 -2.75
C CYS F 259 25.59 -21.68 -3.94
N SER F 260 24.29 -22.02 -3.95
CA SER F 260 23.49 -21.69 -5.10
C SER F 260 22.00 -21.79 -4.76
N ALA F 261 21.19 -21.33 -5.68
CA ALA F 261 19.76 -21.50 -5.66
C ALA F 261 19.22 -21.30 -7.06
N ALA F 262 18.13 -22.04 -7.36
CA ALA F 262 17.34 -21.79 -8.53
C ALA F 262 16.06 -21.09 -8.11
N VAL F 263 15.79 -20.00 -8.80
CA VAL F 263 14.66 -19.12 -8.47
C VAL F 263 13.93 -18.64 -9.69
N ALA F 264 12.71 -18.23 -9.46
CA ALA F 264 11.84 -17.66 -10.49
C ALA F 264 12.14 -16.20 -10.75
N ASP F 265 11.56 -15.68 -11.85
CA ASP F 265 11.73 -14.28 -12.18
C ASP F 265 11.11 -13.31 -11.14
N TYR F 266 10.03 -13.74 -10.53
CA TYR F 266 9.27 -12.91 -9.64
C TYR F 266 9.18 -13.49 -8.24
N THR F 267 9.20 -12.61 -7.25
CA THR F 267 8.87 -13.00 -5.91
C THR F 267 7.76 -12.11 -5.33
N PRO F 268 6.84 -12.72 -4.58
CA PRO F 268 5.87 -11.90 -3.86
C PRO F 268 6.45 -11.23 -2.62
N SER F 269 7.65 -11.65 -2.20
CA SER F 269 8.30 -11.15 -1.01
C SER F 269 9.27 -10.03 -1.31
N ASN F 270 8.68 -8.94 -1.78
CA ASN F 270 9.39 -7.68 -1.93
C ASN F 270 9.05 -6.84 -0.70
N ASN F 271 9.91 -6.98 0.32
CA ASN F 271 9.52 -6.78 1.70
C ASN F 271 9.31 -5.34 2.09
N LEU F 272 10.03 -4.40 1.49
CA LEU F 272 9.73 -2.99 1.83
C LEU F 272 8.45 -2.52 1.25
N ALA F 273 7.97 -3.14 0.16
CA ALA F 273 6.73 -2.72 -0.43
C ALA F 273 5.51 -3.50 -0.07
N ASN F 274 5.69 -4.79 0.21
CA ASN F 274 4.57 -5.72 0.21
C ASN F 274 4.21 -6.27 1.57
N TYR F 275 5.07 -6.10 2.58
CA TYR F 275 4.80 -6.69 3.92
C TYR F 275 3.75 -5.97 4.75
N ARG F 276 2.77 -6.73 5.26
CA ARG F 276 1.71 -6.19 6.06
C ARG F 276 1.53 -6.90 7.38
N GLY F 277 2.59 -7.46 7.94
CA GLY F 277 2.49 -8.17 9.17
C GLY F 277 2.25 -9.66 8.93
N TYR F 278 2.34 -10.45 10.00
CA TYR F 278 2.26 -11.90 9.82
C TYR F 278 0.79 -12.32 9.97
N ILE F 279 0.04 -12.12 8.91
CA ILE F 279 -1.38 -12.48 8.89
C ILE F 279 -1.52 -13.99 8.67
N THR F 280 -2.28 -14.68 9.53
CA THR F 280 -2.32 -16.14 9.47
C THR F 280 -3.54 -16.65 8.74
N MET F 281 -3.41 -17.78 8.09
CA MET F 281 -4.53 -18.43 7.37
C MET F 281 -5.64 -18.88 8.35
N ARG F 282 -6.88 -18.72 7.89
CA ARG F 282 -8.09 -19.01 8.65
C ARG F 282 -8.44 -20.52 8.55
C1 GOL G . -18.33 14.46 -9.48
O1 GOL G . -18.93 15.68 -9.10
C2 GOL G . -19.04 13.37 -8.73
O2 GOL G . -20.45 13.47 -9.02
C3 GOL G . -18.43 12.07 -9.21
O3 GOL G . -17.01 12.15 -9.08
CL CL H . -34.30 2.30 -38.81
CL CL I . -38.31 14.52 -22.27
C1 GOL J . 7.52 6.52 -21.64
O1 GOL J . 7.58 6.83 -20.27
C2 GOL J . 8.93 6.21 -22.12
O2 GOL J . 9.92 6.93 -21.42
C3 GOL J . 8.96 6.62 -23.54
O3 GOL J . 8.05 5.73 -24.11
CL CL K . 12.50 41.00 -29.23
CL CL L . -5.67 12.38 -34.62
CL CL M . 6.45 29.21 -39.30
CL CL N . 19.62 22.70 -35.51
C1 GOL O . -10.07 -3.66 21.16
O1 GOL O . -8.84 -3.12 20.78
C2 GOL O . -10.11 -4.08 22.60
O2 GOL O . -10.87 -5.28 22.61
C3 GOL O . -8.73 -4.28 23.17
O3 GOL O . -8.95 -5.02 24.36
CL CL P . -33.87 18.71 34.38
CL CL Q . -21.24 11.59 43.33
CL CL R . -27.66 -1.15 37.58
C1 GOL S . 6.43 21.11 13.56
O1 GOL S . 5.50 21.81 12.76
C2 GOL S . 7.06 20.06 12.69
O2 GOL S . 7.74 20.73 11.63
C3 GOL S . 5.84 19.23 12.34
O3 GOL S . 6.33 17.96 12.13
CL CL T . 27.70 16.07 40.50
CL CL U . 21.96 30.62 27.00
S SO4 V . 35.67 15.75 39.08
O1 SO4 V . 35.29 14.29 39.13
O2 SO4 V . 36.98 15.85 39.79
O3 SO4 V . 35.84 16.29 37.69
O4 SO4 V . 34.62 16.55 39.79
C1 GOL W . -5.28 -22.60 -11.33
O1 GOL W . -5.53 -22.51 -12.68
C2 GOL W . -5.87 -21.34 -10.84
O2 GOL W . -7.15 -21.69 -10.30
C3 GOL W . -4.79 -20.82 -9.90
O3 GOL W . -5.43 -20.20 -8.85
CL CL X . -11.29 -49.20 11.16
CL CL Y . -16.31 -43.04 -8.33
CL CL Z . -26.10 -40.63 0.19
CL CL AA . -3.25 -49.31 -3.79
C1 GOL BA . 17.71 -14.57 6.35
O1 GOL BA . 17.30 -13.66 5.39
C2 GOL BA . 19.23 -14.56 6.38
O2 GOL BA . 19.82 -13.45 7.07
C3 GOL BA . 19.61 -15.76 7.19
O3 GOL BA . 18.76 -15.77 8.32
CL CL CA . 38.91 -28.72 -18.64
CL CL DA . 33.24 -36.40 -4.65
CL CL EA . 39.96 -23.95 1.56
#